data_9EEC
# 
_entry.id   9EEC 
# 
_audit_conform.dict_name       mmcif_pdbx.dic 
_audit_conform.dict_version    5.403 
_audit_conform.dict_location   http://mmcif.pdb.org/dictionaries/ascii/mmcif_pdbx.dic 
# 
loop_
_database_2.database_id 
_database_2.database_code 
_database_2.pdbx_database_accession 
_database_2.pdbx_DOI 
PDB   9EEC         pdb_00009eec 10.2210/pdb9eec/pdb 
WWPDB D_1000290275 ?            ?                   
# 
loop_
_pdbx_audit_revision_history.ordinal 
_pdbx_audit_revision_history.data_content_type 
_pdbx_audit_revision_history.major_revision 
_pdbx_audit_revision_history.minor_revision 
_pdbx_audit_revision_history.revision_date 
_pdbx_audit_revision_history.part_number 
1 'Structure model' 1 0 2025-04-09 ? 
2 'Structure model' 1 1 2025-04-30 ? 
# 
_pdbx_audit_revision_details.ordinal             1 
_pdbx_audit_revision_details.revision_ordinal    1 
_pdbx_audit_revision_details.data_content_type   'Structure model' 
_pdbx_audit_revision_details.provider            repository 
_pdbx_audit_revision_details.type                'Initial release' 
_pdbx_audit_revision_details.description         ? 
_pdbx_audit_revision_details.details             ? 
# 
_pdbx_audit_revision_group.ordinal             1 
_pdbx_audit_revision_group.revision_ordinal    2 
_pdbx_audit_revision_group.data_content_type   'Structure model' 
_pdbx_audit_revision_group.group               'Database references' 
# 
loop_
_pdbx_audit_revision_category.ordinal 
_pdbx_audit_revision_category.revision_ordinal 
_pdbx_audit_revision_category.data_content_type 
_pdbx_audit_revision_category.category 
1 2 'Structure model' citation        
2 2 'Structure model' citation_author 
# 
loop_
_pdbx_audit_revision_item.ordinal 
_pdbx_audit_revision_item.revision_ordinal 
_pdbx_audit_revision_item.data_content_type 
_pdbx_audit_revision_item.item 
1 2 'Structure model' '_citation.journal_volume'          
2 2 'Structure model' '_citation.page_first'              
3 2 'Structure model' '_citation.page_last'               
4 2 'Structure model' '_citation_author.identifier_ORCID' 
# 
_pdbx_database_status.status_code                     REL 
_pdbx_database_status.status_code_sf                  REL 
_pdbx_database_status.status_code_mr                  ? 
_pdbx_database_status.entry_id                        9EEC 
_pdbx_database_status.recvd_initial_deposition_date   2024-11-18 
_pdbx_database_status.SG_entry                        N 
_pdbx_database_status.deposit_site                    RCSB 
_pdbx_database_status.process_site                    RCSB 
_pdbx_database_status.status_code_cs                  ? 
_pdbx_database_status.status_code_nmr_data            ? 
_pdbx_database_status.methods_development_category    ? 
_pdbx_database_status.pdb_format_compatible           N 
# 
_pdbx_contact_author.id                 4 
_pdbx_contact_author.email              jsnowick@uci.edu 
_pdbx_contact_author.name_first         James 
_pdbx_contact_author.name_last          Nowick 
_pdbx_contact_author.name_mi            ? 
_pdbx_contact_author.role               'principal investigator/group leader' 
_pdbx_contact_author.identifier_ORCID   0000-0002-2273-1029 
# 
loop_
_audit_author.name 
_audit_author.pdbx_ordinal 
_audit_author.identifier_ORCID 
'Kreutzer, A.G.' 1 0000-0002-9724-6298 
'Zhu, J.'        2 ?                   
'Nowick, J.S.'   3 0000-0002-2273-1029 
# 
_citation.abstract                  ? 
_citation.abstract_id_CAS           ? 
_citation.book_id_ISBN              ? 
_citation.book_publisher            ? 
_citation.book_publisher_city       ? 
_citation.book_title                ? 
_citation.coordinate_linkage        ? 
_citation.country                   UK 
_citation.database_id_Medline       ? 
_citation.details                   ? 
_citation.id                        primary 
_citation.journal_abbrev            Org.Biomol.Chem. 
_citation.journal_id_ASTM           ? 
_citation.journal_id_CSD            ? 
_citation.journal_id_ISSN           1477-0539 
_citation.journal_full              ? 
_citation.journal_issue             ? 
_citation.journal_volume            23 
_citation.language                  ? 
_citation.page_first                3881 
_citation.page_last                 3893 
_citation.title                     
'A beta-hairpin peptide derived from A beta forms different oligomers in the crystal state and in aqueous solution.' 
_citation.year                      2025 
_citation.database_id_CSD           ? 
_citation.pdbx_database_id_DOI      10.1039/d5ob00296f 
_citation.pdbx_database_id_PubMed   40130612 
_citation.pdbx_database_id_patent   ? 
_citation.unpublished_flag          ? 
# 
loop_
_citation_author.citation_id 
_citation_author.name 
_citation_author.ordinal 
_citation_author.identifier_ORCID 
primary 'Zhu, J.'        1 ? 
primary 'Kreutzer, A.G.' 2 ? 
primary 'Liu, Z.'        3 ? 
primary 'Li, X.'         4 ? 
primary 'Richter, S.M.'  5 ? 
primary 'Pophristic, V.' 6 ? 
primary 'Nowick, J.S.'   7 ? 
# 
loop_
_entity.id 
_entity.type 
_entity.src_method 
_entity.pdbx_description 
_entity.formula_weight 
_entity.pdbx_number_of_molecules 
_entity.pdbx_ec 
_entity.pdbx_mutation 
_entity.pdbx_fragment 
_entity.details 
1 polymer syn ORN-LYS-LEU-VAL-H7V-PHE-ALA-GLU-ORN-ALA-ILE-ILE-GLY-LEU-MET-VAL 1800.318 3  ? ? ? ? 
2 water   nat water                                                           18.015   15 ? ? ? ? 
# 
_entity_poly.entity_id                      1 
_entity_poly.type                           'polypeptide(L)' 
_entity_poly.nstd_linkage                   no 
_entity_poly.nstd_monomer                   yes 
_entity_poly.pdbx_seq_one_letter_code       '(ORN)KLV(H7V)FAE(ORN)AIIGLMV' 
_entity_poly.pdbx_seq_one_letter_code_can   AKLVAFAEAAIIGLMV 
_entity_poly.pdbx_strand_id                 A,B,C 
_entity_poly.pdbx_target_identifier         ? 
# 
_pdbx_entity_nonpoly.entity_id   2 
_pdbx_entity_nonpoly.name        water 
_pdbx_entity_nonpoly.comp_id     HOH 
# 
loop_
_entity_poly_seq.entity_id 
_entity_poly_seq.num 
_entity_poly_seq.mon_id 
_entity_poly_seq.hetero 
1 1  ORN n 
1 2  LYS n 
1 3  LEU n 
1 4  VAL n 
1 5  H7V n 
1 6  PHE n 
1 7  ALA n 
1 8  GLU n 
1 9  ORN n 
1 10 ALA n 
1 11 ILE n 
1 12 ILE n 
1 13 GLY n 
1 14 LEU n 
1 15 MET n 
1 16 VAL n 
# 
_pdbx_entity_src_syn.entity_id              1 
_pdbx_entity_src_syn.pdbx_src_id            1 
_pdbx_entity_src_syn.pdbx_alt_source_flag   sample 
_pdbx_entity_src_syn.pdbx_beg_seq_num       1 
_pdbx_entity_src_syn.pdbx_end_seq_num       16 
_pdbx_entity_src_syn.organism_scientific    'Homo sapiens' 
_pdbx_entity_src_syn.organism_common_name   ? 
_pdbx_entity_src_syn.ncbi_taxonomy_id       9606 
_pdbx_entity_src_syn.details                ? 
# 
loop_
_chem_comp.id 
_chem_comp.type 
_chem_comp.mon_nstd_flag 
_chem_comp.name 
_chem_comp.pdbx_synonyms 
_chem_comp.formula 
_chem_comp.formula_weight 
ALA 'L-peptide linking' y ALANINE                         ? 'C3 H7 N O2'     89.093  
GLU 'L-peptide linking' y 'GLUTAMIC ACID'                 ? 'C5 H9 N O4'     147.129 
GLY 'peptide linking'   y GLYCINE                         ? 'C2 H5 N O2'     75.067  
H7V 'L-peptide linking' n 3-cyclohexyl-N-methyl-L-alanine ? 'C10 H19 N O2'   185.263 
HOH non-polymer         . WATER                           ? 'H2 O'           18.015  
ILE 'L-peptide linking' y ISOLEUCINE                      ? 'C6 H13 N O2'    131.173 
LEU 'L-peptide linking' y LEUCINE                         ? 'C6 H13 N O2'    131.173 
LYS 'L-peptide linking' y LYSINE                          ? 'C6 H15 N2 O2 1' 147.195 
MET 'L-peptide linking' y METHIONINE                      ? 'C5 H11 N O2 S'  149.211 
ORN 'L-peptide linking' n L-ornithine                     ? 'C5 H12 N2 O2'   132.161 
PHE 'L-peptide linking' y PHENYLALANINE                   ? 'C9 H11 N O2'    165.189 
VAL 'L-peptide linking' y VALINE                          ? 'C5 H11 N O2'    117.146 
# 
loop_
_pdbx_poly_seq_scheme.asym_id 
_pdbx_poly_seq_scheme.entity_id 
_pdbx_poly_seq_scheme.seq_id 
_pdbx_poly_seq_scheme.mon_id 
_pdbx_poly_seq_scheme.ndb_seq_num 
_pdbx_poly_seq_scheme.pdb_seq_num 
_pdbx_poly_seq_scheme.auth_seq_num 
_pdbx_poly_seq_scheme.pdb_mon_id 
_pdbx_poly_seq_scheme.auth_mon_id 
_pdbx_poly_seq_scheme.pdb_strand_id 
_pdbx_poly_seq_scheme.pdb_ins_code 
_pdbx_poly_seq_scheme.hetero 
A 1 1  ORN 1  1  1  ORN ORN A . n 
A 1 2  LYS 2  2  2  LYS LYS A . n 
A 1 3  LEU 3  3  3  LEU LEU A . n 
A 1 4  VAL 4  4  4  VAL VAL A . n 
A 1 5  H7V 5  5  5  H7V XXX A . n 
A 1 6  PHE 6  6  6  PHE PHE A . n 
A 1 7  ALA 7  7  7  ALA ALA A . n 
A 1 8  GLU 8  8  8  GLU GLU A . n 
A 1 9  ORN 9  9  9  ORN ORN A . n 
A 1 10 ALA 10 10 10 ALA ALA A . n 
A 1 11 ILE 11 11 11 ILE ILE A . n 
A 1 12 ILE 12 12 12 ILE ILE A . n 
A 1 13 GLY 13 13 13 GLY GLY A . n 
A 1 14 LEU 14 14 14 LEU LEU A . n 
A 1 15 MET 15 15 15 MET MET A . n 
A 1 16 VAL 16 16 16 VAL VAL A . n 
B 1 1  ORN 1  1  1  ORN ORN B . n 
B 1 2  LYS 2  2  2  LYS LYS B . n 
B 1 3  LEU 3  3  3  LEU LEU B . n 
B 1 4  VAL 4  4  4  VAL VAL B . n 
B 1 5  H7V 5  5  5  H7V XXX B . n 
B 1 6  PHE 6  6  6  PHE PHE B . n 
B 1 7  ALA 7  7  7  ALA ALA B . n 
B 1 8  GLU 8  8  8  GLU GLU B . n 
B 1 9  ORN 9  9  9  ORN ORN B . n 
B 1 10 ALA 10 10 10 ALA ALA B . n 
B 1 11 ILE 11 11 11 ILE ILE B . n 
B 1 12 ILE 12 12 12 ILE ILE B . n 
B 1 13 GLY 13 13 13 GLY GLY B . n 
B 1 14 LEU 14 14 14 LEU LEU B . n 
B 1 15 MET 15 15 15 MET MET B . n 
B 1 16 VAL 16 16 16 VAL VAL B . n 
C 1 1  ORN 1  1  1  ORN ORN C . n 
C 1 2  LYS 2  2  2  LYS LYS C . n 
C 1 3  LEU 3  3  3  LEU LEU C . n 
C 1 4  VAL 4  4  4  VAL VAL C . n 
C 1 5  H7V 5  5  5  H7V XXX C . n 
C 1 6  PHE 6  6  6  PHE PHE C . n 
C 1 7  ALA 7  7  7  ALA ALA C . n 
C 1 8  GLU 8  8  8  GLU GLU C . n 
C 1 9  ORN 9  9  9  ORN ORN C . n 
C 1 10 ALA 10 10 10 ALA ALA C . n 
C 1 11 ILE 11 11 11 ILE ILE C . n 
C 1 12 ILE 12 12 12 ILE ILE C . n 
C 1 13 GLY 13 13 13 GLY GLY C . n 
C 1 14 LEU 14 14 14 LEU LEU C . n 
C 1 15 MET 15 15 15 MET MET C . n 
C 1 16 VAL 16 16 16 VAL VAL C . n 
# 
loop_
_pdbx_nonpoly_scheme.asym_id 
_pdbx_nonpoly_scheme.entity_id 
_pdbx_nonpoly_scheme.mon_id 
_pdbx_nonpoly_scheme.ndb_seq_num 
_pdbx_nonpoly_scheme.pdb_seq_num 
_pdbx_nonpoly_scheme.auth_seq_num 
_pdbx_nonpoly_scheme.pdb_mon_id 
_pdbx_nonpoly_scheme.auth_mon_id 
_pdbx_nonpoly_scheme.pdb_strand_id 
_pdbx_nonpoly_scheme.pdb_ins_code 
D 2 HOH 1 101 10 HOH HOH A . 
D 2 HOH 2 102 1  HOH HOH A . 
D 2 HOH 3 103 14 HOH HOH A . 
D 2 HOH 4 104 11 HOH HOH A . 
D 2 HOH 5 105 13 HOH HOH A . 
E 2 HOH 1 101 5  HOH HOH B . 
E 2 HOH 2 102 3  HOH HOH B . 
E 2 HOH 3 103 12 HOH HOH B . 
E 2 HOH 4 104 7  HOH HOH B . 
E 2 HOH 5 105 4  HOH HOH B . 
F 2 HOH 1 101 9  HOH HOH C . 
F 2 HOH 2 102 6  HOH HOH C . 
F 2 HOH 3 103 2  HOH HOH C . 
F 2 HOH 4 104 8  HOH HOH C . 
F 2 HOH 5 105 15 HOH HOH C . 
# 
loop_
_software.citation_id 
_software.classification 
_software.compiler_name 
_software.compiler_version 
_software.contact_author 
_software.contact_author_email 
_software.date 
_software.description 
_software.dependencies 
_software.hardware 
_software.language 
_software.location 
_software.mods 
_software.name 
_software.os 
_software.os_version 
_software.type 
_software.version 
_software.pdbx_ordinal 
? refinement       ? ? ? ? ? ? ? ? ? ? ? PHENIX  ? ? ? '(1.20.1_4487: ???)' 1 
? 'data reduction' ? ? ? ? ? ? ? ? ? ? ? XDS     ? ? ? .                    2 
? 'data scaling'   ? ? ? ? ? ? ? ? ? ? ? Aimless ? ? ? .                    3 
? phasing          ? ? ? ? ? ? ? ? ? ? ? PHENIX  ? ? ? .                    4 
# 
_cell.angle_alpha                  90.00 
_cell.angle_alpha_esd              ? 
_cell.angle_beta                   90.00 
_cell.angle_beta_esd               ? 
_cell.angle_gamma                  90.00 
_cell.angle_gamma_esd              ? 
_cell.entry_id                     9EEC 
_cell.details                      ? 
_cell.formula_units_Z              ? 
_cell.length_a                     67.511 
_cell.length_a_esd                 ? 
_cell.length_b                     67.511 
_cell.length_b_esd                 ? 
_cell.length_c                     67.511 
_cell.length_c_esd                 ? 
_cell.volume                       ? 
_cell.volume_esd                   ? 
_cell.Z_PDB                        72 
_cell.reciprocal_angle_alpha       ? 
_cell.reciprocal_angle_beta        ? 
_cell.reciprocal_angle_gamma       ? 
_cell.reciprocal_angle_alpha_esd   ? 
_cell.reciprocal_angle_beta_esd    ? 
_cell.reciprocal_angle_gamma_esd   ? 
_cell.reciprocal_length_a          ? 
_cell.reciprocal_length_b          ? 
_cell.reciprocal_length_c          ? 
_cell.reciprocal_length_a_esd      ? 
_cell.reciprocal_length_b_esd      ? 
_cell.reciprocal_length_c_esd      ? 
_cell.pdbx_unique_axis             ? 
_cell.pdbx_esd_method              ? 
# 
_symmetry.entry_id                         9EEC 
_symmetry.cell_setting                     ? 
_symmetry.Int_Tables_number                207 
_symmetry.space_group_name_Hall            ? 
_symmetry.space_group_name_H-M             'P 4 3 2' 
_symmetry.pdbx_full_space_group_name_H-M   ? 
# 
_exptl.absorpt_coefficient_mu     ? 
_exptl.absorpt_correction_T_max   ? 
_exptl.absorpt_correction_T_min   ? 
_exptl.absorpt_correction_type    ? 
_exptl.absorpt_process_details    ? 
_exptl.entry_id                   9EEC 
_exptl.crystals_number            1 
_exptl.details                    ? 
_exptl.method                     'X-RAY DIFFRACTION' 
_exptl.method_details             ? 
# 
_exptl_crystal.colour                       ? 
_exptl_crystal.density_diffrn               ? 
_exptl_crystal.density_Matthews             2.37 
_exptl_crystal.density_method               ? 
_exptl_crystal.density_percent_sol          48.18 
_exptl_crystal.description                  ? 
_exptl_crystal.F_000                        ? 
_exptl_crystal.id                           1 
_exptl_crystal.preparation                  ? 
_exptl_crystal.size_max                     ? 
_exptl_crystal.size_mid                     ? 
_exptl_crystal.size_min                     ? 
_exptl_crystal.size_rad                     ? 
_exptl_crystal.colour_lustre                ? 
_exptl_crystal.colour_modifier              ? 
_exptl_crystal.colour_primary               ? 
_exptl_crystal.density_meas                 ? 
_exptl_crystal.density_meas_esd             ? 
_exptl_crystal.density_meas_gt              ? 
_exptl_crystal.density_meas_lt              ? 
_exptl_crystal.density_meas_temp            ? 
_exptl_crystal.density_meas_temp_esd        ? 
_exptl_crystal.density_meas_temp_gt         ? 
_exptl_crystal.density_meas_temp_lt         ? 
_exptl_crystal.pdbx_crystal_image_url       ? 
_exptl_crystal.pdbx_crystal_image_format    ? 
_exptl_crystal.pdbx_mosaicity               ? 
_exptl_crystal.pdbx_mosaicity_esd           ? 
_exptl_crystal.pdbx_mosaic_method           ? 
_exptl_crystal.pdbx_mosaic_block_size       ? 
_exptl_crystal.pdbx_mosaic_block_size_esd   ? 
# 
_exptl_crystal_grow.apparatus       ? 
_exptl_crystal_grow.atmosphere      ? 
_exptl_crystal_grow.crystal_id      1 
_exptl_crystal_grow.details         ? 
_exptl_crystal_grow.method          'VAPOR DIFFUSION, HANGING DROP' 
_exptl_crystal_grow.method_ref      ? 
_exptl_crystal_grow.pH              ? 
_exptl_crystal_grow.pressure        ? 
_exptl_crystal_grow.pressure_esd    ? 
_exptl_crystal_grow.seeding         ? 
_exptl_crystal_grow.seeding_ref     ? 
_exptl_crystal_grow.temp_details    ? 
_exptl_crystal_grow.temp_esd        ? 
_exptl_crystal_grow.time            ? 
_exptl_crystal_grow.pdbx_details    '0.1 M HEPES buffer, 0.25 M magnesium chloride, isopropanol' 
_exptl_crystal_grow.pdbx_pH_range   ? 
_exptl_crystal_grow.temp            296 
# 
_diffrn.ambient_environment              ? 
_diffrn.ambient_temp                     115 
_diffrn.ambient_temp_details             ? 
_diffrn.ambient_temp_esd                 ? 
_diffrn.crystal_id                       1 
_diffrn.crystal_support                  ? 
_diffrn.crystal_treatment                ? 
_diffrn.details                          ? 
_diffrn.id                               1 
_diffrn.ambient_pressure                 ? 
_diffrn.ambient_pressure_esd             ? 
_diffrn.ambient_pressure_gt              ? 
_diffrn.ambient_pressure_lt              ? 
_diffrn.ambient_temp_gt                  ? 
_diffrn.ambient_temp_lt                  ? 
_diffrn.pdbx_serial_crystal_experiment   N 
# 
_diffrn_detector.details                      ? 
_diffrn_detector.detector                     PIXEL 
_diffrn_detector.diffrn_id                    1 
_diffrn_detector.type                         'DECTRIS PILATUS 6M' 
_diffrn_detector.area_resol_mean              ? 
_diffrn_detector.dtime                        ? 
_diffrn_detector.pdbx_frames_total            ? 
_diffrn_detector.pdbx_collection_time_total   ? 
_diffrn_detector.pdbx_collection_date         2023-03-11 
_diffrn_detector.pdbx_frequency               ? 
_diffrn_detector.id                           ? 
_diffrn_detector.number_of_axes               ? 
# 
_diffrn_radiation.collimation                      ? 
_diffrn_radiation.diffrn_id                        1 
_diffrn_radiation.filter_edge                      ? 
_diffrn_radiation.inhomogeneity                    ? 
_diffrn_radiation.monochromator                    ? 
_diffrn_radiation.polarisn_norm                    ? 
_diffrn_radiation.polarisn_ratio                   ? 
_diffrn_radiation.probe                            ? 
_diffrn_radiation.type                             ? 
_diffrn_radiation.xray_symbol                      ? 
_diffrn_radiation.wavelength_id                    1 
_diffrn_radiation.pdbx_monochromatic_or_laue_m_l   M 
_diffrn_radiation.pdbx_wavelength_list             ? 
_diffrn_radiation.pdbx_wavelength                  ? 
_diffrn_radiation.pdbx_diffrn_protocol             'SINGLE WAVELENGTH' 
_diffrn_radiation.pdbx_analyzer                    ? 
_diffrn_radiation.pdbx_scattering_type             x-ray 
# 
_diffrn_radiation_wavelength.id           1 
_diffrn_radiation_wavelength.wavelength   1.0 
_diffrn_radiation_wavelength.wt           1.0 
# 
_diffrn_source.current                     ? 
_diffrn_source.details                     ? 
_diffrn_source.diffrn_id                   1 
_diffrn_source.power                       ? 
_diffrn_source.size                        ? 
_diffrn_source.source                      SYNCHROTRON 
_diffrn_source.target                      ? 
_diffrn_source.type                        'ALS BEAMLINE 5.0.2' 
_diffrn_source.voltage                     ? 
_diffrn_source.take-off_angle              ? 
_diffrn_source.pdbx_wavelength_list        1.0 
_diffrn_source.pdbx_wavelength             ? 
_diffrn_source.pdbx_synchrotron_beamline   5.0.2 
_diffrn_source.pdbx_synchrotron_site       ALS 
# 
_reflns.B_iso_Wilson_estimate                          ? 
_reflns.entry_id                                       9EEC 
_reflns.data_reduction_details                         ? 
_reflns.data_reduction_method                          ? 
_reflns.d_resolution_high                              1.58 
_reflns.d_resolution_low                               38.98 
_reflns.details                                        ? 
_reflns.limit_h_max                                    ? 
_reflns.limit_h_min                                    ? 
_reflns.limit_k_max                                    ? 
_reflns.limit_k_min                                    ? 
_reflns.limit_l_max                                    ? 
_reflns.limit_l_min                                    ? 
_reflns.number_all                                     ? 
_reflns.number_obs                                     13661 
_reflns.observed_criterion                             ? 
_reflns.observed_criterion_F_max                       ? 
_reflns.observed_criterion_F_min                       ? 
_reflns.observed_criterion_I_max                       ? 
_reflns.observed_criterion_I_min                       ? 
_reflns.observed_criterion_sigma_F                     ? 
_reflns.observed_criterion_sigma_I                     ? 
_reflns.percent_possible_obs                           99.95 
_reflns.R_free_details                                 ? 
_reflns.Rmerge_F_all                                   ? 
_reflns.Rmerge_F_obs                                   ? 
_reflns.Friedel_coverage                               ? 
_reflns.number_gt                                      ? 
_reflns.threshold_expression                           ? 
_reflns.pdbx_redundancy                                62.6 
_reflns.pdbx_netI_over_av_sigmaI                       ? 
_reflns.pdbx_netI_over_sigmaI                          33.09 
_reflns.pdbx_res_netI_over_av_sigmaI_2                 ? 
_reflns.pdbx_res_netI_over_sigmaI_2                    ? 
_reflns.pdbx_chi_squared                               ? 
_reflns.pdbx_scaling_rejects                           ? 
_reflns.pdbx_d_res_high_opt                            ? 
_reflns.pdbx_d_res_low_opt                             ? 
_reflns.pdbx_d_res_opt_method                          ? 
_reflns.phase_calculation_details                      ? 
_reflns.pdbx_Rrim_I_all                                ? 
_reflns.pdbx_Rpim_I_all                                ? 
_reflns.pdbx_d_opt                                     ? 
_reflns.pdbx_number_measured_all                       ? 
_reflns.pdbx_diffrn_id                                 1 
_reflns.pdbx_ordinal                                   1 
_reflns.pdbx_CC_half                                   ? 
_reflns.pdbx_CC_star                                   ? 
_reflns.pdbx_R_split                                   ? 
_reflns.pdbx_Rmerge_I_obs                              0.05796 
_reflns.pdbx_Rmerge_I_all                              ? 
_reflns.pdbx_Rsym_value                                ? 
_reflns.pdbx_CC_split_method                           ? 
_reflns.pdbx_aniso_diffraction_limit_axis_1_ortho[1]   ? 
_reflns.pdbx_aniso_diffraction_limit_axis_1_ortho[2]   ? 
_reflns.pdbx_aniso_diffraction_limit_axis_1_ortho[3]   ? 
_reflns.pdbx_aniso_diffraction_limit_axis_2_ortho[1]   ? 
_reflns.pdbx_aniso_diffraction_limit_axis_2_ortho[2]   ? 
_reflns.pdbx_aniso_diffraction_limit_axis_2_ortho[3]   ? 
_reflns.pdbx_aniso_diffraction_limit_axis_3_ortho[1]   ? 
_reflns.pdbx_aniso_diffraction_limit_axis_3_ortho[2]   ? 
_reflns.pdbx_aniso_diffraction_limit_axis_3_ortho[3]   ? 
_reflns.pdbx_aniso_diffraction_limit_1                 ? 
_reflns.pdbx_aniso_diffraction_limit_2                 ? 
_reflns.pdbx_aniso_diffraction_limit_3                 ? 
_reflns.pdbx_aniso_B_tensor_eigenvector_1_ortho[1]     ? 
_reflns.pdbx_aniso_B_tensor_eigenvector_1_ortho[2]     ? 
_reflns.pdbx_aniso_B_tensor_eigenvector_1_ortho[3]     ? 
_reflns.pdbx_aniso_B_tensor_eigenvector_2_ortho[1]     ? 
_reflns.pdbx_aniso_B_tensor_eigenvector_2_ortho[2]     ? 
_reflns.pdbx_aniso_B_tensor_eigenvector_2_ortho[3]     ? 
_reflns.pdbx_aniso_B_tensor_eigenvector_3_ortho[1]     ? 
_reflns.pdbx_aniso_B_tensor_eigenvector_3_ortho[2]     ? 
_reflns.pdbx_aniso_B_tensor_eigenvector_3_ortho[3]     ? 
_reflns.pdbx_aniso_B_tensor_eigenvalue_1               ? 
_reflns.pdbx_aniso_B_tensor_eigenvalue_2               ? 
_reflns.pdbx_aniso_B_tensor_eigenvalue_3               ? 
_reflns.pdbx_orthogonalization_convention              ? 
_reflns.pdbx_percent_possible_ellipsoidal              ? 
_reflns.pdbx_percent_possible_spherical                ? 
_reflns.pdbx_percent_possible_ellipsoidal_anomalous    ? 
_reflns.pdbx_percent_possible_spherical_anomalous      ? 
_reflns.pdbx_redundancy_anomalous                      ? 
_reflns.pdbx_CC_half_anomalous                         ? 
_reflns.pdbx_absDiff_over_sigma_anomalous              ? 
_reflns.pdbx_percent_possible_anomalous                ? 
_reflns.pdbx_observed_signal_threshold                 ? 
_reflns.pdbx_signal_type                               ? 
_reflns.pdbx_signal_details                            ? 
_reflns.pdbx_signal_software_id                        ? 
# 
_reflns_shell.d_res_high                                    1.58 
_reflns_shell.d_res_low                                     1.64 
_reflns_shell.meanI_over_sigI_all                           ? 
_reflns_shell.meanI_over_sigI_obs                           ? 
_reflns_shell.number_measured_all                           ? 
_reflns_shell.number_measured_obs                           ? 
_reflns_shell.number_possible                               ? 
_reflns_shell.number_unique_all                             ? 
_reflns_shell.number_unique_obs                             287 
_reflns_shell.percent_possible_obs                          ? 
_reflns_shell.Rmerge_F_all                                  ? 
_reflns_shell.Rmerge_F_obs                                  ? 
_reflns_shell.meanI_over_sigI_gt                            ? 
_reflns_shell.meanI_over_uI_all                             ? 
_reflns_shell.meanI_over_uI_gt                              ? 
_reflns_shell.number_measured_gt                            ? 
_reflns_shell.number_unique_gt                              ? 
_reflns_shell.percent_possible_gt                           ? 
_reflns_shell.Rmerge_F_gt                                   ? 
_reflns_shell.Rmerge_I_gt                                   ? 
_reflns_shell.pdbx_redundancy                               ? 
_reflns_shell.pdbx_chi_squared                              ? 
_reflns_shell.pdbx_netI_over_sigmaI_all                     ? 
_reflns_shell.pdbx_netI_over_sigmaI_obs                     ? 
_reflns_shell.pdbx_Rrim_I_all                               ? 
_reflns_shell.pdbx_Rpim_I_all                               ? 
_reflns_shell.pdbx_rejects                                  ? 
_reflns_shell.pdbx_ordinal                                  1 
_reflns_shell.pdbx_diffrn_id                                1 
_reflns_shell.pdbx_CC_half                                  0.0818 
_reflns_shell.pdbx_CC_star                                  ? 
_reflns_shell.pdbx_R_split                                  ? 
_reflns_shell.percent_possible_all                          ? 
_reflns_shell.Rmerge_I_all                                  ? 
_reflns_shell.Rmerge_I_obs                                  ? 
_reflns_shell.pdbx_Rsym_value                               ? 
_reflns_shell.pdbx_percent_possible_ellipsoidal             ? 
_reflns_shell.pdbx_percent_possible_spherical               ? 
_reflns_shell.pdbx_percent_possible_ellipsoidal_anomalous   ? 
_reflns_shell.pdbx_percent_possible_spherical_anomalous     ? 
_reflns_shell.pdbx_redundancy_anomalous                     ? 
_reflns_shell.pdbx_CC_half_anomalous                        ? 
_reflns_shell.pdbx_absDiff_over_sigma_anomalous             ? 
_reflns_shell.pdbx_percent_possible_anomalous               ? 
# 
_refine.aniso_B[1][1]                            ? 
_refine.aniso_B[1][2]                            ? 
_refine.aniso_B[1][3]                            ? 
_refine.aniso_B[2][2]                            ? 
_refine.aniso_B[2][3]                            ? 
_refine.aniso_B[3][3]                            ? 
_refine.B_iso_max                                ? 
_refine.B_iso_mean                               ? 
_refine.B_iso_min                                ? 
_refine.correlation_coeff_Fo_to_Fc               ? 
_refine.correlation_coeff_Fo_to_Fc_free          ? 
_refine.details                                  ? 
_refine.diff_density_max                         ? 
_refine.diff_density_max_esd                     ? 
_refine.diff_density_min                         ? 
_refine.diff_density_min_esd                     ? 
_refine.diff_density_rms                         ? 
_refine.diff_density_rms_esd                     ? 
_refine.entry_id                                 9EEC 
_refine.pdbx_refine_id                           'X-RAY DIFFRACTION' 
_refine.ls_abs_structure_details                 ? 
_refine.ls_abs_structure_Flack                   ? 
_refine.ls_abs_structure_Flack_esd               ? 
_refine.ls_abs_structure_Rogers                  ? 
_refine.ls_abs_structure_Rogers_esd              ? 
_refine.ls_d_res_high                            1.58 
_refine.ls_d_res_low                             38.98 
_refine.ls_extinction_coef                       ? 
_refine.ls_extinction_coef_esd                   ? 
_refine.ls_extinction_expression                 ? 
_refine.ls_extinction_method                     ? 
_refine.ls_goodness_of_fit_all                   ? 
_refine.ls_goodness_of_fit_all_esd               ? 
_refine.ls_goodness_of_fit_obs                   ? 
_refine.ls_goodness_of_fit_obs_esd               ? 
_refine.ls_hydrogen_treatment                    ? 
_refine.ls_matrix_type                           ? 
_refine.ls_number_constraints                    ? 
_refine.ls_number_parameters                     ? 
_refine.ls_number_reflns_all                     ? 
_refine.ls_number_reflns_obs                     13661 
_refine.ls_number_reflns_R_free                  1358 
_refine.ls_number_reflns_R_work                  ? 
_refine.ls_number_restraints                     ? 
_refine.ls_percent_reflns_obs                    99.99 
_refine.ls_percent_reflns_R_free                 9.94 
_refine.ls_R_factor_all                          ? 
_refine.ls_R_factor_obs                          0.2125 
_refine.ls_R_factor_R_free                       0.2250 
_refine.ls_R_factor_R_free_error                 ? 
_refine.ls_R_factor_R_free_error_details         ? 
_refine.ls_R_factor_R_work                       0.2110 
_refine.ls_R_Fsqd_factor_obs                     ? 
_refine.ls_R_I_factor_obs                        ? 
_refine.ls_redundancy_reflns_all                 ? 
_refine.ls_redundancy_reflns_obs                 ? 
_refine.ls_restrained_S_all                      ? 
_refine.ls_restrained_S_obs                      ? 
_refine.ls_shift_over_esd_max                    ? 
_refine.ls_shift_over_esd_mean                   ? 
_refine.ls_structure_factor_coef                 ? 
_refine.ls_weighting_details                     ? 
_refine.ls_weighting_scheme                      ? 
_refine.ls_wR_factor_all                         ? 
_refine.ls_wR_factor_obs                         ? 
_refine.ls_wR_factor_R_free                      ? 
_refine.ls_wR_factor_R_work                      ? 
_refine.occupancy_max                            ? 
_refine.occupancy_min                            ? 
_refine.solvent_model_details                    'FLAT BULK SOLVENT MODEL' 
_refine.solvent_model_param_bsol                 ? 
_refine.solvent_model_param_ksol                 ? 
_refine.pdbx_R_complete                          ? 
_refine.ls_R_factor_gt                           ? 
_refine.ls_goodness_of_fit_gt                    ? 
_refine.ls_goodness_of_fit_ref                   ? 
_refine.ls_shift_over_su_max                     ? 
_refine.ls_shift_over_su_max_lt                  ? 
_refine.ls_shift_over_su_mean                    ? 
_refine.ls_shift_over_su_mean_lt                 ? 
_refine.pdbx_ls_sigma_I                          ? 
_refine.pdbx_ls_sigma_F                          1.34 
_refine.pdbx_ls_sigma_Fsqd                       ? 
_refine.pdbx_data_cutoff_high_absF               ? 
_refine.pdbx_data_cutoff_high_rms_absF           ? 
_refine.pdbx_data_cutoff_low_absF                ? 
_refine.pdbx_isotropic_thermal_model             ? 
_refine.pdbx_ls_cross_valid_method               'FREE R-VALUE' 
_refine.pdbx_method_to_determine_struct          'MOLECULAR REPLACEMENT' 
_refine.pdbx_starting_model                      ? 
_refine.pdbx_stereochemistry_target_values       ML 
_refine.pdbx_R_Free_selection_details            ? 
_refine.pdbx_stereochem_target_val_spec_case     ? 
_refine.pdbx_overall_ESU_R                       ? 
_refine.pdbx_overall_ESU_R_Free                  ? 
_refine.pdbx_solvent_vdw_probe_radii             1.10 
_refine.pdbx_solvent_ion_probe_radii             ? 
_refine.pdbx_solvent_shrinkage_radii             0.90 
_refine.pdbx_real_space_R                        ? 
_refine.pdbx_density_correlation                 ? 
_refine.pdbx_pd_number_of_powder_patterns        ? 
_refine.pdbx_pd_number_of_points                 ? 
_refine.pdbx_pd_meas_number_of_points            ? 
_refine.pdbx_pd_proc_ls_prof_R_factor            ? 
_refine.pdbx_pd_proc_ls_prof_wR_factor           ? 
_refine.pdbx_pd_Marquardt_correlation_coeff      ? 
_refine.pdbx_pd_Fsqrd_R_factor                   ? 
_refine.pdbx_pd_ls_matrix_band_width             ? 
_refine.pdbx_overall_phase_error                 32.46 
_refine.pdbx_overall_SU_R_free_Cruickshank_DPI   ? 
_refine.pdbx_overall_SU_R_free_Blow_DPI          ? 
_refine.pdbx_overall_SU_R_Blow_DPI               ? 
_refine.pdbx_TLS_residual_ADP_flag               ? 
_refine.pdbx_diffrn_id                           1 
_refine.overall_SU_B                             ? 
_refine.overall_SU_ML                            0.24 
_refine.overall_SU_R_Cruickshank_DPI             ? 
_refine.overall_SU_R_free                        ? 
_refine.overall_FOM_free_R_set                   ? 
_refine.overall_FOM_work_R_set                   ? 
_refine.pdbx_average_fsc_overall                 ? 
_refine.pdbx_average_fsc_work                    ? 
_refine.pdbx_average_fsc_free                    ? 
# 
_refine_hist.pdbx_refine_id                   'X-RAY DIFFRACTION' 
_refine_hist.cycle_id                         LAST 
_refine_hist.pdbx_number_atoms_protein        375 
_refine_hist.pdbx_number_atoms_nucleic_acid   0 
_refine_hist.pdbx_number_atoms_ligand         0 
_refine_hist.number_atoms_solvent             15 
_refine_hist.number_atoms_total               390 
_refine_hist.d_res_high                       1.58 
_refine_hist.d_res_low                        38.98 
# 
loop_
_refine_ls_restr.pdbx_refine_id 
_refine_ls_restr.criterion 
_refine_ls_restr.dev_ideal 
_refine_ls_restr.dev_ideal_target 
_refine_ls_restr.number 
_refine_ls_restr.rejects 
_refine_ls_restr.type 
_refine_ls_restr.weight 
_refine_ls_restr.pdbx_restraint_function 
'X-RAY DIFFRACTION' ? 0.018  ? ?   ? f_bond_d           ? ? 
'X-RAY DIFFRACTION' ? 2.302  ? ?   ? f_angle_d          ? ? 
'X-RAY DIFFRACTION' ? 39.009 ? 117 ? f_dihedral_angle_d ? ? 
'X-RAY DIFFRACTION' ? 0.176  ? 66  ? f_chiral_restr     ? ? 
'X-RAY DIFFRACTION' ? 0.011  ? 51  ? f_plane_restr      ? ? 
# 
loop_
_refine_ls_shell.pdbx_refine_id 
_refine_ls_shell.d_res_high 
_refine_ls_shell.d_res_low 
_refine_ls_shell.number_reflns_all 
_refine_ls_shell.number_reflns_obs 
_refine_ls_shell.number_reflns_R_free 
_refine_ls_shell.number_reflns_R_work 
_refine_ls_shell.percent_reflns_obs 
_refine_ls_shell.percent_reflns_R_free 
_refine_ls_shell.R_factor_all 
_refine_ls_shell.R_factor_obs 
_refine_ls_shell.R_factor_R_free_error 
_refine_ls_shell.R_factor_R_work 
_refine_ls_shell.redundancy_reflns_all 
_refine_ls_shell.redundancy_reflns_obs 
_refine_ls_shell.wR_factor_all 
_refine_ls_shell.wR_factor_obs 
_refine_ls_shell.wR_factor_R_free 
_refine_ls_shell.wR_factor_R_work 
_refine_ls_shell.pdbx_R_complete 
_refine_ls_shell.pdbx_total_number_of_bins_used 
_refine_ls_shell.pdbx_phase_error 
_refine_ls_shell.pdbx_fsc_work 
_refine_ls_shell.pdbx_fsc_free 
_refine_ls_shell.R_factor_R_free 
'X-RAY DIFFRACTION' 1.58 1.64  . . 135 1209 100.00 . . . . 0.3321 . . . . . . . . . . . 0.3454 
'X-RAY DIFFRACTION' 1.64 1.70  . . 136 1246 100.00 . . . . 0.3073 . . . . . . . . . . . 0.3500 
'X-RAY DIFFRACTION' 1.70 1.78  . . 138 1226 100.00 . . . . 0.3233 . . . . . . . . . . . 0.3079 
'X-RAY DIFFRACTION' 1.78 1.87  . . 138 1226 100.00 . . . . 0.2449 . . . . . . . . . . . 0.2730 
'X-RAY DIFFRACTION' 1.87 1.99  . . 135 1232 100.00 . . . . 0.2761 . . . . . . . . . . . 0.3365 
'X-RAY DIFFRACTION' 1.99 2.14  . . 127 1210 100.00 . . . . 0.2313 . . . . . . . . . . . 0.3085 
'X-RAY DIFFRACTION' 2.15 2.36  . . 138 1256 100.00 . . . . 0.2433 . . . . . . . . . . . 0.2660 
'X-RAY DIFFRACTION' 2.36 2.70  . . 132 1232 100.00 . . . . 0.2495 . . . . . . . . . . . 0.2947 
'X-RAY DIFFRACTION' 2.71 3.40  . . 138 1221 100.00 . . . . 0.2036 . . . . . . . . . . . 0.1985 
'X-RAY DIFFRACTION' 3.41 38.98 . . 141 1245 100.00 . . . . 0.1756 . . . . . . . . . . . 0.1825 
# 
_struct.entry_id                     9EEC 
_struct.title                        
;X-ray crystallographic structure of a beta-hairpin peptide mimic derived from Abeta 16-36 ORN-LYS-LEU-VAL-H7V-PHE-ALA-GLU-ORN-ALA-ILE-ILE-GLY-LEU-MET-VAL
;
_struct.pdbx_model_details           ? 
_struct.pdbx_formula_weight          ? 
_struct.pdbx_formula_weight_method   ? 
_struct.pdbx_model_type_details      ? 
_struct.pdbx_CASP_flag               N 
# 
_struct_keywords.entry_id        9EEC 
_struct_keywords.text            
;Alzheimer's disease, oligomer, hairpin, hexamer, trimer, DE NOVO PROTEIN
;
_struct_keywords.pdbx_keywords   'DE NOVO PROTEIN' 
# 
loop_
_struct_asym.id 
_struct_asym.pdbx_blank_PDB_chainid_flag 
_struct_asym.pdbx_modified 
_struct_asym.entity_id 
_struct_asym.details 
A N N 1 ? 
B N N 1 ? 
C N N 1 ? 
D N N 2 ? 
E N N 2 ? 
F N N 2 ? 
# 
_struct_ref.id                         1 
_struct_ref.db_name                    PDB 
_struct_ref.db_code                    9EEC 
_struct_ref.pdbx_db_accession          9EEC 
_struct_ref.pdbx_db_isoform            ? 
_struct_ref.entity_id                  1 
_struct_ref.pdbx_seq_one_letter_code   ? 
_struct_ref.pdbx_align_begin           1 
# 
loop_
_struct_ref_seq.align_id 
_struct_ref_seq.ref_id 
_struct_ref_seq.pdbx_PDB_id_code 
_struct_ref_seq.pdbx_strand_id 
_struct_ref_seq.seq_align_beg 
_struct_ref_seq.pdbx_seq_align_beg_ins_code 
_struct_ref_seq.seq_align_end 
_struct_ref_seq.pdbx_seq_align_end_ins_code 
_struct_ref_seq.pdbx_db_accession 
_struct_ref_seq.db_align_beg 
_struct_ref_seq.pdbx_db_align_beg_ins_code 
_struct_ref_seq.db_align_end 
_struct_ref_seq.pdbx_db_align_end_ins_code 
_struct_ref_seq.pdbx_auth_seq_align_beg 
_struct_ref_seq.pdbx_auth_seq_align_end 
1 1 9EEC A 1 ? 16 ? 9EEC 1 ? 16 ? 1 16 
2 1 9EEC B 1 ? 16 ? 9EEC 1 ? 16 ? 1 16 
3 1 9EEC C 1 ? 16 ? 9EEC 1 ? 16 ? 1 16 
# 
_pdbx_struct_assembly.id                   1 
_pdbx_struct_assembly.details              author_and_software_defined_assembly 
_pdbx_struct_assembly.method_details       ? 
_pdbx_struct_assembly.oligomeric_details   trimeric 
_pdbx_struct_assembly.oligomeric_count     3 
# 
_pdbx_struct_assembly_gen.assembly_id       1 
_pdbx_struct_assembly_gen.oper_expression   1 
_pdbx_struct_assembly_gen.asym_id_list      A,B,C,D,E,F 
# 
_pdbx_struct_assembly_auth_evidence.id                     1 
_pdbx_struct_assembly_auth_evidence.assembly_id            1 
_pdbx_struct_assembly_auth_evidence.experimental_support   'assay for oligomerization' 
_pdbx_struct_assembly_auth_evidence.details                ? 
# 
_pdbx_struct_oper_list.id                   1 
_pdbx_struct_oper_list.type                 'identity operation' 
_pdbx_struct_oper_list.name                 1_555 
_pdbx_struct_oper_list.symmetry_operation   x,y,z 
_pdbx_struct_oper_list.matrix[1][1]         1.0 
_pdbx_struct_oper_list.matrix[1][2]         0.0 
_pdbx_struct_oper_list.matrix[1][3]         0.0 
_pdbx_struct_oper_list.vector[1]            0.0 
_pdbx_struct_oper_list.matrix[2][1]         0.0 
_pdbx_struct_oper_list.matrix[2][2]         1.0 
_pdbx_struct_oper_list.matrix[2][3]         0.0 
_pdbx_struct_oper_list.vector[2]            0.0 
_pdbx_struct_oper_list.matrix[3][1]         0.0 
_pdbx_struct_oper_list.matrix[3][2]         0.0 
_pdbx_struct_oper_list.matrix[3][3]         1.0 
_pdbx_struct_oper_list.vector[3]            0.0 
# 
loop_
_struct_conn.id 
_struct_conn.conn_type_id 
_struct_conn.pdbx_leaving_atom_flag 
_struct_conn.pdbx_PDB_id 
_struct_conn.ptnr1_label_asym_id 
_struct_conn.ptnr1_label_comp_id 
_struct_conn.ptnr1_label_seq_id 
_struct_conn.ptnr1_label_atom_id 
_struct_conn.pdbx_ptnr1_label_alt_id 
_struct_conn.pdbx_ptnr1_PDB_ins_code 
_struct_conn.pdbx_ptnr1_standard_comp_id 
_struct_conn.ptnr1_symmetry 
_struct_conn.ptnr2_label_asym_id 
_struct_conn.ptnr2_label_comp_id 
_struct_conn.ptnr2_label_seq_id 
_struct_conn.ptnr2_label_atom_id 
_struct_conn.pdbx_ptnr2_label_alt_id 
_struct_conn.pdbx_ptnr2_PDB_ins_code 
_struct_conn.ptnr1_auth_asym_id 
_struct_conn.ptnr1_auth_comp_id 
_struct_conn.ptnr1_auth_seq_id 
_struct_conn.ptnr2_auth_asym_id 
_struct_conn.ptnr2_auth_comp_id 
_struct_conn.ptnr2_auth_seq_id 
_struct_conn.ptnr2_symmetry 
_struct_conn.pdbx_ptnr3_label_atom_id 
_struct_conn.pdbx_ptnr3_label_seq_id 
_struct_conn.pdbx_ptnr3_label_comp_id 
_struct_conn.pdbx_ptnr3_label_asym_id 
_struct_conn.pdbx_ptnr3_label_alt_id 
_struct_conn.pdbx_ptnr3_PDB_ins_code 
_struct_conn.details 
_struct_conn.pdbx_dist_value 
_struct_conn.pdbx_value_order 
_struct_conn.pdbx_role 
covale1  covale both ? A ORN 1 C  ? ? ? 1_555 A LYS 2  N  ? ? A ORN 1 A LYS 2  1_555 ? ? ? ? ? ? ? 1.374 ? ? 
covale2  covale both ? A ORN 1 NE ? ? ? 1_555 A VAL 16 C  ? ? A ORN 1 A VAL 16 1_555 ? ? ? ? ? ? ? 1.381 ? ? 
covale3  covale both ? A VAL 4 C  ? ? ? 1_555 A H7V 5  N  ? ? A VAL 4 A H7V 5  1_555 ? ? ? ? ? ? ? 1.329 ? ? 
covale4  covale both ? A H7V 5 C  ? ? ? 1_555 A PHE 6  N  ? ? A H7V 5 A PHE 6  1_555 ? ? ? ? ? ? ? 1.326 ? ? 
covale5  covale both ? A GLU 8 C  ? ? ? 1_555 A ORN 9  NE ? ? A GLU 8 A ORN 9  1_555 ? ? ? ? ? ? ? 1.370 ? ? 
covale6  covale both ? A ORN 9 C  ? ? ? 1_555 A ALA 10 N  ? ? A ORN 9 A ALA 10 1_555 ? ? ? ? ? ? ? 1.364 ? ? 
covale7  covale both ? B ORN 1 C  ? ? ? 1_555 B LYS 2  N  ? ? B ORN 1 B LYS 2  1_555 ? ? ? ? ? ? ? 1.364 ? ? 
covale8  covale both ? B ORN 1 NE ? ? ? 1_555 B VAL 16 C  ? ? B ORN 1 B VAL 16 1_555 ? ? ? ? ? ? ? 1.385 ? ? 
covale9  covale both ? B VAL 4 C  ? ? ? 1_555 B H7V 5  N  ? ? B VAL 4 B H7V 5  1_555 ? ? ? ? ? ? ? 1.329 ? ? 
covale10 covale both ? B H7V 5 C  ? ? ? 1_555 B PHE 6  N  ? ? B H7V 5 B PHE 6  1_555 ? ? ? ? ? ? ? 1.345 ? ? 
covale11 covale both ? B GLU 8 C  ? ? ? 1_555 B ORN 9  NE ? ? B GLU 8 B ORN 9  1_555 ? ? ? ? ? ? ? 1.371 ? ? 
covale12 covale both ? B ORN 9 C  ? ? ? 1_555 B ALA 10 N  ? ? B ORN 9 B ALA 10 1_555 ? ? ? ? ? ? ? 1.364 ? ? 
covale13 covale both ? C ORN 1 C  ? ? ? 1_555 C LYS 2  N  ? ? C ORN 1 C LYS 2  1_555 ? ? ? ? ? ? ? 1.361 ? ? 
covale14 covale both ? C ORN 1 NE ? ? ? 1_555 C VAL 16 C  ? ? C ORN 1 C VAL 16 1_555 ? ? ? ? ? ? ? 1.372 ? ? 
covale15 covale both ? C VAL 4 C  ? ? ? 1_555 C H7V 5  N  ? ? C VAL 4 C H7V 5  1_555 ? ? ? ? ? ? ? 1.333 ? ? 
covale16 covale both ? C H7V 5 C  ? ? ? 1_555 C PHE 6  N  ? ? C H7V 5 C PHE 6  1_555 ? ? ? ? ? ? ? 1.341 ? ? 
covale17 covale both ? C GLU 8 C  ? ? ? 1_555 C ORN 9  NE ? ? C GLU 8 C ORN 9  1_555 ? ? ? ? ? ? ? 1.369 ? ? 
covale18 covale both ? C ORN 9 C  ? ? ? 1_555 C ALA 10 N  ? ? C ORN 9 C ALA 10 1_555 ? ? ? ? ? ? ? 1.368 ? ? 
# 
_struct_conn_type.id          covale 
_struct_conn_type.criteria    ? 
_struct_conn_type.reference   ? 
# 
loop_
_pdbx_modification_feature.ordinal 
_pdbx_modification_feature.label_comp_id 
_pdbx_modification_feature.label_asym_id 
_pdbx_modification_feature.label_seq_id 
_pdbx_modification_feature.label_alt_id 
_pdbx_modification_feature.modified_residue_label_comp_id 
_pdbx_modification_feature.modified_residue_label_asym_id 
_pdbx_modification_feature.modified_residue_label_seq_id 
_pdbx_modification_feature.modified_residue_label_alt_id 
_pdbx_modification_feature.auth_comp_id 
_pdbx_modification_feature.auth_asym_id 
_pdbx_modification_feature.auth_seq_id 
_pdbx_modification_feature.PDB_ins_code 
_pdbx_modification_feature.symmetry 
_pdbx_modification_feature.modified_residue_auth_comp_id 
_pdbx_modification_feature.modified_residue_auth_asym_id 
_pdbx_modification_feature.modified_residue_auth_seq_id 
_pdbx_modification_feature.modified_residue_PDB_ins_code 
_pdbx_modification_feature.modified_residue_symmetry 
_pdbx_modification_feature.comp_id_linking_atom 
_pdbx_modification_feature.modified_residue_id_linking_atom 
_pdbx_modification_feature.modified_residue_id 
_pdbx_modification_feature.ref_pcm_id 
_pdbx_modification_feature.ref_comp_id 
_pdbx_modification_feature.type 
_pdbx_modification_feature.category 
1  ORN A 1 ? .   . .  . ORN A 1 ? 1_555 .   . .  . .     .  .  ? 1 ORN Ornithine 'Named protein modification' 
2  ORN A 9 ? .   . .  . ORN A 9 ? 1_555 .   . .  . .     .  .  ? 1 ORN Ornithine 'Named protein modification' 
3  ORN B 1 ? .   . .  . ORN B 1 ? 1_555 .   . .  . .     .  .  ? 1 ORN Ornithine 'Named protein modification' 
4  ORN B 9 ? .   . .  . ORN B 9 ? 1_555 .   . .  . .     .  .  ? 1 ORN Ornithine 'Named protein modification' 
5  ORN C 1 ? .   . .  . ORN C 1 ? 1_555 .   . .  . .     .  .  ? 1 ORN Ornithine 'Named protein modification' 
6  ORN C 9 ? .   . .  . ORN C 9 ? 1_555 .   . .  . .     .  .  ? 1 ORN Ornithine 'Named protein modification' 
7  H7V A 5 ? .   . .  . H7V A 5 ? 1_555 .   . .  . .     .  .  ? 1 H7V None      'Non-standard residue'       
8  H7V B 5 ? .   . .  . H7V B 5 ? 1_555 .   . .  . .     .  .  ? 1 H7V None      'Non-standard residue'       
9  H7V C 5 ? .   . .  . H7V C 5 ? 1_555 .   . .  . .     .  .  ? 1 H7V None      'Non-standard residue'       
10 ORN A 1 ? VAL A 16 ? ORN A 1 ? 1_555 VAL A 16 ? 1_555 NE C  . . .   None      'Non-standard linkage'       
11 GLU A 8 ? ORN A 9  ? GLU A 8 ? 1_555 ORN A 9  ? 1_555 C  NE . . .   None      'Non-standard linkage'       
12 ORN B 1 ? VAL B 16 ? ORN B 1 ? 1_555 VAL B 16 ? 1_555 NE C  . . .   None      'Non-standard linkage'       
13 GLU B 8 ? ORN B 9  ? GLU B 8 ? 1_555 ORN B 9  ? 1_555 C  NE . . .   None      'Non-standard linkage'       
14 ORN C 1 ? VAL C 16 ? ORN C 1 ? 1_555 VAL C 16 ? 1_555 NE C  . . .   None      'Non-standard linkage'       
15 GLU C 8 ? ORN C 9  ? GLU C 8 ? 1_555 ORN C 9  ? 1_555 C  NE . . .   None      'Non-standard linkage'       
# 
_struct_sheet.id               AA1 
_struct_sheet.type             ? 
_struct_sheet.number_strands   6 
_struct_sheet.details          ? 
# 
loop_
_struct_sheet_order.sheet_id 
_struct_sheet_order.range_id_1 
_struct_sheet_order.range_id_2 
_struct_sheet_order.offset 
_struct_sheet_order.sense 
AA1 1 2 ? anti-parallel 
AA1 1 3 ? anti-parallel 
AA1 1 5 ? anti-parallel 
AA1 3 4 ? anti-parallel 
AA1 3 5 ? anti-parallel 
AA1 5 6 ? anti-parallel 
# 
loop_
_struct_sheet_range.sheet_id 
_struct_sheet_range.id 
_struct_sheet_range.beg_label_comp_id 
_struct_sheet_range.beg_label_asym_id 
_struct_sheet_range.beg_label_seq_id 
_struct_sheet_range.pdbx_beg_PDB_ins_code 
_struct_sheet_range.end_label_comp_id 
_struct_sheet_range.end_label_asym_id 
_struct_sheet_range.end_label_seq_id 
_struct_sheet_range.pdbx_end_PDB_ins_code 
_struct_sheet_range.beg_auth_comp_id 
_struct_sheet_range.beg_auth_asym_id 
_struct_sheet_range.beg_auth_seq_id 
_struct_sheet_range.end_auth_comp_id 
_struct_sheet_range.end_auth_asym_id 
_struct_sheet_range.end_auth_seq_id 
AA1 1 LYS A 2  ? ALA A 7  ? LYS A 2  ALA A 7  
AA1 2 ILE A 11 ? VAL A 16 ? ILE A 11 VAL A 16 
AA1 3 LYS B 2  ? ALA B 7  ? LYS B 2  ALA B 7  
AA1 4 ILE B 11 ? VAL B 16 ? ILE B 11 VAL B 16 
AA1 5 LYS C 2  ? ALA C 7  ? LYS C 2  ALA C 7  
AA1 6 ILE C 11 ? VAL C 16 ? ILE C 11 VAL C 16 
# 
loop_
_pdbx_struct_sheet_hbond.sheet_id 
_pdbx_struct_sheet_hbond.range_id_1 
_pdbx_struct_sheet_hbond.range_id_2 
_pdbx_struct_sheet_hbond.range_1_label_atom_id 
_pdbx_struct_sheet_hbond.range_1_label_comp_id 
_pdbx_struct_sheet_hbond.range_1_label_asym_id 
_pdbx_struct_sheet_hbond.range_1_label_seq_id 
_pdbx_struct_sheet_hbond.range_1_PDB_ins_code 
_pdbx_struct_sheet_hbond.range_1_auth_atom_id 
_pdbx_struct_sheet_hbond.range_1_auth_comp_id 
_pdbx_struct_sheet_hbond.range_1_auth_asym_id 
_pdbx_struct_sheet_hbond.range_1_auth_seq_id 
_pdbx_struct_sheet_hbond.range_2_label_atom_id 
_pdbx_struct_sheet_hbond.range_2_label_comp_id 
_pdbx_struct_sheet_hbond.range_2_label_asym_id 
_pdbx_struct_sheet_hbond.range_2_label_seq_id 
_pdbx_struct_sheet_hbond.range_2_PDB_ins_code 
_pdbx_struct_sheet_hbond.range_2_auth_atom_id 
_pdbx_struct_sheet_hbond.range_2_auth_comp_id 
_pdbx_struct_sheet_hbond.range_2_auth_asym_id 
_pdbx_struct_sheet_hbond.range_2_auth_seq_id 
AA1 1 2 N LYS A 2 ? N LYS A 2 O VAL A 16 ? O VAL A 16 
AA1 1 3 N LEU A 3 ? N LEU A 3 O H7V B 5  ? O H7V B 5  
AA1 1 5 N H7V A 5 ? N H7V A 5 O LEU C 3  ? O LEU C 3  
AA1 3 4 N LYS B 2 ? N LYS B 2 O VAL B 16 ? O VAL B 16 
AA1 3 5 N LEU B 3 ? N LEU B 3 O H7V C 5  ? O H7V C 5  
AA1 5 6 N PHE C 6 ? N PHE C 6 O ILE C 12 ? O ILE C 12 
# 
_pdbx_entry_details.entry_id                   9EEC 
_pdbx_entry_details.nonpolymer_details         ? 
_pdbx_entry_details.sequence_details           ? 
_pdbx_entry_details.compound_details           ? 
_pdbx_entry_details.source_details             ? 
_pdbx_entry_details.has_ligand_of_interest     N 
_pdbx_entry_details.has_protein_modification   Y 
# 
_pdbx_validate_close_contact.id               1 
_pdbx_validate_close_contact.PDB_model_num    1 
_pdbx_validate_close_contact.auth_atom_id_1   OE2 
_pdbx_validate_close_contact.auth_asym_id_1   B 
_pdbx_validate_close_contact.auth_comp_id_1   GLU 
_pdbx_validate_close_contact.auth_seq_id_1    8 
_pdbx_validate_close_contact.PDB_ins_code_1   ? 
_pdbx_validate_close_contact.label_alt_id_1   ? 
_pdbx_validate_close_contact.auth_atom_id_2   O 
_pdbx_validate_close_contact.auth_asym_id_2   B 
_pdbx_validate_close_contact.auth_comp_id_2   HOH 
_pdbx_validate_close_contact.auth_seq_id_2    101 
_pdbx_validate_close_contact.PDB_ins_code_2   ? 
_pdbx_validate_close_contact.label_alt_id_2   ? 
_pdbx_validate_close_contact.dist             2.14 
# 
_pdbx_struct_special_symmetry.id              1 
_pdbx_struct_special_symmetry.PDB_model_num   1 
_pdbx_struct_special_symmetry.auth_asym_id    A 
_pdbx_struct_special_symmetry.auth_comp_id    HOH 
_pdbx_struct_special_symmetry.auth_seq_id     105 
_pdbx_struct_special_symmetry.PDB_ins_code    ? 
_pdbx_struct_special_symmetry.label_asym_id   D 
_pdbx_struct_special_symmetry.label_comp_id   HOH 
_pdbx_struct_special_symmetry.label_seq_id    . 
# 
loop_
_pdbx_refine_tls.id 
_pdbx_refine_tls.pdbx_refine_id 
_pdbx_refine_tls.details 
_pdbx_refine_tls.method 
_pdbx_refine_tls.origin_x 
_pdbx_refine_tls.origin_y 
_pdbx_refine_tls.origin_z 
_pdbx_refine_tls.T[1][1] 
_pdbx_refine_tls.T[1][1]_esd 
_pdbx_refine_tls.T[1][2] 
_pdbx_refine_tls.T[1][2]_esd 
_pdbx_refine_tls.T[1][3] 
_pdbx_refine_tls.T[1][3]_esd 
_pdbx_refine_tls.T[2][2] 
_pdbx_refine_tls.T[2][2]_esd 
_pdbx_refine_tls.T[2][3] 
_pdbx_refine_tls.T[2][3]_esd 
_pdbx_refine_tls.T[3][3] 
_pdbx_refine_tls.T[3][3]_esd 
_pdbx_refine_tls.L[1][1] 
_pdbx_refine_tls.L[1][1]_esd 
_pdbx_refine_tls.L[1][2] 
_pdbx_refine_tls.L[1][2]_esd 
_pdbx_refine_tls.L[1][3] 
_pdbx_refine_tls.L[1][3]_esd 
_pdbx_refine_tls.L[2][2] 
_pdbx_refine_tls.L[2][2]_esd 
_pdbx_refine_tls.L[2][3] 
_pdbx_refine_tls.L[2][3]_esd 
_pdbx_refine_tls.L[3][3] 
_pdbx_refine_tls.L[3][3]_esd 
_pdbx_refine_tls.S[1][1] 
_pdbx_refine_tls.S[1][1]_esd 
_pdbx_refine_tls.S[1][2] 
_pdbx_refine_tls.S[1][2]_esd 
_pdbx_refine_tls.S[1][3] 
_pdbx_refine_tls.S[1][3]_esd 
_pdbx_refine_tls.S[2][1] 
_pdbx_refine_tls.S[2][1]_esd 
_pdbx_refine_tls.S[2][2] 
_pdbx_refine_tls.S[2][2]_esd 
_pdbx_refine_tls.S[2][3] 
_pdbx_refine_tls.S[2][3]_esd 
_pdbx_refine_tls.S[3][1] 
_pdbx_refine_tls.S[3][1]_esd 
_pdbx_refine_tls.S[3][2] 
_pdbx_refine_tls.S[3][2]_esd 
_pdbx_refine_tls.S[3][3] 
_pdbx_refine_tls.S[3][3]_esd 
1 'X-RAY DIFFRACTION' ? refined -2.3547 4.0370  5.5787  0.2738 ? -0.0019 ? -0.0329 ? 0.1892 ? -0.0121 ? 0.2790 ? 6.6153 ? -0.4487 ? 0.1874  ? 3.0139 ? -1.2134 ? 6.8127 ? -0.1203 ? -0.3426 ? -0.2330 ? 0.1028  ? 0.2599  ? -0.0746 ? -0.1095 ? 0.0545  ? -0.0792 ? 
2 'X-RAY DIFFRACTION' ? refined 7.2034  -1.8439 -0.3954 0.2685 ? 0.0542  ? -0.0276 ? 0.2547 ? 0.0109  ? 0.3822 ? 5.0281 ? -0.0296 ? 0.9422  ? 7.0661 ? -1.6799 ? 8.0484 ? 0.1956  ? -0.1086 ? -0.7581 ? -0.1097 ? -0.1725 ? -0.5075 ? 0.3101  ? 0.4796  ? -0.0452 ? 
3 'X-RAY DIFFRACTION' ? refined -4.9245 -3.2382 -4.5112 0.3405 ? -0.0106 ? -0.0479 ? 0.2533 ? 0.0427  ? 0.2944 ? 8.7259 ? 0.7239  ? -0.9213 ? 3.9696 ? 1.2258  ? 6.5218 ? 0.0378  ? -0.0376 ? -0.6302 ? 0.2575  ? -0.0096 ? -0.0150 ? 1.0843  ? -0.4242 ? 0.0120  ? 
# 
loop_
_pdbx_refine_tls_group.id 
_pdbx_refine_tls_group.pdbx_refine_id 
_pdbx_refine_tls_group.refine_tls_id 
_pdbx_refine_tls_group.beg_label_asym_id 
_pdbx_refine_tls_group.beg_label_seq_id 
_pdbx_refine_tls_group.beg_auth_asym_id 
_pdbx_refine_tls_group.beg_auth_seq_id 
_pdbx_refine_tls_group.beg_PDB_ins_code 
_pdbx_refine_tls_group.end_label_asym_id 
_pdbx_refine_tls_group.end_label_seq_id 
_pdbx_refine_tls_group.end_auth_asym_id 
_pdbx_refine_tls_group.end_auth_seq_id 
_pdbx_refine_tls_group.end_PDB_ins_code 
_pdbx_refine_tls_group.selection 
_pdbx_refine_tls_group.selection_details 
1 'X-RAY DIFFRACTION' 1 ? ? ? ? ? ? ? ? ? ? ? 
;chain 'A' and (resid 1 through 16 )
;
2 'X-RAY DIFFRACTION' 2 ? ? ? ? ? ? ? ? ? ? ? 
;chain 'B' and (resid 1 through 16 )
;
3 'X-RAY DIFFRACTION' 3 ? ? ? ? ? ? ? ? ? ? ? 
;chain 'C' and (resid 1 through 16 )
;
# 
loop_
_chem_comp_atom.comp_id 
_chem_comp_atom.atom_id 
_chem_comp_atom.type_symbol 
_chem_comp_atom.pdbx_aromatic_flag 
_chem_comp_atom.pdbx_stereo_config 
_chem_comp_atom.pdbx_ordinal 
ALA N    N N N 1   
ALA CA   C N S 2   
ALA C    C N N 3   
ALA O    O N N 4   
ALA CB   C N N 5   
ALA OXT  O N N 6   
ALA H    H N N 7   
ALA H2   H N N 8   
ALA HA   H N N 9   
ALA HB1  H N N 10  
ALA HB2  H N N 11  
ALA HB3  H N N 12  
ALA HXT  H N N 13  
GLU N    N N N 14  
GLU CA   C N S 15  
GLU C    C N N 16  
GLU O    O N N 17  
GLU CB   C N N 18  
GLU CG   C N N 19  
GLU CD   C N N 20  
GLU OE1  O N N 21  
GLU OE2  O N N 22  
GLU OXT  O N N 23  
GLU H    H N N 24  
GLU H2   H N N 25  
GLU HA   H N N 26  
GLU HB2  H N N 27  
GLU HB3  H N N 28  
GLU HG2  H N N 29  
GLU HG3  H N N 30  
GLU HE2  H N N 31  
GLU HXT  H N N 32  
GLY N    N N N 33  
GLY CA   C N N 34  
GLY C    C N N 35  
GLY O    O N N 36  
GLY OXT  O N N 37  
GLY H    H N N 38  
GLY H2   H N N 39  
GLY HA2  H N N 40  
GLY HA3  H N N 41  
GLY HXT  H N N 42  
H7V N    N N N 43  
H7V CA   C N S 44  
H7V C    C N N 45  
H7V O    O N N 46  
H7V CB   C N N 47  
H7V C01  C N N 48  
H7V C02  C N N 49  
H7V C03  C N N 50  
H7V C04  C N N 51  
H7V C05  C N N 52  
H7V C06  C N N 53  
H7V C07  C N N 54  
H7V OXT  O N N 55  
H7V H    H N N 56  
H7V HA   H N N 57  
H7V HB2  H N N 58  
H7V HB1  H N N 59  
H7V H07  H N N 60  
H7V H09  H N N 61  
H7V H10  H N N 62  
H7V H11  H N N 63  
H7V H12  H N N 64  
H7V H14  H N N 65  
H7V H13  H N N 66  
H7V H16  H N N 67  
H7V H15  H N N 68  
H7V H17  H N N 69  
H7V H18  H N N 70  
H7V H04  H N N 71  
H7V H03  H N N 72  
H7V H02  H N N 73  
H7V HXT  H N N 74  
HOH O    O N N 75  
HOH H1   H N N 76  
HOH H2   H N N 77  
ILE N    N N N 78  
ILE CA   C N S 79  
ILE C    C N N 80  
ILE O    O N N 81  
ILE CB   C N S 82  
ILE CG1  C N N 83  
ILE CG2  C N N 84  
ILE CD1  C N N 85  
ILE OXT  O N N 86  
ILE H    H N N 87  
ILE H2   H N N 88  
ILE HA   H N N 89  
ILE HB   H N N 90  
ILE HG12 H N N 91  
ILE HG13 H N N 92  
ILE HG21 H N N 93  
ILE HG22 H N N 94  
ILE HG23 H N N 95  
ILE HD11 H N N 96  
ILE HD12 H N N 97  
ILE HD13 H N N 98  
ILE HXT  H N N 99  
LEU N    N N N 100 
LEU CA   C N S 101 
LEU C    C N N 102 
LEU O    O N N 103 
LEU CB   C N N 104 
LEU CG   C N N 105 
LEU CD1  C N N 106 
LEU CD2  C N N 107 
LEU OXT  O N N 108 
LEU H    H N N 109 
LEU H2   H N N 110 
LEU HA   H N N 111 
LEU HB2  H N N 112 
LEU HB3  H N N 113 
LEU HG   H N N 114 
LEU HD11 H N N 115 
LEU HD12 H N N 116 
LEU HD13 H N N 117 
LEU HD21 H N N 118 
LEU HD22 H N N 119 
LEU HD23 H N N 120 
LEU HXT  H N N 121 
LYS N    N N N 122 
LYS CA   C N S 123 
LYS C    C N N 124 
LYS O    O N N 125 
LYS CB   C N N 126 
LYS CG   C N N 127 
LYS CD   C N N 128 
LYS CE   C N N 129 
LYS NZ   N N N 130 
LYS OXT  O N N 131 
LYS H    H N N 132 
LYS H2   H N N 133 
LYS HA   H N N 134 
LYS HB2  H N N 135 
LYS HB3  H N N 136 
LYS HG2  H N N 137 
LYS HG3  H N N 138 
LYS HD2  H N N 139 
LYS HD3  H N N 140 
LYS HE2  H N N 141 
LYS HE3  H N N 142 
LYS HZ1  H N N 143 
LYS HZ2  H N N 144 
LYS HZ3  H N N 145 
LYS HXT  H N N 146 
MET N    N N N 147 
MET CA   C N S 148 
MET C    C N N 149 
MET O    O N N 150 
MET CB   C N N 151 
MET CG   C N N 152 
MET SD   S N N 153 
MET CE   C N N 154 
MET OXT  O N N 155 
MET H    H N N 156 
MET H2   H N N 157 
MET HA   H N N 158 
MET HB2  H N N 159 
MET HB3  H N N 160 
MET HG2  H N N 161 
MET HG3  H N N 162 
MET HE1  H N N 163 
MET HE2  H N N 164 
MET HE3  H N N 165 
MET HXT  H N N 166 
ORN N    N N N 167 
ORN CA   C N S 168 
ORN CB   C N N 169 
ORN CG   C N N 170 
ORN CD   C N N 171 
ORN NE   N N N 172 
ORN C    C N N 173 
ORN O    O N N 174 
ORN OXT  O N N 175 
ORN H    H N N 176 
ORN H2   H N N 177 
ORN HA   H N N 178 
ORN HB2  H N N 179 
ORN HB3  H N N 180 
ORN HG2  H N N 181 
ORN HG3  H N N 182 
ORN HD2  H N N 183 
ORN HD3  H N N 184 
ORN HE1  H N N 185 
ORN HE2  H N N 186 
ORN HXT  H N N 187 
PHE N    N N N 188 
PHE CA   C N S 189 
PHE C    C N N 190 
PHE O    O N N 191 
PHE CB   C N N 192 
PHE CG   C Y N 193 
PHE CD1  C Y N 194 
PHE CD2  C Y N 195 
PHE CE1  C Y N 196 
PHE CE2  C Y N 197 
PHE CZ   C Y N 198 
PHE OXT  O N N 199 
PHE H    H N N 200 
PHE H2   H N N 201 
PHE HA   H N N 202 
PHE HB2  H N N 203 
PHE HB3  H N N 204 
PHE HD1  H N N 205 
PHE HD2  H N N 206 
PHE HE1  H N N 207 
PHE HE2  H N N 208 
PHE HZ   H N N 209 
PHE HXT  H N N 210 
VAL N    N N N 211 
VAL CA   C N S 212 
VAL C    C N N 213 
VAL O    O N N 214 
VAL CB   C N N 215 
VAL CG1  C N N 216 
VAL CG2  C N N 217 
VAL OXT  O N N 218 
VAL H    H N N 219 
VAL H2   H N N 220 
VAL HA   H N N 221 
VAL HB   H N N 222 
VAL HG11 H N N 223 
VAL HG12 H N N 224 
VAL HG13 H N N 225 
VAL HG21 H N N 226 
VAL HG22 H N N 227 
VAL HG23 H N N 228 
VAL HXT  H N N 229 
# 
loop_
_chem_comp_bond.comp_id 
_chem_comp_bond.atom_id_1 
_chem_comp_bond.atom_id_2 
_chem_comp_bond.value_order 
_chem_comp_bond.pdbx_aromatic_flag 
_chem_comp_bond.pdbx_stereo_config 
_chem_comp_bond.pdbx_ordinal 
ALA N   CA   sing N N 1   
ALA N   H    sing N N 2   
ALA N   H2   sing N N 3   
ALA CA  C    sing N N 4   
ALA CA  CB   sing N N 5   
ALA CA  HA   sing N N 6   
ALA C   O    doub N N 7   
ALA C   OXT  sing N N 8   
ALA CB  HB1  sing N N 9   
ALA CB  HB2  sing N N 10  
ALA CB  HB3  sing N N 11  
ALA OXT HXT  sing N N 12  
GLU N   CA   sing N N 13  
GLU N   H    sing N N 14  
GLU N   H2   sing N N 15  
GLU CA  C    sing N N 16  
GLU CA  CB   sing N N 17  
GLU CA  HA   sing N N 18  
GLU C   O    doub N N 19  
GLU C   OXT  sing N N 20  
GLU CB  CG   sing N N 21  
GLU CB  HB2  sing N N 22  
GLU CB  HB3  sing N N 23  
GLU CG  CD   sing N N 24  
GLU CG  HG2  sing N N 25  
GLU CG  HG3  sing N N 26  
GLU CD  OE1  doub N N 27  
GLU CD  OE2  sing N N 28  
GLU OE2 HE2  sing N N 29  
GLU OXT HXT  sing N N 30  
GLY N   CA   sing N N 31  
GLY N   H    sing N N 32  
GLY N   H2   sing N N 33  
GLY CA  C    sing N N 34  
GLY CA  HA2  sing N N 35  
GLY CA  HA3  sing N N 36  
GLY C   O    doub N N 37  
GLY C   OXT  sing N N 38  
GLY OXT HXT  sing N N 39  
H7V O   C    doub N N 40  
H7V C   CA   sing N N 41  
H7V CB  CA   sing N N 42  
H7V CB  C01  sing N N 43  
H7V C06 C01  sing N N 44  
H7V C06 C05  sing N N 45  
H7V CA  N    sing N N 46  
H7V C01 C02  sing N N 47  
H7V C05 C04  sing N N 48  
H7V C02 C03  sing N N 49  
H7V C07 N    sing N N 50  
H7V C04 C03  sing N N 51  
H7V C   OXT  sing N N 52  
H7V N   H    sing N N 53  
H7V CA  HA   sing N N 54  
H7V CB  HB2  sing N N 55  
H7V CB  HB1  sing N N 56  
H7V C01 H07  sing N N 57  
H7V C02 H09  sing N N 58  
H7V C02 H10  sing N N 59  
H7V C03 H11  sing N N 60  
H7V C03 H12  sing N N 61  
H7V C04 H14  sing N N 62  
H7V C04 H13  sing N N 63  
H7V C05 H16  sing N N 64  
H7V C05 H15  sing N N 65  
H7V C06 H17  sing N N 66  
H7V C06 H18  sing N N 67  
H7V C07 H04  sing N N 68  
H7V C07 H03  sing N N 69  
H7V C07 H02  sing N N 70  
H7V OXT HXT  sing N N 71  
HOH O   H1   sing N N 72  
HOH O   H2   sing N N 73  
ILE N   CA   sing N N 74  
ILE N   H    sing N N 75  
ILE N   H2   sing N N 76  
ILE CA  C    sing N N 77  
ILE CA  CB   sing N N 78  
ILE CA  HA   sing N N 79  
ILE C   O    doub N N 80  
ILE C   OXT  sing N N 81  
ILE CB  CG1  sing N N 82  
ILE CB  CG2  sing N N 83  
ILE CB  HB   sing N N 84  
ILE CG1 CD1  sing N N 85  
ILE CG1 HG12 sing N N 86  
ILE CG1 HG13 sing N N 87  
ILE CG2 HG21 sing N N 88  
ILE CG2 HG22 sing N N 89  
ILE CG2 HG23 sing N N 90  
ILE CD1 HD11 sing N N 91  
ILE CD1 HD12 sing N N 92  
ILE CD1 HD13 sing N N 93  
ILE OXT HXT  sing N N 94  
LEU N   CA   sing N N 95  
LEU N   H    sing N N 96  
LEU N   H2   sing N N 97  
LEU CA  C    sing N N 98  
LEU CA  CB   sing N N 99  
LEU CA  HA   sing N N 100 
LEU C   O    doub N N 101 
LEU C   OXT  sing N N 102 
LEU CB  CG   sing N N 103 
LEU CB  HB2  sing N N 104 
LEU CB  HB3  sing N N 105 
LEU CG  CD1  sing N N 106 
LEU CG  CD2  sing N N 107 
LEU CG  HG   sing N N 108 
LEU CD1 HD11 sing N N 109 
LEU CD1 HD12 sing N N 110 
LEU CD1 HD13 sing N N 111 
LEU CD2 HD21 sing N N 112 
LEU CD2 HD22 sing N N 113 
LEU CD2 HD23 sing N N 114 
LEU OXT HXT  sing N N 115 
LYS N   CA   sing N N 116 
LYS N   H    sing N N 117 
LYS N   H2   sing N N 118 
LYS CA  C    sing N N 119 
LYS CA  CB   sing N N 120 
LYS CA  HA   sing N N 121 
LYS C   O    doub N N 122 
LYS C   OXT  sing N N 123 
LYS CB  CG   sing N N 124 
LYS CB  HB2  sing N N 125 
LYS CB  HB3  sing N N 126 
LYS CG  CD   sing N N 127 
LYS CG  HG2  sing N N 128 
LYS CG  HG3  sing N N 129 
LYS CD  CE   sing N N 130 
LYS CD  HD2  sing N N 131 
LYS CD  HD3  sing N N 132 
LYS CE  NZ   sing N N 133 
LYS CE  HE2  sing N N 134 
LYS CE  HE3  sing N N 135 
LYS NZ  HZ1  sing N N 136 
LYS NZ  HZ2  sing N N 137 
LYS NZ  HZ3  sing N N 138 
LYS OXT HXT  sing N N 139 
MET N   CA   sing N N 140 
MET N   H    sing N N 141 
MET N   H2   sing N N 142 
MET CA  C    sing N N 143 
MET CA  CB   sing N N 144 
MET CA  HA   sing N N 145 
MET C   O    doub N N 146 
MET C   OXT  sing N N 147 
MET CB  CG   sing N N 148 
MET CB  HB2  sing N N 149 
MET CB  HB3  sing N N 150 
MET CG  SD   sing N N 151 
MET CG  HG2  sing N N 152 
MET CG  HG3  sing N N 153 
MET SD  CE   sing N N 154 
MET CE  HE1  sing N N 155 
MET CE  HE2  sing N N 156 
MET CE  HE3  sing N N 157 
MET OXT HXT  sing N N 158 
ORN N   CA   sing N N 159 
ORN N   H    sing N N 160 
ORN N   H2   sing N N 161 
ORN CA  CB   sing N N 162 
ORN CA  C    sing N N 163 
ORN CA  HA   sing N N 164 
ORN CB  CG   sing N N 165 
ORN CB  HB2  sing N N 166 
ORN CB  HB3  sing N N 167 
ORN CG  CD   sing N N 168 
ORN CG  HG2  sing N N 169 
ORN CG  HG3  sing N N 170 
ORN CD  NE   sing N N 171 
ORN CD  HD2  sing N N 172 
ORN CD  HD3  sing N N 173 
ORN NE  HE1  sing N N 174 
ORN NE  HE2  sing N N 175 
ORN C   O    doub N N 176 
ORN C   OXT  sing N N 177 
ORN OXT HXT  sing N N 178 
PHE N   CA   sing N N 179 
PHE N   H    sing N N 180 
PHE N   H2   sing N N 181 
PHE CA  C    sing N N 182 
PHE CA  CB   sing N N 183 
PHE CA  HA   sing N N 184 
PHE C   O    doub N N 185 
PHE C   OXT  sing N N 186 
PHE CB  CG   sing N N 187 
PHE CB  HB2  sing N N 188 
PHE CB  HB3  sing N N 189 
PHE CG  CD1  doub Y N 190 
PHE CG  CD2  sing Y N 191 
PHE CD1 CE1  sing Y N 192 
PHE CD1 HD1  sing N N 193 
PHE CD2 CE2  doub Y N 194 
PHE CD2 HD2  sing N N 195 
PHE CE1 CZ   doub Y N 196 
PHE CE1 HE1  sing N N 197 
PHE CE2 CZ   sing Y N 198 
PHE CE2 HE2  sing N N 199 
PHE CZ  HZ   sing N N 200 
PHE OXT HXT  sing N N 201 
VAL N   CA   sing N N 202 
VAL N   H    sing N N 203 
VAL N   H2   sing N N 204 
VAL CA  C    sing N N 205 
VAL CA  CB   sing N N 206 
VAL CA  HA   sing N N 207 
VAL C   O    doub N N 208 
VAL C   OXT  sing N N 209 
VAL CB  CG1  sing N N 210 
VAL CB  CG2  sing N N 211 
VAL CB  HB   sing N N 212 
VAL CG1 HG11 sing N N 213 
VAL CG1 HG12 sing N N 214 
VAL CG1 HG13 sing N N 215 
VAL CG2 HG21 sing N N 216 
VAL CG2 HG22 sing N N 217 
VAL CG2 HG23 sing N N 218 
VAL OXT HXT  sing N N 219 
# 
_pdbx_audit_support.funding_organization   'National Institutes of Health/National Institute on Aging (NIH/NIA)' 
_pdbx_audit_support.country                'United States' 
_pdbx_audit_support.grant_number           AG072587 
_pdbx_audit_support.ordinal                1 
# 
_pdbx_initial_refinement_model.id               1 
_pdbx_initial_refinement_model.entity_id_list   ? 
_pdbx_initial_refinement_model.type             'experimental model' 
_pdbx_initial_refinement_model.source_name      PDB 
_pdbx_initial_refinement_model.accession_code   5W4H 
_pdbx_initial_refinement_model.details          ? 
# 
_atom_sites.entry_id                    9EEC 
_atom_sites.Cartn_transf_matrix[1][1]   ? 
_atom_sites.Cartn_transf_matrix[1][2]   ? 
_atom_sites.Cartn_transf_matrix[1][3]   ? 
_atom_sites.Cartn_transf_matrix[2][1]   ? 
_atom_sites.Cartn_transf_matrix[2][2]   ? 
_atom_sites.Cartn_transf_matrix[2][3]   ? 
_atom_sites.Cartn_transf_matrix[3][1]   ? 
_atom_sites.Cartn_transf_matrix[3][2]   ? 
_atom_sites.Cartn_transf_matrix[3][3]   ? 
_atom_sites.Cartn_transf_vector[1]      ? 
_atom_sites.Cartn_transf_vector[2]      ? 
_atom_sites.Cartn_transf_vector[3]      ? 
_atom_sites.Cartn_transform_axes        ? 
_atom_sites.fract_transf_matrix[1][1]   0.00919398 
_atom_sites.fract_transf_matrix[1][2]   -0.00986803 
_atom_sites.fract_transf_matrix[1][3]   0.00612276 
_atom_sites.fract_transf_matrix[2][1]   -0.00160707 
_atom_sites.fract_transf_matrix[2][2]   -0.00881522 
_atom_sites.fract_transf_matrix[2][3]   -0.01179426 
_atom_sites.fract_transf_matrix[3][1]   0.01150146 
_atom_sites.fract_transf_matrix[3][2]   0.00665653 
_atom_sites.fract_transf_matrix[3][3]   -0.00654236 
_atom_sites.fract_transf_vector[1]      0.345652 
_atom_sites.fract_transf_vector[2]      -0.001047 
_atom_sites.fract_transf_vector[3]      0.240708 
_atom_sites.solution_primary            ? 
_atom_sites.solution_secondary          ? 
_atom_sites.solution_hydrogens          ? 
_atom_sites.special_details             ? 
# 
loop_
_atom_type.symbol 
C 
H 
N 
O 
S 
# 
loop_
_atom_site.group_PDB 
_atom_site.id 
_atom_site.type_symbol 
_atom_site.label_atom_id 
_atom_site.label_alt_id 
_atom_site.label_comp_id 
_atom_site.label_asym_id 
_atom_site.label_entity_id 
_atom_site.label_seq_id 
_atom_site.pdbx_PDB_ins_code 
_atom_site.Cartn_x 
_atom_site.Cartn_y 
_atom_site.Cartn_z 
_atom_site.occupancy 
_atom_site.B_iso_or_equiv 
_atom_site.pdbx_formal_charge 
_atom_site.auth_seq_id 
_atom_site.auth_comp_id 
_atom_site.auth_asym_id 
_atom_site.auth_atom_id 
_atom_site.pdbx_PDB_model_num 
HETATM 1   N N    . ORN A 1 1  ? 9.808   1.873   8.361   1.00 37.46  ? 1   ORN A N    1 
HETATM 2   C CA   . ORN A 1 1  ? 8.591   1.307   8.843   1.00 35.80  ? 1   ORN A CA   1 
HETATM 3   C CB   . ORN A 1 1  ? 7.825   2.393   9.682   1.00 35.03  ? 1   ORN A CB   1 
HETATM 4   C CG   . ORN A 1 1  ? 8.427   2.596   11.130  1.00 36.28  ? 1   ORN A CG   1 
HETATM 5   C CD   . ORN A 1 1  ? 7.949   1.493   12.153  1.00 40.96  ? 1   ORN A CD   1 
HETATM 6   N NE   . ORN A 1 1  ? 6.538   1.510   12.246  1.00 33.99  ? 1   ORN A NE   1 
HETATM 7   C C    . ORN A 1 1  ? 7.697   0.886   7.709   1.00 31.45  ? 1   ORN A C    1 
HETATM 8   O O    . ORN A 1 1  ? 7.765   1.371   6.575   1.00 33.38  ? 1   ORN A O    1 
HETATM 9   H H1   . ORN A 1 1  ? 10.244  1.342   7.604   1.00 45.00  ? 1   ORN A H1   1 
HETATM 10  H H2   . ORN A 1 1  ? 9.708   2.820   7.986   1.00 45.00  ? 1   ORN A H2   1 
HETATM 11  H H3   . ORN A 1 1  ? 10.540  1.956   9.072   1.00 45.00  ? 1   ORN A H3   1 
HETATM 12  H HA   . ORN A 1 1  ? 8.873   0.414   9.409   1.00 43.01  ? 1   ORN A HA   1 
HETATM 13  H HB2  . ORN A 1 1  ? 6.778   2.080   9.793   1.00 42.08  ? 1   ORN A HB2  1 
HETATM 14  H HB3  . ORN A 1 1  ? 7.885   3.355   9.154   1.00 42.08  ? 1   ORN A HB3  1 
HETATM 15  H HG2  . ORN A 1 1  ? 9.521   2.572   11.067  1.00 43.58  ? 1   ORN A HG2  1 
HETATM 16  H HG3  . ORN A 1 1  ? 8.131   3.582   11.504  1.00 43.58  ? 1   ORN A HG3  1 
HETATM 17  H HD2  . ORN A 1 1  ? 8.378   1.703   13.137  1.00 49.20  ? 1   ORN A HD2  1 
HETATM 18  H HD3  . ORN A 1 1  ? 8.276   0.509   11.804  1.00 49.20  ? 1   ORN A HD3  1 
HETATM 19  H HE1  . ORN A 1 1  ? 6.143   2.287   12.809  1.00 40.83  ? 1   ORN A HE1  1 
ATOM   20  N N    . LYS A 1 2  ? 6.750   -0.053  8.038   1.00 30.71  ? 2   LYS A N    1 
ATOM   21  C CA   . LYS A 1 2  ? 5.756   -0.509  7.088   1.00 30.17  ? 2   LYS A CA   1 
ATOM   22  C C    . LYS A 1 2  ? 4.697   0.606   6.951   1.00 30.45  ? 2   LYS A C    1 
ATOM   23  O O    . LYS A 1 2  ? 4.400   1.301   7.937   1.00 31.46  ? 2   LYS A O    1 
ATOM   24  C CB   . LYS A 1 2  ? 5.074   -1.791  7.570   1.00 35.03  ? 2   LYS A CB   1 
ATOM   25  C CG   . LYS A 1 2  ? 4.331   -2.521  6.467   1.00 36.38  ? 2   LYS A CG   1 
ATOM   26  C CD   . LYS A 1 2  ? 3.396   -3.629  7.023   1.00 52.41  ? 2   LYS A CD   1 
ATOM   27  C CE   . LYS A 1 2  ? 3.032   -4.624  5.914   1.00 65.15  ? 2   LYS A CE   1 
ATOM   28  N NZ   . LYS A 1 2  ? 2.086   -5.717  6.301   1.00 78.17  ? 2   LYS A NZ   1 
ATOM   29  H H    . LYS A 1 2  ? 6.686   -0.423  8.812   1.00 36.90  ? 2   LYS A H    1 
ATOM   30  H HA   . LYS A 1 2  ? 6.170   -0.709  6.234   1.00 36.24  ? 2   LYS A HA   1 
ATOM   31  H HB2  . LYS A 1 2  ? 5.748   -2.392  7.925   1.00 42.08  ? 2   LYS A HB2  1 
ATOM   32  H HB3  . LYS A 1 2  ? 4.434   -1.565  8.263   1.00 42.08  ? 2   LYS A HB3  1 
ATOM   33  H HG2  . LYS A 1 2  ? 3.788   -1.885  5.975   1.00 43.70  ? 2   LYS A HG2  1 
ATOM   34  H HG3  . LYS A 1 2  ? 4.974   -2.938  5.872   1.00 43.70  ? 2   LYS A HG3  1 
ATOM   35  H HD2  . LYS A 1 2  ? 3.847   -4.109  7.735   1.00 62.94  ? 2   LYS A HD2  1 
ATOM   36  H HD3  . LYS A 1 2  ? 2.579   -3.228  7.360   1.00 62.94  ? 2   LYS A HD3  1 
ATOM   37  H HE2  . LYS A 1 2  ? 2.618   -4.132  5.187   1.00 78.22  ? 2   LYS A HE2  1 
ATOM   38  H HE3  . LYS A 1 2  ? 3.848   -5.048  5.606   1.00 78.22  ? 2   LYS A HE3  1 
ATOM   39  H HZ1  . LYS A 1 2  ? 1.922   -6.240  5.601   1.00 93.85  ? 2   LYS A HZ1  1 
ATOM   40  H HZ2  . LYS A 1 2  ? 2.440   -6.209  6.952   1.00 93.85  ? 2   LYS A HZ2  1 
ATOM   41  H HZ3  . LYS A 1 2  ? 1.318   -5.369  6.588   1.00 93.85  ? 2   LYS A HZ3  1 
ATOM   42  N N    . LEU A 1 3  ? 4.166   0.787   5.747   1.00 27.70  ? 3   LEU A N    1 
ATOM   43  C CA   . LEU A 1 3  ? 3.041   1.681   5.499   1.00 25.96  ? 3   LEU A CA   1 
ATOM   44  C C    . LEU A 1 3  ? 1.763   0.877   5.365   1.00 27.46  ? 3   LEU A C    1 
ATOM   45  O O    . LEU A 1 3  ? 1.706   -0.063  4.563   1.00 29.33  ? 3   LEU A O    1 
ATOM   46  C CB   . LEU A 1 3  ? 3.273   2.480   4.229   1.00 28.93  ? 3   LEU A CB   1 
ATOM   47  C CG   . LEU A 1 3  ? 4.477   3.401   4.323   1.00 30.70  ? 3   LEU A CG   1 
ATOM   48  C CD1  . LEU A 1 3  ? 4.722   3.947   2.930   1.00 41.22  ? 3   LEU A CD1  1 
ATOM   49  C CD2  . LEU A 1 3  ? 4.245   4.436   5.336   1.00 32.40  ? 3   LEU A CD2  1 
ATOM   50  H H    . LEU A 1 3  ? 4.447   0.391   5.037   1.00 33.28  ? 3   LEU A H    1 
ATOM   51  H HA   . LEU A 1 3  ? 2.944   2.292   6.247   1.00 31.19  ? 3   LEU A HA   1 
ATOM   52  H HB2  . LEU A 1 3  ? 3.422   1.866   3.494   1.00 34.75  ? 3   LEU A HB2  1 
ATOM   53  H HB3  . LEU A 1 3  ? 2.491   3.025   4.053   1.00 34.75  ? 3   LEU A HB3  1 
ATOM   54  H HG   . LEU A 1 3  ? 5.280   2.943   4.617   1.00 36.89  ? 3   LEU A HG   1 
ATOM   55  H HD11 . LEU A 1 3  ? 5.299   4.724   2.993   1.00 49.51  ? 3   LEU A HD11 1 
ATOM   56  H HD12 . LEU A 1 3  ? 5.149   3.261   2.392   1.00 49.51  ? 3   LEU A HD12 1 
ATOM   57  H HD13 . LEU A 1 3  ? 3.873   4.196   2.534   1.00 49.51  ? 3   LEU A HD13 1 
ATOM   58  H HD21 . LEU A 1 3  ? 4.949   5.100   5.275   1.00 38.92  ? 3   LEU A HD21 1 
ATOM   59  H HD22 . LEU A 1 3  ? 3.383   4.850   5.173   1.00 38.92  ? 3   LEU A HD22 1 
ATOM   60  H HD23 . LEU A 1 3  ? 4.254   4.026   6.215   1.00 38.92  ? 3   LEU A HD23 1 
ATOM   61  N N    . VAL A 1 4  ? 0.773   1.219   6.185   1.00 29.10  ? 4   VAL A N    1 
ATOM   62  C CA   . VAL A 1 4  ? -0.497  0.481   6.185   1.00 28.39  ? 4   VAL A CA   1 
ATOM   63  C C    . VAL A 1 4  ? -1.541  1.421   5.617   1.00 30.60  ? 4   VAL A C    1 
ATOM   64  O O    . VAL A 1 4  ? -1.590  2.580   6.054   1.00 27.41  ? 4   VAL A O    1 
ATOM   65  C CB   . VAL A 1 4  ? -0.862  -0.012  7.567   1.00 30.36  ? 4   VAL A CB   1 
ATOM   66  C CG1  . VAL A 1 4  ? 0.241   -0.899  8.096   1.00 40.66  ? 4   VAL A CG1  1 
ATOM   67  C CG2  . VAL A 1 4  ? -1.129  1.138   8.510   1.00 46.16  ? 4   VAL A CG2  1 
ATOM   68  H H    . VAL A 1 4  ? 0.808   1.868   6.749   1.00 34.97  ? 4   VAL A H    1 
ATOM   69  H HA   . VAL A 1 4  ? -0.439  -0.319  5.640   1.00 34.11  ? 4   VAL A HA   1 
ATOM   70  H HB   . VAL A 1 4  ? -1.681  -0.528  7.510   1.00 36.47  ? 4   VAL A HB   1 
ATOM   71  H HG11 . VAL A 1 4  ? -0.006  -1.219  8.977   1.00 48.83  ? 4   VAL A HG11 1 
ATOM   72  H HG12 . VAL A 1 4  ? 0.358   -1.650  7.493   1.00 48.83  ? 4   VAL A HG12 1 
ATOM   73  H HG13 . VAL A 1 4  ? 1.062   -0.385  8.147   1.00 48.83  ? 4   VAL A HG13 1 
ATOM   74  H HG21 . VAL A 1 4  ? -1.345  0.783   9.387   1.00 55.44  ? 4   VAL A HG21 1 
ATOM   75  H HG22 . VAL A 1 4  ? -0.334  1.692   8.564   1.00 55.44  ? 4   VAL A HG22 1 
ATOM   76  H HG23 . VAL A 1 4  ? -1.873  1.659   8.171   1.00 55.44  ? 4   VAL A HG23 1 
HETATM 77  N N    . H7V A 1 5  ? -2.353  0.998   4.654   1.00 34.68  ? 5   H7V A N    1 
HETATM 78  C CA   . H7V A 1 5  ? -3.292  1.904   4.050   1.00 30.69  ? 5   H7V A CA   1 
HETATM 79  C C    . H7V A 1 5  ? -4.619  1.719   4.217   1.00 31.45  ? 5   H7V A C    1 
HETATM 80  O O    . H7V A 1 5  ? -5.085  0.663   4.325   1.00 30.65  ? 5   H7V A O    1 
HETATM 81  C CB   . H7V A 1 5  ? -3.033  2.110   2.517   1.00 32.90  ? 5   H7V A CB   1 
HETATM 82  C C01  . H7V A 1 5  ? -1.547  2.350   2.240   1.00 35.48  ? 5   H7V A C01  1 
HETATM 83  C C02  . H7V A 1 5  ? -1.120  1.528   1.033   1.00 36.16  ? 5   H7V A C02  1 
HETATM 84  C C03  . H7V A 1 5  ? 0.223   2.052   0.500   1.00 45.54  ? 5   H7V A C03  1 
HETATM 85  C C04  . H7V A 1 5  ? 0.301   3.564   0.279   1.00 36.02  ? 5   H7V A C04  1 
HETATM 86  C C05  . H7V A 1 5  ? 0.041   4.271   1.600   1.00 34.27  ? 5   H7V A C05  1 
HETATM 87  C C06  . H7V A 1 5  ? -1.425  3.810   1.919   1.00 31.41  ? 5   H7V A C06  1 
HETATM 88  C C07  . H7V A 1 5  ? -2.282  -0.256  3.895   1.00 40.22  ? 5   H7V A C07  1 
HETATM 89  H HA   . H7V A 1 5  ? -3.108  2.689   4.589   1.00 36.87  ? 5   H7V A HA   1 
HETATM 90  H HB2  . H7V A 1 5  ? -3.321  1.317   2.038   1.00 39.52  ? 5   H7V A HB2  1 
HETATM 91  H HB1  . H7V A 1 5  ? -3.542  2.876   2.209   1.00 39.52  ? 5   H7V A HB1  1 
HETATM 92  H H07  . H7V A 1 5  ? -0.991  2.099   2.995   1.00 42.62  ? 5   H7V A H07  1 
HETATM 93  H H09  . H7V A 1 5  ? -1.024  0.598   1.294   1.00 43.43  ? 5   H7V A H09  1 
HETATM 94  H H10  . H7V A 1 5  ? -1.794  1.600   0.339   1.00 43.43  ? 5   H7V A H10  1 
HETATM 95  H H11  . H7V A 1 5  ? 0.397   1.618   -0.350  1.00 54.69  ? 5   H7V A H11  1 
HETATM 96  H H12  . H7V A 1 5  ? 0.913   1.807   1.135   1.00 54.69  ? 5   H7V A H12  1 
HETATM 97  H H14  . H7V A 1 5  ? -0.367  3.833   -0.370  1.00 43.27  ? 5   H7V A H14  1 
HETATM 98  H H13  . H7V A 1 5  ? 1.183   3.800   -0.047  1.00 43.27  ? 5   H7V A H13  1 
HETATM 99  H H16  . H7V A 1 5  ? 0.095   5.235   1.501   1.00 41.17  ? 5   H7V A H16  1 
HETATM 100 H H15  . H7V A 1 5  ? 0.661   3.980   2.286   1.00 41.17  ? 5   H7V A H15  1 
HETATM 101 H H17  . H7V A 1 5  ? -1.978  3.999   1.144   1.00 37.74  ? 5   H7V A H17  1 
HETATM 102 H H18  . H7V A 1 5  ? -1.743  4.317   2.683   1.00 37.74  ? 5   H7V A H18  1 
HETATM 103 H H04  . H7V A 1 5  ? -2.161  -0.998  4.507   1.00 48.31  ? 5   H7V A H04  1 
HETATM 104 H H03  . H7V A 1 5  ? -1.532  -0.219  3.280   1.00 48.31  ? 5   H7V A H03  1 
HETATM 105 H H02  . H7V A 1 5  ? -3.104  -0.379  3.395   1.00 48.31  ? 5   H7V A H02  1 
ATOM   106 N N    . PHE A 1 6  ? -5.324  2.832   4.354   1.00 27.36  ? 6   PHE A N    1 
ATOM   107 C CA   . PHE A 1 6  ? -6.776  2.844   4.522   1.00 28.36  ? 6   PHE A CA   1 
ATOM   108 C C    . PHE A 1 6  ? -7.362  3.870   3.568   1.00 33.39  ? 6   PHE A C    1 
ATOM   109 O O    . PHE A 1 6  ? -6.744  4.870   3.201   1.00 28.97  ? 6   PHE A O    1 
ATOM   110 C CB   . PHE A 1 6  ? -7.155  3.207   5.949   1.00 26.07  ? 6   PHE A CB   1 
ATOM   111 C CG   . PHE A 1 6  ? -6.771  2.193   6.929   1.00 30.26  ? 6   PHE A CG   1 
ATOM   112 C CD1  . PHE A 1 6  ? -5.528  2.244   7.490   1.00 38.29  ? 6   PHE A CD1  1 
ATOM   113 C CD2  . PHE A 1 6  ? -7.663  1.175   7.273   1.00 37.89  ? 6   PHE A CD2  1 
ATOM   114 C CE1  . PHE A 1 6  ? -5.155  1.279   8.402   1.00 40.45  ? 6   PHE A CE1  1 
ATOM   115 C CE2  . PHE A 1 6  ? -7.306  0.203   8.167   1.00 44.86  ? 6   PHE A CE2  1 
ATOM   116 C CZ   . PHE A 1 6  ? -6.047  0.248   8.734   1.00 48.08  ? 6   PHE A CZ   1 
ATOM   117 H H    . PHE A 1 6  ? -4.979  3.620   4.355   1.00 32.88  ? 6   PHE A H    1 
ATOM   118 H HA   . PHE A 1 6  ? -7.141  1.964   4.339   1.00 34.08  ? 6   PHE A HA   1 
ATOM   119 H HB2  . PHE A 1 6  ? -6.711  4.036   6.189   1.00 31.32  ? 6   PHE A HB2  1 
ATOM   120 H HB3  . PHE A 1 6  ? -8.117  3.319   5.999   1.00 31.32  ? 6   PHE A HB3  1 
ATOM   121 H HD1  . PHE A 1 6  ? -4.936  2.923   7.258   1.00 45.99  ? 6   PHE A HD1  1 
ATOM   122 H HD2  . PHE A 1 6  ? -8.510  1.158   6.890   1.00 45.51  ? 6   PHE A HD2  1 
ATOM   123 H HE1  . PHE A 1 6  ? -4.314  1.313   8.796   1.00 48.58  ? 6   PHE A HE1  1 
ATOM   124 H HE2  . PHE A 1 6  ? -7.901  -0.477  8.389   1.00 53.87  ? 6   PHE A HE2  1 
ATOM   125 H HZ   . PHE A 1 6  ? -5.789  -0.409  9.340   1.00 57.74  ? 6   PHE A HZ   1 
ATOM   126 N N    . ALA A 1 7  ? -8.609  3.659   3.191   1.00 30.07  ? 7   ALA A N    1 
ATOM   127 C CA   . ALA A 1 7  ? -9.326  4.643   2.414   1.00 27.41  ? 7   ALA A CA   1 
ATOM   128 C C    . ALA A 1 7  ? -10.639 4.933   3.092   1.00 38.33  ? 7   ALA A C    1 
ATOM   129 O O    . ALA A 1 7  ? -11.349 4.004   3.439   1.00 36.20  ? 7   ALA A O    1 
ATOM   130 C CB   . ALA A 1 7  ? -9.594  4.142   1.002   1.00 35.69  ? 7   ALA A CB   1 
ATOM   131 H H    . ALA A 1 7  ? -9.061  2.950   3.374   1.00 36.12  ? 7   ALA A H    1 
ATOM   132 H HA   . ALA A 1 7  ? -8.801  5.457   2.365   1.00 32.93  ? 7   ALA A HA   1 
ATOM   133 H HB1  . ALA A 1 7  ? -10.162 4.780   0.544   1.00 42.88  ? 7   ALA A HB1  1 
ATOM   134 H HB2  . ALA A 1 7  ? -8.750  4.054   0.533   1.00 42.88  ? 7   ALA A HB2  1 
ATOM   135 H HB3  . ALA A 1 7  ? -10.037 3.281   1.052   1.00 42.88  ? 7   ALA A HB3  1 
ATOM   136 N N    . GLU A 1 8  ? -10.925 6.204   3.305   1.00 41.98  ? 8   GLU A N    1 
ATOM   137 C CA   . GLU A 1 8  ? -12.167 6.637   3.914   1.00 49.58  ? 8   GLU A CA   1 
ATOM   138 C C    . GLU A 1 8  ? -12.820 7.668   3.030   1.00 49.34  ? 8   GLU A C    1 
ATOM   139 O O    . GLU A 1 8  ? -12.410 8.840   3.013   1.00 47.80  ? 8   GLU A O    1 
ATOM   140 C CB   . GLU A 1 8  ? -11.920 7.229   5.288   1.00 43.97  ? 8   GLU A CB   1 
ATOM   141 C CG   . GLU A 1 8  ? -11.341 6.257   6.268   1.00 41.62  ? 8   GLU A CG   1 
ATOM   142 C CD   . GLU A 1 8  ? -12.250 5.058   6.502   1.00 50.30  ? 8   GLU A CD   1 
ATOM   143 O OE1  . GLU A 1 8  ? -13.474 5.195   6.252   1.00 49.79  ? 8   GLU A OE1  1 
ATOM   144 O OE2  . GLU A 1 8  ? -11.723 4.002   6.932   1.00 42.87  ? 8   GLU A OE2  1 
ATOM   145 H H    . GLU A 1 8  ? -10.401 6.854   3.100   1.00 50.42  ? 8   GLU A H    1 
ATOM   146 H HA   . GLU A 1 8  ? -12.759 5.877   4.026   1.00 59.54  ? 8   GLU A HA   1 
ATOM   147 H HB2  . GLU A 1 8  ? -11.299 7.969   5.202   1.00 52.80  ? 8   GLU A HB2  1 
ATOM   148 H HB3  . GLU A 1 8  ? -12.763 7.544   5.648   1.00 52.80  ? 8   GLU A HB3  1 
ATOM   149 H HG2  . GLU A 1 8  ? -10.493 5.931   5.929   1.00 49.99  ? 8   GLU A HG2  1 
ATOM   150 H HG3  . GLU A 1 8  ? -11.207 6.705   7.118   1.00 49.99  ? 8   GLU A HG3  1 
HETATM 151 N N    . ORN A 1 9  ? -12.969 10.537  -1.442  1.00 48.89  ? 9   ORN A N    1 
HETATM 152 C CA   . ORN A 1 9  ? -12.378 9.766   -0.248  1.00 49.27  ? 9   ORN A CA   1 
HETATM 153 C CB   . ORN A 1 9  ? -12.647 8.244   -0.359  1.00 52.88  ? 9   ORN A CB   1 
HETATM 154 C CG   . ORN A 1 9  ? -14.110 7.834   -0.095  1.00 53.85  ? 9   ORN A CG   1 
HETATM 155 C CD   . ORN A 1 9  ? -14.547 8.087   1.357   1.00 63.00  ? 9   ORN A CD   1 
HETATM 156 N NE   . ORN A 1 9  ? -13.848 7.207   2.250   1.00 43.40  ? 9   ORN A NE   1 
HETATM 157 C C    . ORN A 1 9  ? -10.878 10.002  -0.143  1.00 49.83  ? 9   ORN A C    1 
HETATM 158 O O    . ORN A 1 9  ? -10.154 10.075  -1.137  1.00 55.85  ? 9   ORN A O    1 
HETATM 159 H H    . ORN A 1 9  ? -12.765 10.116  -2.351  1.00 58.71  ? 9   ORN A H    1 
HETATM 160 H HA   . ORN A 1 9  ? -12.863 10.198  0.633   1.00 59.16  ? 9   ORN A HA   1 
HETATM 161 H HB2  . ORN A 1 9  ? -12.392 7.919   -1.378  1.00 63.50  ? 9   ORN A HB2  1 
HETATM 162 H HB3  . ORN A 1 9  ? -12.021 7.725   0.379   1.00 63.50  ? 9   ORN A HB3  1 
HETATM 163 H HG2  . ORN A 1 9  ? -14.765 8.399   -0.767  1.00 64.66  ? 9   ORN A HG2  1 
HETATM 164 H HG3  . ORN A 1 9  ? -14.229 6.769   -0.322  1.00 64.66  ? 9   ORN A HG3  1 
HETATM 165 H HD2  . ORN A 1 9  ? -15.623 7.905   1.445   1.00 75.65  ? 9   ORN A HD2  1 
HETATM 166 H HD3  . ORN A 1 9  ? -14.320 9.123   1.626   1.00 75.65  ? 9   ORN A HD3  1 
HETATM 167 H HE1  . ORN A 1 9  ? -14.166 6.235   2.266   1.00 52.13  ? 9   ORN A HE1  1 
ATOM   168 N N    . ALA A 1 10 ? -10.385 10.124  1.122   1.00 41.97  ? 10  ALA A N    1 
ATOM   169 C CA   . ALA A 1 10 ? -8.979  10.350  1.320   1.00 48.27  ? 10  ALA A CA   1 
ATOM   170 C C    . ALA A 1 10 ? -8.401  9.026   1.678   1.00 37.47  ? 10  ALA A C    1 
ATOM   171 O O    . ALA A 1 10 ? -9.025  8.191   2.314   1.00 37.69  ? 10  ALA A O    1 
ATOM   172 C CB   . ALA A 1 10 ? -8.691  11.362  2.386   1.00 51.60  ? 10  ALA A CB   1 
ATOM   173 H H    . ALA A 1 10 ? -10.854 10.077  1.842   1.00 50.41  ? 10  ALA A H    1 
ATOM   174 H HA   . ALA A 1 10 ? -8.575  10.722  0.520   1.00 57.97  ? 10  ALA A HA   1 
ATOM   175 H HB1  . ALA A 1 10 ? -7.732  11.497  2.443   1.00 61.96  ? 10  ALA A HB1  1 
ATOM   176 H HB2  . ALA A 1 10 ? -9.128  12.197  2.156   1.00 61.96  ? 10  ALA A HB2  1 
ATOM   177 H HB3  . ALA A 1 10 ? -9.029  11.034  3.234   1.00 61.96  ? 10  ALA A HB3  1 
ATOM   178 N N    . ILE A 1 11 ? -7.204  8.856   1.202   1.00 36.82  ? 11  ILE A N    1 
ATOM   179 C CA   . ILE A 1 11 ? -6.394  7.701   1.475   1.00 32.03  ? 11  ILE A CA   1 
ATOM   180 C C    . ILE A 1 11 ? -5.428  8.117   2.538   1.00 30.04  ? 11  ILE A C    1 
ATOM   181 O O    . ILE A 1 11 ? -4.893  9.227   2.486   1.00 31.13  ? 11  ILE A O    1 
ATOM   182 C CB   . ILE A 1 11 ? -5.679  7.219   0.217   1.00 31.46  ? 11  ILE A CB   1 
ATOM   183 C CG1  . ILE A 1 11 ? -6.781  6.829   -0.771  1.00 38.97  ? 11  ILE A CG1  1 
ATOM   184 C CG2  . ILE A 1 11 ? -4.730  6.097   0.560   1.00 35.70  ? 11  ILE A CG2  1 
ATOM   185 C CD1  . ILE A 1 11 ? -6.247  6.161   -1.965  1.00 45.02  ? 11  ILE A CD1  1 
ATOM   186 H H    . ILE A 1 11 ? -6.813  9.425   0.690   1.00 44.23  ? 11  ILE A H    1 
ATOM   187 H HA   . ILE A 1 11 ? -6.934  6.961   1.796   1.00 38.48  ? 11  ILE A HA   1 
ATOM   188 H HB   . ILE A 1 11 ? -5.123  7.903   -0.186  1.00 37.79  ? 11  ILE A HB   1 
ATOM   189 H HG12 . ILE A 1 11 ? -7.397  6.220   -0.335  1.00 46.81  ? 11  ILE A HG12 1 
ATOM   190 H HG13 . ILE A 1 11 ? -7.250  7.628   -1.056  1.00 46.81  ? 11  ILE A HG13 1 
ATOM   191 H HG21 . ILE A 1 11 ? -4.239  5.846   -0.238  1.00 42.89  ? 11  ILE A HG21 1 
ATOM   192 H HG22 . ILE A 1 11 ? -4.115  6.402   1.245   1.00 42.89  ? 11  ILE A HG22 1 
ATOM   193 H HG23 . ILE A 1 11 ? -5.240  5.340   0.886   1.00 42.89  ? 11  ILE A HG23 1 
ATOM   194 H HD11 . ILE A 1 11 ? -5.520  6.692   -2.325  1.00 54.07  ? 11  ILE A HD11 1 
ATOM   195 H HD12 . ILE A 1 11 ? -6.954  6.079   -2.624  1.00 54.07  ? 11  ILE A HD12 1 
ATOM   196 H HD13 . ILE A 1 11 ? -5.922  5.281   -1.717  1.00 54.07  ? 11  ILE A HD13 1 
ATOM   197 N N    . ILE A 1 12 ? -5.277  7.296   3.559   1.00 26.01  ? 12  ILE A N    1 
ATOM   198 C CA   . ILE A 1 12 ? -4.344  7.558   4.626   1.00 25.94  ? 12  ILE A CA   1 
ATOM   199 C C    . ILE A 1 12 ? -3.365  6.405   4.694   1.00 28.05  ? 12  ILE A C    1 
ATOM   200 O O    . ILE A 1 12 ? -3.778  5.238   4.756   1.00 29.53  ? 12  ILE A O    1 
ATOM   201 C CB   . ILE A 1 12 ? -5.023  7.690   6.001   1.00 36.57  ? 12  ILE A CB   1 
ATOM   202 C CG1  . ILE A 1 12 ? -6.197  8.665   6.020   1.00 47.19  ? 12  ILE A CG1  1 
ATOM   203 C CG2  . ILE A 1 12 ? -3.988  8.127   6.997   1.00 40.21  ? 12  ILE A CG2  1 
ATOM   204 C CD1  . ILE A 1 12 ? -6.111  9.809   5.091   1.00 50.51  ? 12  ILE A CD1  1 
ATOM   205 H H    . ILE A 1 12 ? -5.716  6.562   3.655   1.00 31.25  ? 12  ILE A H    1 
ATOM   206 H HA   . ILE A 1 12 ? -3.887  8.387   4.416   1.00 31.17  ? 12  ILE A HA   1 
ATOM   207 H HB   . ILE A 1 12 ? -5.392  6.820   6.222   1.00 43.92  ? 12  ILE A HB   1 
ATOM   208 H HG12 . ILE A 1 12 ? -7.002  8.173   5.794   1.00 56.67  ? 12  ILE A HG12 1 
ATOM   209 H HG13 . ILE A 1 12 ? -6.271  9.031   6.916   1.00 56.67  ? 12  ILE A HG13 1 
ATOM   210 H HG21 . ILE A 1 12 ? -4.404  8.206   7.870   1.00 48.30  ? 12  ILE A HG21 1 
ATOM   211 H HG22 . ILE A 1 12 ? -3.279  7.466   7.026   1.00 48.30  ? 12  ILE A HG22 1 
ATOM   212 H HG23 . ILE A 1 12 ? -3.629  8.985   6.722   1.00 48.30  ? 12  ILE A HG23 1 
ATOM   213 H HD11 . ILE A 1 12 ? -6.876  10.389  5.234   1.00 60.66  ? 12  ILE A HD11 1 
ATOM   214 H HD12 . ILE A 1 12 ? -5.290  10.295  5.263   1.00 60.66  ? 12  ILE A HD12 1 
ATOM   215 H HD13 . ILE A 1 12 ? -6.116  9.477   4.179   1.00 60.66  ? 12  ILE A HD13 1 
ATOM   216 N N    . GLY A 1 13 ? -2.071  6.713   4.772   1.00 28.46  ? 13  GLY A N    1 
ATOM   217 C CA   . GLY A 1 13 ? -1.032  5.733   5.030   1.00 25.28  ? 13  GLY A CA   1 
ATOM   218 C C    . GLY A 1 13 ? -0.348  6.030   6.341   1.00 27.14  ? 13  GLY A C    1 
ATOM   219 O O    . GLY A 1 13 ? 0.105   7.147   6.557   1.00 30.43  ? 13  GLY A O    1 
ATOM   220 H H    . GLY A 1 13 ? -1.763  7.510   4.676   1.00 34.19  ? 13  GLY A H    1 
ATOM   221 H HA2  . GLY A 1 13 ? -1.420  4.845   5.072   1.00 30.38  ? 13  GLY A HA2  1 
ATOM   222 H HA3  . GLY A 1 13 ? -0.373  5.757   4.318   1.00 30.38  ? 13  GLY A HA3  1 
ATOM   223 N N    . LEU A 1 14 ? -0.333  5.066   7.240   1.00 26.77  ? 14  LEU A N    1 
ATOM   224 C CA   . LEU A 1 14 ? 0.252   5.224   8.555   1.00 32.38  ? 14  LEU A CA   1 
ATOM   225 C C    . LEU A 1 14 ? 1.496   4.368   8.654   1.00 29.54  ? 14  LEU A C    1 
ATOM   226 O O    . LEU A 1 14 ? 1.558   3.293   8.055   1.00 31.08  ? 14  LEU A O    1 
ATOM   227 C CB   . LEU A 1 14 ? -0.741  4.837   9.648   1.00 35.35  ? 14  LEU A CB   1 
ATOM   228 C CG   . LEU A 1 14 ? -1.962  5.761   9.532   1.00 42.37  ? 14  LEU A CG   1 
ATOM   229 C CD1  . LEU A 1 14 ? -3.056  5.279   10.483  1.00 49.67  ? 14  LEU A CD1  1 
ATOM   230 C CD2  . LEU A 1 14 ? -1.602  7.247   9.775   1.00 35.23  ? 14  LEU A CD2  1 
ATOM   231 H H    . LEU A 1 14 ? -0.666  4.284   7.107   1.00 32.17  ? 14  LEU A H    1 
ATOM   232 H HA   . LEU A 1 14 ? 0.500   6.151   8.697   1.00 38.90  ? 14  LEU A HA   1 
ATOM   233 H HB2  . LEU A 1 14 ? -1.023  3.916   9.530   1.00 42.47  ? 14  LEU A HB2  1 
ATOM   234 H HB3  . LEU A 1 14 ? -0.335  4.950   10.522  1.00 42.47  ? 14  LEU A HB3  1 
ATOM   235 H HG   . LEU A 1 14 ? -2.301  5.724   8.624   1.00 50.88  ? 14  LEU A HG   1 
ATOM   236 H HD11 . LEU A 1 14 ? -3.817  5.876   10.419  1.00 59.64  ? 14  LEU A HD11 1 
ATOM   237 H HD12 . LEU A 1 14 ? -3.319  4.379   10.230  1.00 59.64  ? 14  LEU A HD12 1 
ATOM   238 H HD13 . LEU A 1 14 ? -2.709  5.279   11.389  1.00 59.64  ? 14  LEU A HD13 1 
ATOM   239 H HD21 . LEU A 1 14 ? -2.272  7.644   10.353  1.00 42.32  ? 14  LEU A HD21 1 
ATOM   240 H HD22 . LEU A 1 14 ? -0.730  7.296   10.198  1.00 42.32  ? 14  LEU A HD22 1 
ATOM   241 H HD23 . LEU A 1 14 ? -1.583  7.711   8.923   1.00 42.32  ? 14  LEU A HD23 1 
ATOM   242 N N    . MET A 1 15 ? 2.452   4.846   9.436   1.00 34.17  ? 15  MET A N    1 
ATOM   243 C CA   . MET A 1 15 ? 3.639   4.061   9.672   1.00 35.07  ? 15  MET A CA   1 
ATOM   244 C C    . MET A 1 15 ? 3.589   3.139   10.882  1.00 39.79  ? 15  MET A C    1 
ATOM   245 O O    . MET A 1 15 ? 3.197   3.504   11.986  1.00 39.18  ? 15  MET A O    1 
ATOM   246 C CB   . MET A 1 15 ? 4.858   4.991   9.838   1.00 36.07  ? 15  MET A CB   1 
ATOM   247 C CG   . MET A 1 15 ? 5.199   5.778   8.594   1.00 39.23  ? 15  MET A CG   1 
ATOM   248 S SD   . MET A 1 15 ? 6.417   7.055   8.871   1.00 55.49  ? 15  MET A SD   1 
ATOM   249 C CE   . MET A 1 15 ? 7.745   6.037   9.443   1.00 47.23  ? 15  MET A CE   1 
ATOM   250 H H    . MET A 1 15 ? 2.432   5.609   9.832   1.00 41.05  ? 15  MET A H    1 
ATOM   251 H HA   . MET A 1 15 ? 3.727   3.495   8.889   1.00 42.12  ? 15  MET A HA   1 
ATOM   252 H HB2  . MET A 1 15 ? 4.670   5.626   10.549  1.00 43.32  ? 15  MET A HB2  1 
ATOM   253 H HB3  . MET A 1 15 ? 5.630   4.453   10.070  1.00 43.32  ? 15  MET A HB3  1 
ATOM   254 H HG2  . MET A 1 15 ? 5.553   5.171   7.925   1.00 47.12  ? 15  MET A HG2  1 
ATOM   255 H HG3  . MET A 1 15 ? 4.393   6.205   8.261   1.00 47.12  ? 15  MET A HG3  1 
ATOM   256 H HE1  . MET A 1 15 ? 8.487   6.604   9.708   1.00 56.72  ? 15  MET A HE1  1 
ATOM   257 H HE2  . MET A 1 15 ? 7.441   5.516   10.202  1.00 56.72  ? 15  MET A HE2  1 
ATOM   258 H HE3  . MET A 1 15 ? 8.022   5.446   8.726   1.00 56.72  ? 15  MET A HE3  1 
ATOM   259 N N    . VAL A 1 16 ? 4.079   1.932   10.640  1.00 31.31  ? 16  VAL A N    1 
ATOM   260 C CA   . VAL A 1 16 ? 4.211   0.868   11.662  1.00 36.74  ? 16  VAL A CA   1 
ATOM   261 C C    . VAL A 1 16 ? 5.724   0.633   11.556  1.00 35.12  ? 16  VAL A C    1 
ATOM   262 O O    . VAL A 1 16 ? 6.177   -0.242  10.821  1.00 37.45  ? 16  VAL A O    1 
ATOM   263 C CB   . VAL A 1 16 ? 3.373   -0.347  11.390  1.00 38.72  ? 16  VAL A CB   1 
ATOM   264 C CG1  . VAL A 1 16 ? 3.544   -1.375  12.470  1.00 39.94  ? 16  VAL A CG1  1 
ATOM   265 C CG2  . VAL A 1 16 ? 1.916   0.051   11.352  1.00 40.82  ? 16  VAL A CG2  1 
ATOM   266 H H    . VAL A 1 16 ? 4.400   1.709   9.870   1.00 37.62  ? 16  VAL A H    1 
ATOM   267 H HA   . VAL A 1 16 ? 3.898   1.094   12.552  1.00 44.13  ? 16  VAL A HA   1 
ATOM   268 H HB   . VAL A 1 16 ? 3.653   -0.727  10.543  1.00 46.51  ? 16  VAL A HB   1 
ATOM   269 H HG11 . VAL A 1 16 ? 3.001   -2.149  12.256  1.00 47.97  ? 16  VAL A HG11 1 
ATOM   270 H HG12 . VAL A 1 16 ? 4.479   -1.629  12.519  1.00 47.97  ? 16  VAL A HG12 1 
ATOM   271 H HG13 . VAL A 1 16 ? 3.259   -0.995  13.316  1.00 47.97  ? 16  VAL A HG13 1 
ATOM   272 H HG21 . VAL A 1 16 ? 1.378   -0.738  11.180  1.00 49.03  ? 16  VAL A HG21 1 
ATOM   273 H HG22 . VAL A 1 16 ? 1.671   0.436   12.209  1.00 49.03  ? 16  VAL A HG22 1 
ATOM   274 H HG23 . VAL A 1 16 ? 1.784   0.703   10.647  1.00 49.03  ? 16  VAL A HG23 1 
HETATM 275 N N    . ORN B 1 1  ? 0.655   -10.175 -7.965  1.00 56.62  ? 1   ORN B N    1 
HETATM 276 C CA   . ORN B 1 1  ? 1.364   -10.283 -6.672  1.00 52.72  ? 1   ORN B CA   1 
HETATM 277 C CB   . ORN B 1 1  ? 2.886   -10.304 -6.888  1.00 59.60  ? 1   ORN B CB   1 
HETATM 278 C CG   . ORN B 1 1  ? 3.468   -11.692 -7.076  1.00 69.55  ? 1   ORN B CG   1 
HETATM 279 C CD   . ORN B 1 1  ? 3.831   -12.431 -5.743  1.00 50.81  ? 1   ORN B CD   1 
HETATM 280 N NE   . ORN B 1 1  ? 4.587   -11.606 -4.832  1.00 51.01  ? 1   ORN B NE   1 
HETATM 281 C C    . ORN B 1 1  ? 1.084   -9.117  -5.755  1.00 44.03  ? 1   ORN B C    1 
HETATM 282 O O    . ORN B 1 1  ? 1.162   -7.955  -6.150  1.00 42.13  ? 1   ORN B O    1 
HETATM 283 H H1   . ORN B 1 1  ? 1.051   -9.478  -8.599  1.00 67.99  ? 1   ORN B H1   1 
HETATM 284 H H2   . ORN B 1 1  ? -0.330  -9.915  -7.878  1.00 67.99  ? 1   ORN B H2   1 
HETATM 285 H H3   . ORN B 1 1  ? 0.647   -11.042 -8.508  1.00 67.99  ? 1   ORN B H3   1 
HETATM 286 H HA   . ORN B 1 1  ? 0.949   -11.195 -6.233  1.00 63.30  ? 1   ORN B HA   1 
HETATM 287 H HB2  . ORN B 1 1  ? 3.119   -9.722  -7.789  1.00 71.56  ? 1   ORN B HB2  1 
HETATM 288 H HB3  . ORN B 1 1  ? 3.368   -9.860  -6.006  1.00 71.56  ? 1   ORN B HB3  1 
HETATM 289 H HG2  . ORN B 1 1  ? 4.375   -11.609 -7.687  1.00 83.51  ? 1   ORN B HG2  1 
HETATM 290 H HG3  . ORN B 1 1  ? 2.744   -12.303 -7.626  1.00 83.51  ? 1   ORN B HG3  1 
HETATM 291 H HD2  . ORN B 1 1  ? 2.904   -12.733 -5.249  1.00 61.02  ? 1   ORN B HD2  1 
HETATM 292 H HD3  . ORN B 1 1  ? 4.430   -13.314 -5.987  1.00 61.02  ? 1   ORN B HD3  1 
HETATM 293 H HE1  . ORN B 1 1  ? 5.306   -11.025 -5.254  1.00 61.26  ? 1   ORN B HE1  1 
ATOM   294 N N    . LYS B 1 2  ? 0.813   -9.410  -4.450  1.00 41.47  ? 2   LYS B N    1 
ATOM   295 C CA   . LYS B 1 2  ? 0.581   -8.305  -3.504  1.00 35.05  ? 2   LYS B CA   1 
ATOM   296 C C    . LYS B 1 2  ? 1.829   -7.433  -3.346  1.00 40.32  ? 2   LYS B C    1 
ATOM   297 O O    . LYS B 1 2  ? 2.963   -7.905  -3.485  1.00 38.80  ? 2   LYS B O    1 
ATOM   298 C CB   . LYS B 1 2  ? 0.122   -8.865  -2.150  1.00 46.01  ? 2   LYS B CB   1 
ATOM   299 C CG   . LYS B 1 2  ? -0.245  -7.874  -1.013  1.00 38.36  ? 2   LYS B CG   1 
ATOM   300 C CD   . LYS B 1 2  ? -0.657  -8.692  0.264   1.00 54.42  ? 2   LYS B CD   1 
ATOM   301 C CE   . LYS B 1 2  ? 0.250   -8.461  1.483   1.00 60.46  ? 2   LYS B CE   1 
ATOM   302 N NZ   . LYS B 1 2  ? -0.445  -8.724  2.787   1.00 68.34  ? 2   LYS B NZ   1 
ATOM   303 H H    . LYS B 1 2  ? 0.762   -10.201 -4.117  1.00 49.81  ? 2   LYS B H    1 
ATOM   304 H HA   . LYS B 1 2  ? -0.123  -7.730  -3.843  1.00 41.84  ? 2   LYS B HA   1 
ATOM   305 H HB2  . LYS B 1 2  ? -0.668  -9.403  -2.309  1.00 55.25  ? 2   LYS B HB2  1 
ATOM   306 H HB3  . LYS B 1 2  ? 0.839   -9.422  -1.806  1.00 55.25  ? 2   LYS B HB3  1 
ATOM   307 H HG2  . LYS B 1 2  ? 0.520   -7.319  -0.798  1.00 46.08  ? 2   LYS B HG2  1 
ATOM   308 H HG3  . LYS B 1 2  ? -0.992  -7.320  -1.286  1.00 46.08  ? 2   LYS B HG3  1 
ATOM   309 H HD2  . LYS B 1 2  ? -1.559  -8.438  0.518   1.00 65.34  ? 2   LYS B HD2  1 
ATOM   310 H HD3  . LYS B 1 2  ? -0.626  -9.638  0.050   1.00 65.34  ? 2   LYS B HD3  1 
ATOM   311 H HE2  . LYS B 1 2  ? 1.013   -9.057  1.426   1.00 72.59  ? 2   LYS B HE2  1 
ATOM   312 H HE3  . LYS B 1 2  ? 0.549   -7.538  1.483   1.00 72.59  ? 2   LYS B HE3  1 
ATOM   313 H HZ1  . LYS B 1 2  ? 0.110   -8.564  3.465   1.00 82.05  ? 2   LYS B HZ1  1 
ATOM   314 H HZ2  . LYS B 1 2  ? -1.155  -8.194  2.865   1.00 82.05  ? 2   LYS B HZ2  1 
ATOM   315 H HZ3  . LYS B 1 2  ? -0.710  -9.572  2.825   1.00 82.05  ? 2   LYS B HZ3  1 
ATOM   316 N N    . LEU B 1 3  ? 1.618   -6.154  -3.089  1.00 32.45  ? 3   LEU B N    1 
ATOM   317 C CA   . LEU B 1 3  ? 2.673   -5.198  -2.841  1.00 30.26  ? 3   LEU B CA   1 
ATOM   318 C C    . LEU B 1 3  ? 2.672   -4.822  -1.367  1.00 34.24  ? 3   LEU B C    1 
ATOM   319 O O    . LEU B 1 3  ? 1.605   -4.648  -0.772  1.00 33.13  ? 3   LEU B O    1 
ATOM   320 C CB   . LEU B 1 3  ? 2.507   -3.889  -3.609  1.00 29.18  ? 3   LEU B CB   1 
ATOM   321 C CG   . LEU B 1 3  ? 2.691   -4.050  -5.102  1.00 31.27  ? 3   LEU B CG   1 
ATOM   322 C CD1  . LEU B 1 3  ? 2.275   -2.802  -5.864  1.00 31.57  ? 3   LEU B CD1  1 
ATOM   323 C CD2  . LEU B 1 3  ? 4.127   -4.323  -5.342  1.00 39.26  ? 3   LEU B CD2  1 
ATOM   324 H H    . LEU B 1 3  ? 0.834   -5.802  -3.052  1.00 38.98  ? 3   LEU B H    1 
ATOM   325 H HA   . LEU B 1 3  ? 3.504   -5.620  -3.113  1.00 36.35  ? 3   LEU B HA   1 
ATOM   326 H HB2  . LEU B 1 3  ? 1.615   -3.544  -3.452  1.00 35.06  ? 3   LEU B HB2  1 
ATOM   327 H HB3  . LEU B 1 3  ? 3.168   -3.253  -3.292  1.00 35.06  ? 3   LEU B HB3  1 
ATOM   328 H HG   . LEU B 1 3  ? 2.134   -4.775  -5.426  1.00 37.57  ? 3   LEU B HG   1 
ATOM   329 H HD11 . LEU B 1 3  ? 2.412   -2.951  -6.812  1.00 37.93  ? 3   LEU B HD11 1 
ATOM   330 H HD12 . LEU B 1 3  ? 1.338   -2.623  -5.689  1.00 37.93  ? 3   LEU B HD12 1 
ATOM   331 H HD13 . LEU B 1 3  ? 2.816   -2.054  -5.564  1.00 37.93  ? 3   LEU B HD13 1 
ATOM   332 H HD21 . LEU B 1 3  ? 4.304   -4.263  -6.294  1.00 47.15  ? 3   LEU B HD21 1 
ATOM   333 H HD22 . LEU B 1 3  ? 4.657   -3.666  -4.864  1.00 47.15  ? 3   LEU B HD22 1 
ATOM   334 H HD23 . LEU B 1 3  ? 4.336   -5.213  -5.022  1.00 47.15  ? 3   LEU B HD23 1 
ATOM   335 N N    . VAL B 1 4  ? 3.862   -4.660  -0.812  1.00 30.56  ? 4   VAL B N    1 
ATOM   336 C CA   . VAL B 1 4  ? 4.031   -4.180  0.556   1.00 29.38  ? 4   VAL B CA   1 
ATOM   337 C C    . VAL B 1 4  ? 4.868   -2.902  0.548   1.00 33.07  ? 4   VAL B C    1 
ATOM   338 O O    . VAL B 1 4  ? 5.925   -2.915  -0.035  1.00 28.78  ? 4   VAL B O    1 
ATOM   339 C CB   . VAL B 1 4  ? 4.705   -5.277  1.398   1.00 34.87  ? 4   VAL B CB   1 
ATOM   340 C CG1  . VAL B 1 4  ? 4.892   -4.793  2.795   1.00 47.96  ? 4   VAL B CG1  1 
ATOM   341 C CG2  . VAL B 1 4  ? 3.904   -6.591  1.334   1.00 40.29  ? 4   VAL B CG2  1 
ATOM   342 H H    . VAL B 1 4  ? 4.606   -4.823  -1.212  1.00 36.72  ? 4   VAL B H    1 
ATOM   343 H HA   . VAL B 1 4  ? 3.172   -3.971  0.954   1.00 35.30  ? 4   VAL B HA   1 
ATOM   344 H HB   . VAL B 1 4  ? 5.583   -5.477  1.036   1.00 41.88  ? 4   VAL B HB   1 
ATOM   345 H HG11 . VAL B 1 4  ? 5.300   -5.499  3.321   1.00 57.60  ? 4   VAL B HG11 1 
ATOM   346 H HG12 . VAL B 1 4  ? 4.027   -4.560  3.167   1.00 57.60  ? 4   VAL B HG12 1 
ATOM   347 H HG13 . VAL B 1 4  ? 5.469   -4.014  2.784   1.00 57.60  ? 4   VAL B HG13 1 
ATOM   348 H HG21 . VAL B 1 4  ? 4.372   -7.271  1.844   1.00 48.39  ? 4   VAL B HG21 1 
ATOM   349 H HG22 . VAL B 1 4  ? 3.023   -6.442  1.712   1.00 48.39  ? 4   VAL B HG22 1 
ATOM   350 H HG23 . VAL B 1 4  ? 3.825   -6.868  0.408   1.00 48.39  ? 4   VAL B HG23 1 
HETATM 351 N N    . H7V B 1 5  ? 4.439   -1.845  1.230   1.00 31.95  ? 5   H7V B N    1 
HETATM 352 C CA   . H7V B 1 5  ? 5.225   -0.598  1.344   1.00 28.11  ? 5   H7V B CA   1 
HETATM 353 C C    . H7V B 1 5  ? 5.861   -0.306  2.500   1.00 29.84  ? 5   H7V B C    1 
HETATM 354 O O    . H7V B 1 5  ? 5.435   -0.602  3.567   1.00 30.14  ? 5   H7V B O    1 
HETATM 355 C CB   . H7V B 1 5  ? 4.401   0.600   0.897   1.00 27.05  ? 5   H7V B CB   1 
HETATM 356 C C01  . H7V B 1 5  ? 4.305   0.799   -0.588  1.00 36.35  ? 5   H7V B C01  1 
HETATM 357 C C02  . H7V B 1 5  ? 3.874   -0.350  -1.429  1.00 47.39  ? 5   H7V B C02  1 
HETATM 358 C C03  . H7V B 1 5  ? 3.831   0.040   -2.911  1.00 32.31  ? 5   H7V B C03  1 
HETATM 359 C C04  . H7V B 1 5  ? 2.862   1.166   -3.266  1.00 32.18  ? 5   H7V B C04  1 
HETATM 360 C C05  . H7V B 1 5  ? 3.090   2.287   -2.264  1.00 54.27  ? 5   H7V B C05  1 
HETATM 361 C C06  . H7V B 1 5  ? 3.189   1.835   -0.771  1.00 46.21  ? 5   H7V B C06  1 
HETATM 362 C C07  . H7V B 1 5  ? 3.329   -1.852  2.196   1.00 38.80  ? 5   H7V B C07  1 
HETATM 363 H HA   . H7V B 1 5  ? 5.977   -0.790  0.763   1.00 33.78  ? 5   H7V B HA   1 
HETATM 364 H HB2  . H7V B 1 5  ? 3.502   0.490   1.243   1.00 32.50  ? 5   H7V B HB2  1 
HETATM 365 H HB1  . H7V B 1 5  ? 4.800   1.396   1.279   1.00 32.50  ? 5   H7V B HB1  1 
HETATM 366 H H07  . H7V B 1 5  ? 5.205   1.014   -0.875  1.00 43.66  ? 5   H7V B H07  1 
HETATM 367 H H09  . H7V B 1 5  ? 4.501   -1.082  -1.312  1.00 56.92  ? 5   H7V B H09  1 
HETATM 368 H H10  . H7V B 1 5  ? 2.990   -0.634  -1.150  1.00 56.92  ? 5   H7V B H10  1 
HETATM 369 H H11  . H7V B 1 5  ? 3.574   -0.746  -3.419  1.00 38.81  ? 5   H7V B H11  1 
HETATM 370 H H12  . H7V B 1 5  ? 4.722   0.317   -3.173  1.00 38.81  ? 5   H7V B H12  1 
HETATM 371 H H14  . H7V B 1 5  ? 1.948   0.849   -3.208  1.00 38.66  ? 5   H7V B H14  1 
HETATM 372 H H13  . H7V B 1 5  ? 3.039   1.484   -4.165  1.00 38.66  ? 5   H7V B H13  1 
HETATM 373 H H16  . H7V B 1 5  ? 2.351   2.911   -2.340  1.00 65.17  ? 5   H7V B H16  1 
HETATM 374 H H15  . H7V B 1 5  ? 3.919   2.734   -2.498  1.00 65.17  ? 5   H7V B H15  1 
HETATM 375 H H17  . H7V B 1 5  ? 2.345   1.442   -0.503  1.00 55.49  ? 5   H7V B H17  1 
HETATM 376 H H18  . H7V B 1 5  ? 3.385   2.609   -0.220  1.00 55.49  ? 5   H7V B H18  1 
HETATM 377 H H04  . H7V B 1 5  ? 3.312   -1.010  2.675   1.00 46.61  ? 5   H7V B H04  1 
HETATM 378 H H03  . H7V B 1 5  ? 2.491   -1.973  1.723   1.00 46.61  ? 5   H7V B H03  1 
HETATM 379 H H02  . H7V B 1 5  ? 3.453   -2.580  2.826   1.00 46.61  ? 5   H7V B H02  1 
ATOM   380 N N    . PHE B 1 6  ? 7.067   0.271   2.360   1.00 28.23  ? 6   PHE B N    1 
ATOM   381 C CA   . PHE B 1 6  ? 7.866   0.690   3.514   1.00 26.58  ? 6   PHE B CA   1 
ATOM   382 C C    . PHE B 1 6  ? 8.389   2.105   3.291   1.00 32.06  ? 6   PHE B C    1 
ATOM   383 O O    . PHE B 1 6  ? 8.686   2.532   2.170   1.00 35.32  ? 6   PHE B O    1 
ATOM   384 C CB   . PHE B 1 6  ? 9.051   -0.228  3.766   1.00 30.70  ? 6   PHE B CB   1 
ATOM   385 C CG   . PHE B 1 6  ? 8.674   -1.675  3.963   1.00 31.50  ? 6   PHE B CG   1 
ATOM   386 C CD1  . PHE B 1 6  ? 8.430   -2.497  2.866   1.00 30.59  ? 6   PHE B CD1  1 
ATOM   387 C CD2  . PHE B 1 6  ? 8.604   -2.214  5.229   1.00 33.77  ? 6   PHE B CD2  1 
ATOM   388 C CE1  . PHE B 1 6  ? 8.115   -3.811  3.040   1.00 34.91  ? 6   PHE B CE1  1 
ATOM   389 C CE2  . PHE B 1 6  ? 8.300   -3.548  5.407   1.00 34.29  ? 6   PHE B CE2  1 
ATOM   390 C CZ   . PHE B 1 6  ? 8.027   -4.319  4.299   1.00 33.46  ? 6   PHE B CZ   1 
ATOM   391 H H    . PHE B 1 6  ? 7.441   0.431   1.602   1.00 33.92  ? 6   PHE B H    1 
ATOM   392 H HA   . PHE B 1 6  ? 7.299   0.653   4.300   1.00 31.95  ? 6   PHE B HA   1 
ATOM   393 H HB2  . PHE B 1 6  ? 9.650   -0.180  3.005   1.00 36.88  ? 6   PHE B HB2  1 
ATOM   394 H HB3  . PHE B 1 6  ? 9.509   0.069   4.568   1.00 36.88  ? 6   PHE B HB3  1 
ATOM   395 H HD1  . PHE B 1 6  ? 8.483   -2.146  2.007   1.00 36.75  ? 6   PHE B HD1  1 
ATOM   396 H HD2  . PHE B 1 6  ? 8.763   -1.674  5.969   1.00 40.57  ? 6   PHE B HD2  1 
ATOM   397 H HE1  . PHE B 1 6  ? 7.962   -4.357  2.304   1.00 41.94  ? 6   PHE B HE1  1 
ATOM   398 H HE2  . PHE B 1 6  ? 8.280   -3.920  6.259   1.00 41.19  ? 6   PHE B HE2  1 
ATOM   399 H HZ   . PHE B 1 6  ? 7.776   -5.208  4.413   1.00 40.19  ? 6   PHE B HZ   1 
ATOM   400 N N    . ALA B 1 7  ? 8.550   2.799   4.403   1.00 30.79  ? 7   ALA B N    1 
ATOM   401 C CA   . ALA B 1 7  ? 9.141   4.137   4.425   1.00 32.53  ? 7   ALA B CA   1 
ATOM   402 C C    . ALA B 1 7  ? 10.488  4.001   5.107   1.00 34.04  ? 7   ALA B C    1 
ATOM   403 O O    . ALA B 1 7  ? 10.571  3.693   6.308   1.00 38.26  ? 7   ALA B O    1 
ATOM   404 C CB   . ALA B 1 7  ? 8.230   5.125   5.153   1.00 33.54  ? 7   ALA B CB   1 
ATOM   405 H H    . ALA B 1 7  ? 8.319   2.513   5.180   1.00 36.99  ? 7   ALA B H    1 
ATOM   406 H HA   . ALA B 1 7  ? 9.271   4.474   3.525   1.00 39.08  ? 7   ALA B HA   1 
ATOM   407 H HB1  . ALA B 1 7  ? 8.638   6.005   5.133   1.00 40.29  ? 7   ALA B HB1  1 
ATOM   408 H HB2  . ALA B 1 7  ? 7.369   5.150   4.707   1.00 40.29  ? 7   ALA B HB2  1 
ATOM   409 H HB3  . ALA B 1 7  ? 8.117   4.834   6.072   1.00 40.29  ? 7   ALA B HB3  1 
ATOM   410 N N    . GLU B 1 8  ? 11.549  4.266   4.341   1.00 40.88  ? 8   GLU B N    1 
ATOM   411 C CA   . GLU B 1 8  ? 12.910  4.138   4.802   1.00 53.90  ? 8   GLU B CA   1 
ATOM   412 C C    . GLU B 1 8  ? 13.647  5.465   4.628   1.00 45.92  ? 8   GLU B C    1 
ATOM   413 O O    . GLU B 1 8  ? 14.062  5.808   3.527   1.00 51.84  ? 8   GLU B O    1 
ATOM   414 C CB   . GLU B 1 8  ? 13.635  3.023   4.042   1.00 59.48  ? 8   GLU B CB   1 
ATOM   415 C CG   . GLU B 1 8  ? 13.217  1.623   4.467   1.00 58.28  ? 8   GLU B CG   1 
ATOM   416 C CD   . GLU B 1 8  ? 13.866  1.177   5.786   1.00 59.06  ? 8   GLU B CD   1 
ATOM   417 O OE1  . GLU B 1 8  ? 14.881  1.780   6.228   1.00 68.37  ? 8   GLU B OE1  1 
ATOM   418 O OE2  . GLU B 1 8  ? 13.337  0.229   6.403   1.00 66.62  ? 8   GLU B OE2  1 
ATOM   419 H H    . GLU B 1 8  ? 11.494  4.529   3.524   1.00 49.10  ? 8   GLU B H    1 
ATOM   420 H HA   . GLU B 1 8  ? 12.916  3.901   5.743   1.00 64.73  ? 8   GLU B HA   1 
ATOM   421 H HB2  . GLU B 1 8  ? 13.445  3.116   3.096   1.00 71.42  ? 8   GLU B HB2  1 
ATOM   422 H HB3  . GLU B 1 8  ? 14.590  3.108   4.199   1.00 71.42  ? 8   GLU B HB3  1 
ATOM   423 H HG2  . GLU B 1 8  ? 12.254  1.604   4.585   1.00 69.98  ? 8   GLU B HG2  1 
ATOM   424 H HG3  . GLU B 1 8  ? 13.478  0.992   3.777   1.00 69.98  ? 8   GLU B HG3  1 
HETATM 425 N N    . ORN B 1 9  ? 14.595  10.397  3.008   1.00 63.70  ? 9   ORN B N    1 
HETATM 426 C CA   . ORN B 1 9  ? 13.947  9.051   3.084   1.00 62.52  ? 9   ORN B CA   1 
HETATM 427 C CB   . ORN B 1 9  ? 12.952  8.929   4.283   1.00 61.57  ? 9   ORN B CB   1 
HETATM 428 C CG   . ORN B 1 9  ? 13.577  8.697   5.673   1.00 63.52  ? 9   ORN B CG   1 
HETATM 429 C CD   . ORN B 1 9  ? 14.520  7.488   5.723   1.00 54.09  ? 9   ORN B CD   1 
HETATM 430 N NE   . ORN B 1 9  ? 13.801  6.223   5.760   1.00 48.39  ? 9   ORN B NE   1 
HETATM 431 C C    . ORN B 1 9  ? 13.138  8.800   1.826   1.00 53.22  ? 9   ORN B C    1 
HETATM 432 O O    . ORN B 1 9  ? 12.656  9.721   1.151   1.00 52.67  ? 9   ORN B O    1 
HETATM 433 H H    . ORN B 1 9  ? 15.063  10.583  2.118   1.00 76.48  ? 9   ORN B H    1 
HETATM 434 H HA   . ORN B 1 9  ? 14.787  8.356   3.168   1.00 75.06  ? 9   ORN B HA   1 
HETATM 435 H HB2  . ORN B 1 9  ? 12.286  8.077   4.084   1.00 73.92  ? 9   ORN B HB2  1 
HETATM 436 H HB3  . ORN B 1 9  ? 12.376  9.862   4.342   1.00 73.92  ? 9   ORN B HB3  1 
HETATM 437 H HG2  . ORN B 1 9  ? 14.136  9.594   5.964   1.00 76.27  ? 9   ORN B HG2  1 
HETATM 438 H HG3  . ORN B 1 9  ? 12.773  8.548   6.403   1.00 76.27  ? 9   ORN B HG3  1 
HETATM 439 H HD2  . ORN B 1 9  ? 15.154  7.503   4.832   1.00 64.95  ? 9   ORN B HD2  1 
HETATM 440 H HD3  . ORN B 1 9  ? 15.137  7.565   6.623   1.00 64.95  ? 9   ORN B HD3  1 
HETATM 441 H HE1  . ORN B 1 9  ? 13.461  5.919   6.675   1.00 58.11  ? 9   ORN B HE1  1 
ATOM   442 N N    . ALA B 1 10 ? 12.947  7.482   1.530   1.00 41.65  ? 10  ALA B N    1 
ATOM   443 C CA   . ALA B 1 10 ? 12.171  7.110   0.391   1.00 34.97  ? 10  ALA B CA   1 
ATOM   444 C C    . ALA B 1 10 ? 11.212  6.015   0.764   1.00 35.31  ? 10  ALA B C    1 
ATOM   445 O O    . ALA B 1 10 ? 11.373  5.353   1.808   1.00 35.60  ? 10  ALA B O    1 
ATOM   446 C CB   . ALA B 1 10 ? 13.052  6.658   -0.773  1.00 45.10  ? 10  ALA B CB   1 
ATOM   447 H H    . ALA B 1 10 ? 13.264  6.825   1.984   1.00 50.03  ? 10  ALA B H    1 
ATOM   448 H HA   . ALA B 1 10 ? 11.676  7.886   0.087   1.00 42.01  ? 10  ALA B HA   1 
ATOM   449 H HB1  . ALA B 1 10 ? 12.488  6.450   -1.534  1.00 54.16  ? 10  ALA B HB1  1 
ATOM   450 H HB2  . ALA B 1 10 ? 13.664  7.375   -1.002  1.00 54.16  ? 10  ALA B HB2  1 
ATOM   451 H HB3  . ALA B 1 10 ? 13.550  5.870   -0.505  1.00 54.16  ? 10  ALA B HB3  1 
ATOM   452 N N    . ILE B 1 11 ? 10.208  5.858   -0.074  1.00 32.23  ? 11  ILE B N    1 
ATOM   453 C CA   . ILE B 1 11 ? 9.288   4.733   0.027   1.00 31.10  ? 11  ILE B CA   1 
ATOM   454 C C    . ILE B 1 11 ? 9.779   3.620   -0.876  1.00 33.48  ? 11  ILE B C    1 
ATOM   455 O O    . ILE B 1 11 ? 10.224  3.854   -2.016  1.00 30.49  ? 11  ILE B O    1 
ATOM   456 C CB   . ILE B 1 11 ? 7.859   5.149   -0.341  1.00 33.40  ? 11  ILE B CB   1 
ATOM   457 C CG1  . ILE B 1 11 ? 7.327   6.070   0.732   1.00 33.02  ? 11  ILE B CG1  1 
ATOM   458 C CG2  . ILE B 1 11 ? 6.969   3.919   -0.486  1.00 31.75  ? 11  ILE B CG2  1 
ATOM   459 C CD1  . ILE B 1 11 ? 6.190   6.902   0.265   1.00 35.04  ? 11  ILE B CD1  1 
ATOM   460 H H    . ILE B 1 11 ? 10.032  6.395   -0.722  1.00 38.72  ? 11  ILE B H    1 
ATOM   461 H HA   . ILE B 1 11 ? 9.281   4.414   0.943   1.00 37.37  ? 11  ILE B HA   1 
ATOM   462 H HB   . ILE B 1 11 ? 7.865   5.615   -1.192  1.00 40.12  ? 11  ILE B HB   1 
ATOM   463 H HG12 . ILE B 1 11 ? 7.020   5.537   1.482   1.00 39.67  ? 11  ILE B HG12 1 
ATOM   464 H HG13 . ILE B 1 11 ? 8.038   6.666   1.016   1.00 39.67  ? 11  ILE B HG13 1 
ATOM   465 H HG21 . ILE B 1 11 ? 6.040   4.196   -0.468  1.00 38.14  ? 11  ILE B HG21 1 
ATOM   466 H HG22 . ILE B 1 11 ? 7.167   3.483   -1.330  1.00 38.14  ? 11  ILE B HG22 1 
ATOM   467 H HG23 . ILE B 1 11 ? 7.148   3.311   0.249   1.00 38.14  ? 11  ILE B HG23 1 
ATOM   468 H HD11 . ILE B 1 11 ? 5.935   7.515   0.972   1.00 42.09  ? 11  ILE B HD11 1 
ATOM   469 H HD12 . ILE B 1 11 ? 6.464   7.401   -0.521  1.00 42.09  ? 11  ILE B HD12 1 
ATOM   470 H HD13 . ILE B 1 11 ? 5.444   6.323   0.045   1.00 42.09  ? 11  ILE B HD13 1 
ATOM   471 N N    . ILE B 1 12 ? 9.701   2.389   -0.361  1.00 31.13  ? 12  ILE B N    1 
ATOM   472 C CA   . ILE B 1 12 ? 10.042  1.206   -1.126  1.00 30.82  ? 12  ILE B CA   1 
ATOM   473 C C    . ILE B 1 12 ? 8.853   0.270   -1.144  1.00 32.68  ? 12  ILE B C    1 
ATOM   474 O O    . ILE B 1 12 ? 8.273   -0.025  -0.098  1.00 30.40  ? 12  ILE B O    1 
ATOM   475 C CB   . ILE B 1 12 ? 11.256  0.474   -0.547  1.00 36.36  ? 12  ILE B CB   1 
ATOM   476 C CG1  . ILE B 1 12 ? 12.385  1.467   -0.300  1.00 50.42  ? 12  ILE B CG1  1 
ATOM   477 C CG2  . ILE B 1 12 ? 11.649  -0.628  -1.496  1.00 34.39  ? 12  ILE B CG2  1 
ATOM   478 C CD1  . ILE B 1 12 ? 13.363  1.622   -1.425  1.00 63.73  ? 12  ILE B CD1  1 
ATOM   479 H H    . ILE B 1 12 ? 9.450   2.221   0.445   1.00 37.39  ? 12  ILE B H    1 
ATOM   480 H HA   . ILE B 1 12 ? 10.239  1.483   -2.035  1.00 37.03  ? 12  ILE B HA   1 
ATOM   481 H HB   . ILE B 1 12 ? 11.042  0.071   0.309   1.00 43.67  ? 12  ILE B HB   1 
ATOM   482 H HG12 . ILE B 1 12 ? 11.994  2.340   -0.135  1.00 60.55  ? 12  ILE B HG12 1 
ATOM   483 H HG13 . ILE B 1 12 ? 12.884  1.176   0.479   1.00 60.55  ? 12  ILE B HG13 1 
ATOM   484 H HG21 . ILE B 1 12 ? 12.419  -1.096  -1.135  1.00 41.31  ? 12  ILE B HG21 1 
ATOM   485 H HG22 . ILE B 1 12 ? 10.904  -1.242  -1.594  1.00 41.31  ? 12  ILE B HG22 1 
ATOM   486 H HG23 . ILE B 1 12 ? 11.873  -0.239  -2.356  1.00 41.31  ? 12  ILE B HG23 1 
ATOM   487 H HD11 . ILE B 1 12 ? 14.038  2.271   -1.172  1.00 76.52  ? 12  ILE B HD11 1 
ATOM   488 H HD12 . ILE B 1 12 ? 13.780  0.763   -1.601  1.00 76.52  ? 12  ILE B HD12 1 
ATOM   489 H HD13 . ILE B 1 12 ? 12.890  1.926   -2.215  1.00 76.52  ? 12  ILE B HD13 1 
ATOM   490 N N    . GLY B 1 13 ? 8.527   -0.235  -2.337  1.00 29.64  ? 13  GLY B N    1 
ATOM   491 C CA   . GLY B 1 13 ? 7.435   -1.185  -2.502  1.00 28.95  ? 13  GLY B CA   1 
ATOM   492 C C    . GLY B 1 13 ? 7.945   -2.479  -3.046  1.00 28.79  ? 13  GLY B C    1 
ATOM   493 O O    . GLY B 1 13 ? 8.614   -2.557  -4.096  1.00 31.98  ? 13  GLY B O    1 
ATOM   494 H H    . GLY B 1 13 ? 8.929   -0.039  -3.072  1.00 35.61  ? 13  GLY B H    1 
ATOM   495 H HA2  . GLY B 1 13 ? 7.013   -1.349  -1.644  1.00 34.78  ? 13  GLY B HA2  1 
ATOM   496 H HA3  . GLY B 1 13 ? 6.776   -0.825  -3.116  1.00 34.78  ? 13  GLY B HA3  1 
ATOM   497 N N    . LEU B 1 14 ? 7.713   -3.572  -2.322  1.00 29.85  ? 14  LEU B N    1 
ATOM   498 C CA   . LEU B 1 14 ? 8.259   -4.849  -2.702  1.00 30.81  ? 14  LEU B CA   1 
ATOM   499 C C    . LEU B 1 14 ? 7.143   -5.827  -2.986  1.00 31.37  ? 14  LEU B C    1 
ATOM   500 O O    . LEU B 1 14 ? 6.089   -5.780  -2.328  1.00 32.77  ? 14  LEU B O    1 
ATOM   501 C CB   . LEU B 1 14 ? 9.185   -5.420  -1.628  1.00 36.00  ? 14  LEU B CB   1 
ATOM   502 C CG   . LEU B 1 14 ? 10.407  -4.518  -1.384  1.00 32.82  ? 14  LEU B CG   1 
ATOM   503 C CD1  . LEU B 1 14 ? 11.092  -4.965  -0.118  1.00 37.69  ? 14  LEU B CD1  1 
ATOM   504 C CD2  . LEU B 1 14 ? 11.309  -4.538  -2.563  1.00 45.15  ? 14  LEU B CD2  1 
ATOM   505 H H    . LEU B 1 14 ? 7.239   -3.588  -1.605  1.00 35.86  ? 14  LEU B H    1 
ATOM   506 H HA   . LEU B 1 14 ? 8.778   -4.734  -3.514  1.00 37.01  ? 14  LEU B HA   1 
ATOM   507 H HB2  . LEU B 1 14 ? 8.694   -5.501  -0.795  1.00 43.25  ? 14  LEU B HB2  1 
ATOM   508 H HB3  . LEU B 1 14 ? 9.501   -6.293  -1.912  1.00 43.25  ? 14  LEU B HB3  1 
ATOM   509 H HG   . LEU B 1 14 ? 10.141  -3.593  -1.266  1.00 39.43  ? 14  LEU B HG   1 
ATOM   510 H HD11 . LEU B 1 14 ? 11.845  -4.379  0.058   1.00 45.27  ? 14  LEU B HD11 1 
ATOM   511 H HD12 . LEU B 1 14 ? 10.460  -4.923  0.616   1.00 45.27  ? 14  LEU B HD12 1 
ATOM   512 H HD13 . LEU B 1 14 ? 11.405  -5.876  -0.234  1.00 45.27  ? 14  LEU B HD13 1 
ATOM   513 H HD21 . LEU B 1 14 ? 12.115  -4.040  -2.354  1.00 54.22  ? 14  LEU B HD21 1 
ATOM   514 H HD22 . LEU B 1 14 ? 11.534  -5.458  -2.774  1.00 54.22  ? 14  LEU B HD22 1 
ATOM   515 H HD23 . LEU B 1 14 ? 10.854  -4.129  -3.316  1.00 54.22  ? 14  LEU B HD23 1 
ATOM   516 N N    . MET B 1 15 ? 7.354   -6.650  -4.015  1.00 38.13  ? 15  MET B N    1 
ATOM   517 C CA   . MET B 1 15 ? 6.335   -7.604  -4.476  1.00 34.57  ? 15  MET B CA   1 
ATOM   518 C C    . MET B 1 15 ? 6.441   -8.875  -3.671  1.00 36.92  ? 15  MET B C    1 
ATOM   519 O O    . MET B 1 15 ? 7.538   -9.427  -3.459  1.00 39.17  ? 15  MET B O    1 
ATOM   520 C CB   . MET B 1 15 ? 6.477   -7.948  -5.958  1.00 42.52  ? 15  MET B CB   1 
ATOM   521 C CG   . MET B 1 15 ? 6.719   -6.801  -6.888  1.00 58.90  ? 15  MET B CG   1 
ATOM   522 S SD   . MET B 1 15 ? 6.381   -7.192  -8.625  1.00 69.34  ? 15  MET B SD   1 
ATOM   523 C CE   . MET B 1 15 ? 4.943   -8.226  -8.533  1.00 50.54  ? 15  MET B CE   1 
ATOM   524 H H    . MET B 1 15 ? 8.084   -6.677  -4.468  1.00 45.80  ? 15  MET B H    1 
ATOM   525 H HA   . MET B 1 15 ? 5.466   -7.186  -4.370  1.00 41.53  ? 15  MET B HA   1 
ATOM   526 H HB2  . MET B 1 15 ? 7.226   -8.556  -6.057  1.00 51.07  ? 15  MET B HB2  1 
ATOM   527 H HB3  . MET B 1 15 ? 5.659   -8.380  -6.247  1.00 51.07  ? 15  MET B HB3  1 
ATOM   528 H HG2  . MET B 1 15 ? 6.142   -6.064  -6.632  1.00 70.72  ? 15  MET B HG2  1 
ATOM   529 H HG3  . MET B 1 15 ? 7.648   -6.533  -6.820  1.00 70.72  ? 15  MET B HG3  1 
ATOM   530 H HE1  . MET B 1 15 ? 4.532   -8.275  -9.411  1.00 60.69  ? 15  MET B HE1  1 
ATOM   531 H HE2  . MET B 1 15 ? 5.209   -9.112  -8.241  1.00 60.69  ? 15  MET B HE2  1 
ATOM   532 H HE3  . MET B 1 15 ? 4.318   -7.842  -7.897  1.00 60.69  ? 15  MET B HE3  1 
ATOM   533 N N    . VAL B 1 16 ? 5.275   -9.379  -3.315  1.00 40.49  ? 16  VAL B N    1 
ATOM   534 C CA   . VAL B 1 16 ? 5.095   -10.651 -2.583  1.00 42.19  ? 16  VAL B CA   1 
ATOM   535 C C    . VAL B 1 16 ? 4.269   -11.563 -3.484  1.00 51.16  ? 16  VAL B C    1 
ATOM   536 O O    . VAL B 1 16 ? 3.378   -12.256 -3.021  1.00 64.72  ? 16  VAL B O    1 
ATOM   537 C CB   . VAL B 1 16 ? 4.451   -10.354 -1.211  1.00 43.42  ? 16  VAL B CB   1 
ATOM   538 C CG1  . VAL B 1 16 ? 3.880   -11.594 -0.527  1.00 54.51  ? 16  VAL B CG1  1 
ATOM   539 C CG2  . VAL B 1 16 ? 5.491   -9.630  -0.350  1.00 44.78  ? 16  VAL B CG2  1 
ATOM   540 H H    . VAL B 1 16 ? 4.529   -8.998  -3.500  1.00 48.63  ? 16  VAL B H    1 
ATOM   541 H HA   . VAL B 1 16 ? 5.926   -11.113 -2.387  1.00 50.67  ? 16  VAL B HA   1 
ATOM   542 H HB   . VAL B 1 16 ? 3.676   -9.784  -1.335  1.00 52.15  ? 16  VAL B HB   1 
ATOM   543 H HG11 . VAL B 1 16 ? 3.570   -11.352 0.359   1.00 65.46  ? 16  VAL B HG11 1 
ATOM   544 H HG12 . VAL B 1 16 ? 3.142   -11.934 -1.055  1.00 65.46  ? 16  VAL B HG12 1 
ATOM   545 H HG13 . VAL B 1 16 ? 4.577   -12.267 -0.461  1.00 65.46  ? 16  VAL B HG13 1 
ATOM   546 H HG21 . VAL B 1 16 ? 5.118   -9.478  0.533   1.00 53.78  ? 16  VAL B HG21 1 
ATOM   547 H HG22 . VAL B 1 16 ? 6.285   -10.182 -0.282  1.00 53.78  ? 16  VAL B HG22 1 
ATOM   548 H HG23 . VAL B 1 16 ? 5.711   -8.783  -0.767  1.00 53.78  ? 16  VAL B HG23 1 
HETATM 549 N N    . ORN C 1 1  ? -11.994 1.854   5.021   1.00 37.83  ? 1   ORN C N    1 
HETATM 550 C CA   . ORN C 1 1  ? -11.707 0.428   4.587   1.00 36.05  ? 1   ORN C CA   1 
HETATM 551 C CB   . ORN C 1 1  ? -12.299 0.091   3.221   1.00 36.41  ? 1   ORN C CB   1 
HETATM 552 C CG   . ORN C 1 1  ? -13.803 -0.261  3.329   1.00 45.69  ? 1   ORN C CG   1 
HETATM 553 C CD   . ORN C 1 1  ? -14.025 -1.651  3.905   1.00 40.63  ? 1   ORN C CD   1 
HETATM 554 N NE   . ORN C 1 1  ? -13.428 -2.633  3.094   1.00 44.85  ? 1   ORN C NE   1 
HETATM 555 C C    . ORN C 1 1  ? -10.185 0.284   4.459   1.00 35.05  ? 1   ORN C C    1 
HETATM 556 O O    . ORN C 1 1  ? -9.460  1.230   4.186   1.00 33.45  ? 1   ORN C O    1 
HETATM 557 H H1   . ORN C 1 1  ? -11.868 2.548   4.280   1.00 45.44  ? 1   ORN C H1   1 
HETATM 558 H H2   . ORN C 1 1  ? -11.402 2.183   5.787   1.00 45.44  ? 1   ORN C H2   1 
HETATM 559 H H3   . ORN C 1 1  ? -12.951 2.002   5.353   1.00 45.44  ? 1   ORN C H3   1 
HETATM 560 H HA   . ORN C 1 1  ? -12.130 -0.208  5.369   1.00 43.30  ? 1   ORN C HA   1 
HETATM 561 H HB2  . ORN C 1 1  ? -11.771 -0.778  2.802   1.00 43.74  ? 1   ORN C HB2  1 
HETATM 562 H HB3  . ORN C 1 1  ? -12.194 0.960   2.557   1.00 43.74  ? 1   ORN C HB3  1 
HETATM 563 H HG2  . ORN C 1 1  ? -14.258 -0.207  2.334   1.00 54.87  ? 1   ORN C HG2  1 
HETATM 564 H HG3  . ORN C 1 1  ? -14.299 0.477   3.969   1.00 54.87  ? 1   ORN C HG3  1 
HETATM 565 H HD2  . ORN C 1 1  ? -13.580 -1.697  4.903   1.00 48.80  ? 1   ORN C HD2  1 
HETATM 566 H HD3  . ORN C 1 1  ? -15.100 -1.843  3.965   1.00 48.80  ? 1   ORN C HD3  1 
HETATM 567 H HE1  . ORN C 1 1  ? -13.883 -2.793  2.181   1.00 53.87  ? 1   ORN C HE1  1 
ATOM   568 N N    . LYS C 1 2  ? -9.685  -0.971  4.630   1.00 39.04  ? 2   LYS C N    1 
ATOM   569 C CA   . LYS C 1 2  ? -8.268  -1.215  4.480   1.00 34.44  ? 2   LYS C CA   1 
ATOM   570 C C    . LYS C 1 2  ? -7.991  -1.327  2.961   1.00 35.47  ? 2   LYS C C    1 
ATOM   571 O O    . LYS C 1 2  ? -8.813  -1.808  2.178   1.00 36.09  ? 2   LYS C O    1 
ATOM   572 C CB   . LYS C 1 2  ? -7.849  -2.457  5.240   1.00 46.84  ? 2   LYS C CB   1 
ATOM   573 C CG   . LYS C 1 2  ? -6.396  -2.818  5.074   1.00 53.23  ? 2   LYS C CG   1 
ATOM   574 C CD   . LYS C 1 2  ? -5.812  -3.349  6.391   1.00 62.59  ? 2   LYS C CD   1 
ATOM   575 C CE   . LYS C 1 2  ? -4.297  -3.487  6.294   1.00 92.40  ? 2   LYS C CE   1 
ATOM   576 N NZ   . LYS C 1 2  ? -3.835  -3.957  4.933   1.00 78.69  ? 2   LYS C NZ   1 
ATOM   577 H H    . LYS C 1 2  ? -10.152 -1.664  4.829   1.00 46.89  ? 2   LYS C H    1 
ATOM   578 H HA   . LYS C 1 2  ? -7.730  -0.501  4.855   1.00 41.37  ? 2   LYS C HA   1 
ATOM   579 H HB2  . LYS C 1 2  ? -8.012  -2.312  6.185   1.00 56.25  ? 2   LYS C HB2  1 
ATOM   580 H HB3  . LYS C 1 2  ? -8.377  -3.207  4.923   1.00 56.25  ? 2   LYS C HB3  1 
ATOM   581 H HG2  . LYS C 1 2  ? -6.307  -3.508  4.398   1.00 63.92  ? 2   LYS C HG2  1 
ATOM   582 H HG3  . LYS C 1 2  ? -5.894  -2.030  4.811   1.00 63.92  ? 2   LYS C HG3  1 
ATOM   583 H HD2  . LYS C 1 2  ? -6.020  -2.731  7.109   1.00 75.15  ? 2   LYS C HD2  1 
ATOM   584 H HD3  . LYS C 1 2  ? -6.189  -4.221  6.583   1.00 75.15  ? 2   LYS C HD3  1 
ATOM   585 H HE2  . LYS C 1 2  ? -3.889  -2.624  6.466   1.00 110.93 ? 2   LYS C HE2  1 
ATOM   586 H HE3  . LYS C 1 2  ? -3.996  -4.133  6.952   1.00 110.93 ? 2   LYS C HE3  1 
ATOM   587 H HZ1  . LYS C 1 2  ? -2.947  -4.017  4.916   1.00 94.47  ? 2   LYS C HZ1  1 
ATOM   588 H HZ2  . LYS C 1 2  ? -4.182  -4.758  4.754   1.00 94.47  ? 2   LYS C HZ2  1 
ATOM   589 H HZ3  . LYS C 1 2  ? -4.098  -3.382  4.306   1.00 94.47  ? 2   LYS C HZ3  1 
ATOM   590 N N    . LEU C 1 3  ? -6.842  -0.824  2.516   1.00 32.00  ? 3   LEU C N    1 
ATOM   591 C CA   . LEU C 1 3  ? -6.418  -0.816  1.143   1.00 29.15  ? 3   LEU C CA   1 
ATOM   592 C C    . LEU C 1 3  ? -5.284  -1.808  0.939   1.00 36.54  ? 3   LEU C C    1 
ATOM   593 O O    . LEU C 1 3  ? -4.304  -1.800  1.684   1.00 37.61  ? 3   LEU C O    1 
ATOM   594 C CB   . LEU C 1 3  ? -5.902  0.568   0.739   1.00 32.33  ? 3   LEU C CB   1 
ATOM   595 C CG   . LEU C 1 3  ? -6.600  1.316   -0.334  1.00 44.19  ? 3   LEU C CG   1 
ATOM   596 C CD1  . LEU C 1 3  ? -5.785  2.605   -0.543  1.00 35.29  ? 3   LEU C CD1  1 
ATOM   597 C CD2  . LEU C 1 3  ? -6.743  0.530   -1.631  1.00 38.83  ? 3   LEU C CD2  1 
ATOM   598 H H    . LEU C 1 3  ? -6.262  -0.461  3.035   1.00 38.44  ? 3   LEU C H    1 
ATOM   599 H HA   . LEU C 1 3  ? -7.174  -1.067  0.590   1.00 35.02  ? 3   LEU C HA   1 
ATOM   600 H HB2  . LEU C 1 3  ? -5.932  1.131   1.530   1.00 38.83  ? 3   LEU C HB2  1 
ATOM   601 H HB3  . LEU C 1 3  ? -4.984  0.460   0.445   1.00 38.83  ? 3   LEU C HB3  1 
ATOM   602 H HG   . LEU C 1 3  ? -7.515  1.506   -0.076  1.00 53.07  ? 3   LEU C HG   1 
ATOM   603 H HD11 . LEU C 1 3  ? -6.170  3.106   -1.280  1.00 42.39  ? 3   LEU C HD11 1 
ATOM   604 H HD12 . LEU C 1 3  ? -5.818  3.135   0.269   1.00 42.39  ? 3   LEU C HD12 1 
ATOM   605 H HD13 . LEU C 1 3  ? -4.867  2.368   -0.747  1.00 42.39  ? 3   LEU C HD13 1 
ATOM   606 H HD21 . LEU C 1 3  ? -7.059  1.126   -2.329  1.00 46.64  ? 3   LEU C HD21 1 
ATOM   607 H HD22 . LEU C 1 3  ? -5.878  0.165   -1.876  1.00 46.64  ? 3   LEU C HD22 1 
ATOM   608 H HD23 . LEU C 1 3  ? -7.380  -0.188  -1.496  1.00 46.64  ? 3   LEU C HD23 1 
ATOM   609 N N    . VAL C 1 4  ? -5.418  -2.647  -0.101  1.00 37.43  ? 4   VAL C N    1 
ATOM   610 C CA   . VAL C 1 4  ? -4.373  -3.606  -0.451  1.00 38.73  ? 4   VAL C CA   1 
ATOM   611 C C    . VAL C 1 4  ? -3.914  -3.363  -1.879  1.00 34.38  ? 4   VAL C C    1 
ATOM   612 O O    . VAL C 1 4  ? -4.781  -3.288  -2.746  1.00 33.44  ? 4   VAL C O    1 
ATOM   613 C CB   . VAL C 1 4  ? -4.899  -5.017  -0.338  1.00 38.73  ? 4   VAL C CB   1 
ATOM   614 C CG1  . VAL C 1 4  ? -3.754  -5.979  -0.421  1.00 41.01  ? 4   VAL C CG1  1 
ATOM   615 C CG2  . VAL C 1 4  ? -5.678  -5.189  0.945   1.00 48.76  ? 4   VAL C CG2  1 
ATOM   616 H H    . VAL C 1 4  ? -6.107  -2.677  -0.616  1.00 44.96  ? 4   VAL C H    1 
ATOM   617 H HA   . VAL C 1 4  ? -3.624  -3.493  0.154   1.00 46.52  ? 4   VAL C HA   1 
ATOM   618 H HB   . VAL C 1 4  ? -5.509  -5.207  -1.069  1.00 46.52  ? 4   VAL C HB   1 
ATOM   619 H HG11 . VAL C 1 4  ? -4.087  -6.879  -0.281  1.00 49.26  ? 4   VAL C HG11 1 
ATOM   620 H HG12 . VAL C 1 4  ? -3.347  -5.909  -1.298  1.00 49.26  ? 4   VAL C HG12 1 
ATOM   621 H HG13 . VAL C 1 4  ? -3.104  -5.756  0.264   1.00 49.26  ? 4   VAL C HG13 1 
ATOM   622 H HG21 . VAL C 1 4  ? -5.781  -6.136  1.128   1.00 58.56  ? 4   VAL C HG21 1 
ATOM   623 H HG22 . VAL C 1 4  ? -5.192  -4.763  1.668   1.00 58.56  ? 4   VAL C HG22 1 
ATOM   624 H HG23 . VAL C 1 4  ? -6.549  -4.775  0.844   1.00 58.56  ? 4   VAL C HG23 1 
HETATM 625 N N    . H7V C 1 5  ? -2.614  -3.270  -2.153  1.00 33.76  ? 5   H7V C N    1 
HETATM 626 C CA   . H7V C 1 5  ? -2.147  -3.190  -3.545  1.00 32.20  ? 5   H7V C CA   1 
HETATM 627 C C    . H7V C 1 5  ? -1.636  -4.300  -4.125  1.00 30.16  ? 5   H7V C C    1 
HETATM 628 O O    . H7V C 1 5  ? -0.975  -5.076  -3.509  1.00 33.19  ? 5   H7V C O    1 
HETATM 629 C CB   . H7V C 1 5  ? -1.177  -2.021  -3.808  1.00 34.12  ? 5   H7V C CB   1 
HETATM 630 C C01  . H7V C 1 5  ? -1.772  -0.637  -4.002  1.00 38.93  ? 5   H7V C C01  1 
HETATM 631 C C02  . H7V C 1 5  ? -2.639  -0.173  -2.862  1.00 44.87  ? 5   H7V C C02  1 
HETATM 632 C C03  . H7V C 1 5  ? -3.283  1.150   -3.333  1.00 37.77  ? 5   H7V C C03  1 
HETATM 633 C C04  . H7V C 1 5  ? -2.271  2.285   -3.510  1.00 46.18  ? 5   H7V C C04  1 
HETATM 634 C C05  . H7V C 1 5  ? -1.137  1.847   -4.436  1.00 50.43  ? 5   H7V C C05  1 
HETATM 635 C C06  . H7V C 1 5  ? -0.634  0.411   -4.075  1.00 43.25  ? 5   H7V C C06  1 
HETATM 636 C C07  . H7V C 1 5  ? -1.541  -3.507  -1.185  1.00 43.78  ? 5   H7V C C07  1 
HETATM 637 H HA   . H7V C 1 5  ? -3.001  -3.059  -3.987  1.00 38.69  ? 5   H7V C HA   1 
HETATM 638 H HB2  . H7V C 1 5  ? -0.570  -1.972  -3.053  1.00 40.99  ? 5   H7V C HB2  1 
HETATM 639 H HB1  . H7V C 1 5  ? -0.676  -2.235  -4.610  1.00 40.99  ? 5   H7V C HB1  1 
HETATM 640 H H07  . H7V C 1 5  ? -2.304  -0.708  -4.809  1.00 46.76  ? 5   H7V C H07  1 
HETATM 641 H H09  . H7V C 1 5  ? -3.324  -0.832  -2.670  1.00 53.89  ? 5   H7V C H09  1 
HETATM 642 H H10  . H7V C 1 5  ? -2.103  -0.023  -2.068  1.00 53.89  ? 5   H7V C H10  1 
HETATM 643 H H11  . H7V C 1 5  ? -3.941  1.424   -2.675  1.00 45.37  ? 5   H7V C H11  1 
HETATM 644 H H12  . H7V C 1 5  ? -3.722  0.994   -4.184  1.00 45.37  ? 5   H7V C H12  1 
HETATM 645 H H14  . H7V C 1 5  ? -1.903  2.523   -2.644  1.00 55.46  ? 5   H7V C H14  1 
HETATM 646 H H13  . H7V C 1 5  ? -2.717  3.055   -3.895  1.00 55.46  ? 5   H7V C H13  1 
HETATM 647 H H16  . H7V C 1 5  ? -0.400  2.470   -4.351  1.00 60.56  ? 5   H7V C H16  1 
HETATM 648 H H15  . H7V C 1 5  ? -1.459  1.847   -5.352  1.00 60.56  ? 5   H7V C H15  1 
HETATM 649 H H17  . H7V C 1 5  ? -0.196  0.449   -3.210  1.00 51.94  ? 5   H7V C H17  1 
HETATM 650 H H18  . H7V C 1 5  ? -0.001  0.128   -4.753  1.00 51.94  ? 5   H7V C H18  1 
HETATM 651 H H04  . H7V C 1 5  ? -1.385  -2.699  -0.671  1.00 52.58  ? 5   H7V C H04  1 
HETATM 652 H H03  . H7V C 1 5  ? -0.729  -3.753  -1.654  1.00 52.58  ? 5   H7V C H03  1 
HETATM 653 H H02  . H7V C 1 5  ? -1.798  -4.225  -0.587  1.00 52.58  ? 5   H7V C H02  1 
ATOM   654 N N    . PHE C 1 6  ? -1.955  -4.497  -5.413  1.00 28.70  ? 6   PHE C N    1 
ATOM   655 C CA   . PHE C 1 6  ? -1.512  -5.700  -6.156  1.00 30.32  ? 6   PHE C CA   1 
ATOM   656 C C    . PHE C 1 6  ? -0.851  -5.252  -7.448  1.00 33.09  ? 6   PHE C C    1 
ATOM   657 O O    . PHE C 1 6  ? -1.342  -4.352  -8.097  1.00 32.41  ? 6   PHE C O    1 
ATOM   658 C CB   . PHE C 1 6  ? -2.690  -6.564  -6.557  1.00 32.78  ? 6   PHE C CB   1 
ATOM   659 C CG   . PHE C 1 6  ? -3.271  -7.357  -5.479  1.00 45.04  ? 6   PHE C CG   1 
ATOM   660 C CD1  . PHE C 1 6  ? -4.287  -6.830  -4.679  1.00 41.26  ? 6   PHE C CD1  1 
ATOM   661 C CD2  . PHE C 1 6  ? -2.848  -8.665  -5.274  1.00 42.98  ? 6   PHE C CD2  1 
ATOM   662 C CE1  . PHE C 1 6  ? -4.842  -7.588  -3.657  1.00 46.10  ? 6   PHE C CE1  1 
ATOM   663 C CE2  . PHE C 1 6  ? -3.391  -9.430  -4.266  1.00 59.17  ? 6   PHE C CE2  1 
ATOM   664 C CZ   . PHE C 1 6  ? -4.387  -8.900  -3.450  1.00 51.29  ? 6   PHE C CZ   1 
ATOM   665 H H    . PHE C 1 6  ? -2.424  -3.952  -5.883  1.00 34.49  ? 6   PHE C H    1 
ATOM   666 H HA   . PHE C 1 6  ? -0.915  -6.216  -5.591  1.00 36.43  ? 6   PHE C HA   1 
ATOM   667 H HB2  . PHE C 1 6  ? -3.389  -5.988  -6.903  1.00 39.38  ? 6   PHE C HB2  1 
ATOM   668 H HB3  . PHE C 1 6  ? -2.397  -7.182  -7.245  1.00 39.38  ? 6   PHE C HB3  1 
ATOM   669 H HD1  . PHE C 1 6  ? -4.594  -5.966  -4.831  1.00 49.56  ? 6   PHE C HD1  1 
ATOM   670 H HD2  . PHE C 1 6  ? -2.192  -9.028  -5.823  1.00 51.62  ? 6   PHE C HD2  1 
ATOM   671 H HE1  . PHE C 1 6  ? -5.509  -7.232  -3.115  1.00 55.36  ? 6   PHE C HE1  1 
ATOM   672 H HE2  . PHE C 1 6  ? -3.093  -10.301 -4.130  1.00 71.05  ? 6   PHE C HE2  1 
ATOM   673 H HZ   . PHE C 1 6  ? -4.750  -9.414  -2.766  1.00 61.59  ? 6   PHE C HZ   1 
ATOM   674 N N    . ALA C 1 7  ? 0.201   -5.916  -7.879  1.00 34.75  ? 7   ALA C N    1 
ATOM   675 C CA   . ALA C 1 7  ? 0.755   -5.701  -9.204  1.00 35.43  ? 7   ALA C CA   1 
ATOM   676 C C    . ALA C 1 7  ? 0.266   -6.804  -10.145 1.00 32.47  ? 7   ALA C C    1 
ATOM   677 O O    . ALA C 1 7  ? 0.451   -7.996  -9.880  1.00 36.76  ? 7   ALA C O    1 
ATOM   678 C CB   . ALA C 1 7  ? 2.279   -5.701  -9.151  1.00 43.72  ? 7   ALA C CB   1 
ATOM   679 H H    . ALA C 1 7  ? 0.622   -6.507  -7.417  1.00 41.75  ? 7   ALA C H    1 
ATOM   680 H HA   . ALA C 1 7  ? 0.455   -4.844  -9.548  1.00 42.56  ? 7   ALA C HA   1 
ATOM   681 H HB1  . ALA C 1 7  ? 2.626   -5.584  -10.050 1.00 52.50  ? 7   ALA C HB1  1 
ATOM   682 H HB2  . ALA C 1 7  ? 2.575   -4.971  -8.584  1.00 52.50  ? 7   ALA C HB2  1 
ATOM   683 H HB3  . ALA C 1 7  ? 2.581   -6.547  -8.786  1.00 52.50  ? 7   ALA C HB3  1 
ATOM   684 N N    . GLU C 1 8  ? -0.325  -6.393  -11.255 1.00 35.41  ? 8   GLU C N    1 
ATOM   685 C CA   . GLU C 1 8  ? -0.846  -7.311  -12.239 1.00 35.79  ? 8   GLU C CA   1 
ATOM   686 C C    . GLU C 1 8  ? -0.332  -6.874  -13.611 1.00 42.62  ? 8   GLU C C    1 
ATOM   687 O O    . GLU C 1 8  ? -0.951  -6.060  -14.282 1.00 43.21  ? 8   GLU C O    1 
ATOM   688 C CB   . GLU C 1 8  ? -2.371  -7.301  -12.179 1.00 47.28  ? 8   GLU C CB   1 
ATOM   689 C CG   . GLU C 1 8  ? -3.024  -8.620  -11.754 1.00 64.87  ? 8   GLU C CG   1 
ATOM   690 C CD   . GLU C 1 8  ? -2.520  -9.818  -12.525 1.00 54.22  ? 8   GLU C CD   1 
ATOM   691 O OE1  . GLU C 1 8  ? -2.766  -9.900  -13.764 1.00 71.24  ? 8   GLU C OE1  1 
ATOM   692 O OE2  . GLU C 1 8  ? -1.898  -10.710 -11.881 1.00 70.69  ? 8   GLU C OE2  1 
ATOM   693 H H    . GLU C 1 8  ? -0.437  -5.565  -11.464 1.00 42.54  ? 8   GLU C H    1 
ATOM   694 H HA   . GLU C 1 8  ? -0.564  -8.226  -12.079 1.00 42.99  ? 8   GLU C HA   1 
ATOM   695 H HB2  . GLU C 1 8  ? -2.647  -6.625  -11.541 1.00 56.77  ? 8   GLU C HB2  1 
ATOM   696 H HB3  . GLU C 1 8  ? -2.710  -7.084  -13.061 1.00 56.77  ? 8   GLU C HB3  1 
ATOM   697 H HG2  . GLU C 1 8  ? -2.839  -8.772  -10.814 1.00 77.88  ? 8   GLU C HG2  1 
ATOM   698 H HG3  . GLU C 1 8  ? -3.981  -8.556  -11.898 1.00 77.88  ? 8   GLU C HG3  1 
HETATM 699 N N    . ORN C 1 9  ? 2.285   -3.388  -17.062 1.00 60.46  ? 9   ORN C N    1 
HETATM 700 C CA   . ORN C 1 9  ? 1.525   -3.974  -15.899 1.00 49.09  ? 9   ORN C CA   1 
HETATM 701 C CB   . ORN C 1 9  ? 2.433   -4.733  -14.927 1.00 44.39  ? 9   ORN C CB   1 
HETATM 702 C CG   . ORN C 1 9  ? 2.678   -6.211  -15.239 1.00 55.72  ? 9   ORN C CG   1 
HETATM 703 C CD   . ORN C 1 9  ? 1.387   -7.027  -15.344 1.00 63.60  ? 9   ORN C CD   1 
HETATM 704 N NE   . ORN C 1 9  ? 0.858   -7.403  -14.033 1.00 47.57  ? 9   ORN C NE   1 
HETATM 705 C C    . ORN C 1 9  ? 0.908   -2.838  -15.139 1.00 45.16  ? 9   ORN C C    1 
HETATM 706 O O    . ORN C 1 9  ? 1.380   -1.700  -15.179 1.00 52.45  ? 9   ORN C O    1 
HETATM 707 H H    . ORN C 1 9  ? 1.750   -2.711  -17.611 1.00 72.59  ? 9   ORN C H    1 
HETATM 708 H HA   . ORN C 1 9  ? 0.771   -4.637  -16.336 1.00 58.95  ? 9   ORN C HA   1 
HETATM 709 H HB2  . ORN C 1 9  ? 1.975   -4.688  -13.929 1.00 53.32  ? 9   ORN C HB2  1 
HETATM 710 H HB3  . ORN C 1 9  ? 3.414   -4.239  -14.923 1.00 53.32  ? 9   ORN C HB3  1 
HETATM 711 H HG2  . ORN C 1 9  ? 3.306   -6.641  -14.450 1.00 66.91  ? 9   ORN C HG2  1 
HETATM 712 H HG3  . ORN C 1 9  ? 3.224   -6.288  -16.186 1.00 66.91  ? 9   ORN C HG3  1 
HETATM 713 H HD2  . ORN C 1 9  ? 1.596   -7.940  -15.911 1.00 76.36  ? 9   ORN C HD2  1 
HETATM 714 H HD3  . ORN C 1 9  ? 0.636   -6.427  -15.865 1.00 76.36  ? 9   ORN C HD3  1 
HETATM 715 H HE1  . ORN C 1 9  ? 1.393   -8.072  -13.495 1.00 57.13  ? 9   ORN C HE1  1 
ATOM   716 N N    . ALA C 1 10 ? -0.186  -3.158  -14.382 1.00 41.59  ? 10  ALA C N    1 
ATOM   717 C CA   . ALA C 1 10 ? -0.876  -2.142  -13.615 1.00 34.68  ? 10  ALA C CA   1 
ATOM   718 C C    . ALA C 1 10 ? -0.879  -2.524  -12.164 1.00 37.68  ? 10  ALA C C    1 
ATOM   719 O O    . ALA C 1 10 ? -0.663  -3.683  -11.794 1.00 34.51  ? 10  ALA C O    1 
ATOM   720 C CB   . ALA C 1 10 ? -2.267  -1.955  -14.095 1.00 35.52  ? 10  ALA C CB   1 
ATOM   721 H H    . ALA C 1 10 ? -0.522  -3.946  -14.315 1.00 49.95  ? 10  ALA C H    1 
ATOM   722 H HA   . ALA C 1 10 ? -0.419  -1.293  -13.729 1.00 41.66  ? 10  ALA C HA   1 
ATOM   723 H HB1  . ALA C 1 10 ? -2.699  -1.274  -13.554 1.00 42.66  ? 10  ALA C HB1  1 
ATOM   724 H HB2  . ALA C 1 10 ? -2.247  -1.677  -15.024 1.00 42.66  ? 10  ALA C HB2  1 
ATOM   725 H HB3  . ALA C 1 10 ? -2.745  -2.796  -14.010 1.00 42.66  ? 10  ALA C HB3  1 
ATOM   726 N N    . ILE C 1 11 ? -1.046  -1.508  -11.339 1.00 31.99  ? 11  ILE C N    1 
ATOM   727 C CA   . ILE C 1 11 ? -1.261  -1.643  -9.914  1.00 30.10  ? 11  ILE C CA   1 
ATOM   728 C C    . ILE C 1 11 ? -2.748  -1.531  -9.684  1.00 28.64  ? 11  ILE C C    1 
ATOM   729 O O    . ILE C 1 11 ? -3.425  -0.674  -10.264 1.00 28.34  ? 11  ILE C O    1 
ATOM   730 C CB   . ILE C 1 11 ? -0.499  -0.559  -9.124  1.00 27.82  ? 11  ILE C CB   1 
ATOM   731 C CG1  . ILE C 1 11 ? 1.002   -0.681  -9.352  1.00 36.54  ? 11  ILE C CG1  1 
ATOM   732 C CG2  . ILE C 1 11 ? -0.879  -0.595  -7.636  1.00 36.83  ? 11  ILE C CG2  1 
ATOM   733 C CD1  . ILE C 1 11 ? 1.777   0.402   -8.615  1.00 41.95  ? 11  ILE C CD1  1 
ATOM   734 H H    . ILE C 1 11 ? -1.037  -0.687  -11.596 1.00 38.43  ? 11  ILE C H    1 
ATOM   735 H HA   . ILE C 1 11 ? -0.947  -2.508  -9.607  1.00 36.17  ? 11  ILE C HA   1 
ATOM   736 H HB   . ILE C 1 11 ? -0.764  0.312   -9.458  1.00 33.43  ? 11  ILE C HB   1 
ATOM   737 H HG12 . ILE C 1 11 ? 1.306   -1.545  -9.031  1.00 43.89  ? 11  ILE C HG12 1 
ATOM   738 H HG13 . ILE C 1 11 ? 1.189   -0.598  -10.301 1.00 43.89  ? 11  ILE C HG13 1 
ATOM   739 H HG21 . ILE C 1 11 ? -0.372  0.086   -7.165  1.00 44.24  ? 11  ILE C HG21 1 
ATOM   740 H HG22 . ILE C 1 11 ? -1.829  -0.420  -7.549  1.00 44.24  ? 11  ILE C HG22 1 
ATOM   741 H HG23 . ILE C 1 11 ? -0.668  -1.471  -7.277  1.00 44.24  ? 11  ILE C HG23 1 
ATOM   742 H HD11 . ILE C 1 11 ? 2.682   0.435   -8.962  1.00 50.39  ? 11  ILE C HD11 1 
ATOM   743 H HD12 . ILE C 1 11 ? 1.337   1.255   -8.754  1.00 50.39  ? 11  ILE C HD12 1 
ATOM   744 H HD13 . ILE C 1 11 ? 1.793   0.189   -7.668  1.00 50.39  ? 11  ILE C HD13 1 
ATOM   745 N N    . ILE C 1 12 ? -3.290  -2.443  -8.911  1.00 25.88  ? 12  ILE C N    1 
ATOM   746 C CA   . ILE C 1 12 ? -4.688  -2.466  -8.578  1.00 24.29  ? 12  ILE C CA   1 
ATOM   747 C C    . ILE C 1 12 ? -4.797  -2.356  -7.076  1.00 34.46  ? 12  ILE C C    1 
ATOM   748 O O    . ILE C 1 12 ? -4.139  -3.104  -6.357  1.00 31.89  ? 12  ILE C O    1 
ATOM   749 C CB   . ILE C 1 12 ? -5.375  -3.777  -9.053  1.00 32.66  ? 12  ILE C CB   1 
ATOM   750 C CG1  . ILE C 1 12 ? -4.966  -4.097  -10.480 1.00 50.02  ? 12  ILE C CG1  1 
ATOM   751 C CG2  . ILE C 1 12 ? -6.857  -3.647  -8.889  1.00 39.70  ? 12  ILE C CG2  1 
ATOM   752 C CD1  . ILE C 1 12 ? -5.447  -3.108  -11.485 1.00 52.46  ? 12  ILE C CD1  1 
ATOM   753 H H    . ILE C 1 12 ? -2.846  -3.087  -8.552  1.00 31.09  ? 12  ILE C H    1 
ATOM   754 H HA   . ILE C 1 12 ? -5.132  -1.713  -8.999  1.00 29.19  ? 12  ILE C HA   1 
ATOM   755 H HB   . ILE C 1 12 ? -5.084  -4.525  -8.508  1.00 39.24  ? 12  ILE C HB   1 
ATOM   756 H HG12 . ILE C 1 12 ? -3.997  -4.118  -10.528 1.00 60.07  ? 12  ILE C HG12 1 
ATOM   757 H HG13 . ILE C 1 12 ? -5.329  -4.964  -10.722 1.00 60.07  ? 12  ILE C HG13 1 
ATOM   758 H HG21 . ILE C 1 12 ? -7.282  -4.459  -9.207  1.00 47.68  ? 12  ILE C HG21 1 
ATOM   759 H HG22 . ILE C 1 12 ? -7.059  -3.512  -7.951  1.00 47.68  ? 12  ILE C HG22 1 
ATOM   760 H HG23 . ILE C 1 12 ? -7.166  -2.888  -9.407  1.00 47.68  ? 12  ILE C HG23 1 
ATOM   761 H HD11 . ILE C 1 12 ? -6.415  -3.158  -11.538 1.00 62.99  ? 12  ILE C HD11 1 
ATOM   762 H HD12 . ILE C 1 12 ? -5.057  -3.318  -12.347 1.00 62.99  ? 12  ILE C HD12 1 
ATOM   763 H HD13 . ILE C 1 12 ? -5.176  -2.219  -11.207 1.00 62.99  ? 12  ILE C HD13 1 
ATOM   764 N N    . GLY C 1 13 ? -5.633  -1.431  -6.613  1.00 27.41  ? 13  GLY C N    1 
ATOM   765 C CA   . GLY C 1 13 ? -5.828  -1.277  -5.186  1.00 25.38  ? 13  GLY C CA   1 
ATOM   766 C C    . GLY C 1 13 ? -7.236  -1.591  -4.904  1.00 29.29  ? 13  GLY C C    1 
ATOM   767 O O    . GLY C 1 13 ? -8.161  -0.973  -5.462  1.00 38.04  ? 13  GLY C O    1 
ATOM   768 H H    . GLY C 1 13 ? -6.090  -0.891  -7.101  1.00 32.93  ? 13  GLY C H    1 
ATOM   769 H HA2  . GLY C 1 13 ? -5.252  -1.884  -4.695  1.00 30.50  ? 13  GLY C HA2  1 
ATOM   770 H HA3  . GLY C 1 13 ? -5.635  -0.367  -4.911  1.00 30.50  ? 13  GLY C HA3  1 
ATOM   771 N N    . LEU C 1 14 ? -7.420  -2.627  -4.117  1.00 28.29  ? 14  LEU C N    1 
ATOM   772 C CA   . LEU C 1 14 ? -8.718  -3.131  -3.727  1.00 42.83  ? 14  LEU C CA   1 
ATOM   773 C C    . LEU C 1 14 ? -8.948  -2.860  -2.246  1.00 38.39  ? 14  LEU C C    1 
ATOM   774 O O    . LEU C 1 14 ? -8.002  -2.795  -1.432  1.00 37.34  ? 14  LEU C O    1 
ATOM   775 C CB   . LEU C 1 14 ? -8.846  -4.637  -3.984  1.00 45.30  ? 14  LEU C CB   1 
ATOM   776 C CG   . LEU C 1 14 ? -8.685  -5.217  -5.383  1.00 46.41  ? 14  LEU C CG   1 
ATOM   777 C CD1  . LEU C 1 14 ? -9.318  -4.300  -6.448  1.00 46.57  ? 14  LEU C CD1  1 
ATOM   778 C CD2  . LEU C 1 14 ? -7.246  -5.530  -5.684  1.00 56.28  ? 14  LEU C CD2  1 
ATOM   779 H H    . LEU C 1 14 ? -6.774  -3.081  -3.775  1.00 33.99  ? 14  LEU C H    1 
ATOM   780 H HA   . LEU C 1 14 ? -9.400  -2.678  -4.247  1.00 51.43  ? 14  LEU C HA   1 
ATOM   781 H HB2  . LEU C 1 14 ? -8.174  -5.073  -3.438  1.00 54.40  ? 14  LEU C HB2  1 
ATOM   782 H HB3  . LEU C 1 14 ? -9.733  -4.897  -3.691  1.00 54.40  ? 14  LEU C HB3  1 
ATOM   783 H HG   . LEU C 1 14 ? -9.164  -6.061  -5.422  1.00 55.74  ? 14  LEU C HG   1 
ATOM   784 H HD11 . LEU C 1 14 ? -9.224  -4.716  -7.319  1.00 55.93  ? 14  LEU C HD11 1 
ATOM   785 H HD12 . LEU C 1 14 ? -10.258 -4.177  -6.241  1.00 55.93  ? 14  LEU C HD12 1 
ATOM   786 H HD13 . LEU C 1 14 ? -8.863  -3.445  -6.439  1.00 55.93  ? 14  LEU C HD13 1 
ATOM   787 H HD21 . LEU C 1 14 ? -7.168  -5.795  -6.615  1.00 67.58  ? 14  LEU C HD21 1 
ATOM   788 H HD22 . LEU C 1 14 ? -6.709  -4.738  -5.521  1.00 67.58  ? 14  LEU C HD22 1 
ATOM   789 H HD23 . LEU C 1 14 ? -6.952  -6.254  -5.110  1.00 67.58  ? 14  LEU C HD23 1 
ATOM   790 N N    . MET C 1 15 ? -10.216 -2.767  -1.885  1.00 40.71  ? 15  MET C N    1 
ATOM   791 C CA   . MET C 1 15 ? -10.550 -2.387  -0.531  1.00 36.25  ? 15  MET C CA   1 
ATOM   792 C C    . MET C 1 15 ? -11.239 -3.512  0.201   1.00 48.91  ? 15  MET C C    1 
ATOM   793 O O    . MET C 1 15 ? -11.812 -4.435  -0.379  1.00 43.08  ? 15  MET C O    1 
ATOM   794 C CB   . MET C 1 15 ? -11.426 -1.134  -0.538  1.00 35.86  ? 15  MET C CB   1 
ATOM   795 C CG   . MET C 1 15 ? -10.674 0.227   -0.911  1.00 40.01  ? 15  MET C CG   1 
ATOM   796 S SD   . MET C 1 15 ? -11.936 1.448   -1.348  1.00 53.67  ? 15  MET C SD   1 
ATOM   797 C CE   . MET C 1 15 ? -12.551 2.061   0.199   1.00 55.15  ? 15  MET C CE   1 
ATOM   798 H H    . MET C 1 15 ? -10.889 -2.918  -2.400  1.00 48.89  ? 15  MET C H    1 
ATOM   799 H HA   . MET C 1 15 ? -9.733  -2.173  -0.052  1.00 43.55  ? 15  MET C HA   1 
ATOM   800 H HB2  . MET C 1 15 ? -12.134 -1.260  -1.189  1.00 43.08  ? 15  MET C HB2  1 
ATOM   801 H HB3  . MET C 1 15 ? -11.805 -1.021  0.347   1.00 43.08  ? 15  MET C HB3  1 
ATOM   802 H HG2  . MET C 1 15 ? -10.165 0.548   -0.151  1.00 48.05  ? 15  MET C HG2  1 
ATOM   803 H HG3  . MET C 1 15 ? -10.085 0.087   -1.670  1.00 48.05  ? 15  MET C HG3  1 
ATOM   804 H HE1  . MET C 1 15 ? -13.193 2.767   0.026   1.00 66.22  ? 15  MET C HE1  1 
ATOM   805 H HE2  . MET C 1 15 ? -12.980 1.334   0.678   1.00 66.22  ? 15  MET C HE2  1 
ATOM   806 H HE3  . MET C 1 15 ? -11.810 2.407   0.719   1.00 66.22  ? 15  MET C HE3  1 
ATOM   807 N N    . VAL C 1 16 ? -11.162 -3.415  1.513   1.00 41.44  ? 16  VAL C N    1 
ATOM   808 C CA   . VAL C 1 16 ? -11.755 -4.332  2.490   1.00 48.60  ? 16  VAL C CA   1 
ATOM   809 C C    . VAL C 1 16 ? -12.346 -3.359  3.520   1.00 40.61  ? 16  VAL C C    1 
ATOM   810 O O    . VAL C 1 16 ? -11.766 -3.102  4.579   1.00 43.91  ? 16  VAL C O    1 
ATOM   811 C CB   . VAL C 1 16 ? -10.741 -5.318  3.006   1.00 44.65  ? 16  VAL C CB   1 
ATOM   812 C CG1  . VAL C 1 16 ? -11.416 -6.284  3.800   1.00 46.68  ? 16  VAL C CG1  1 
ATOM   813 C CG2  . VAL C 1 16 ? -10.047 -6.040  1.844   1.00 53.20  ? 16  VAL C CG2  1 
ATOM   814 H H    . VAL C 1 16 ? -10.756 -2.730  1.861   1.00 49.78  ? 16  VAL C H    1 
ATOM   815 H HA   . VAL C 1 16 ? -12.443 -4.928  2.156   1.00 58.37  ? 16  VAL C HA   1 
ATOM   816 H HB   . VAL C 1 16 ? -10.071 -4.849  3.526   1.00 53.62  ? 16  VAL C HB   1 
ATOM   817 H HG11 . VAL C 1 16 ? -10.773 -6.934  4.123   1.00 56.06  ? 16  VAL C HG11 1 
ATOM   818 H HG12 . VAL C 1 16 ? -11.839 -5.837  4.550   1.00 56.06  ? 16  VAL C HG12 1 
ATOM   819 H HG13 . VAL C 1 16 ? -12.088 -6.726  3.257   1.00 56.06  ? 16  VAL C HG13 1 
ATOM   820 H HG21 . VAL C 1 16 ? -9.440  -6.707  2.203   1.00 63.89  ? 16  VAL C HG21 1 
ATOM   821 H HG22 . VAL C 1 16 ? -10.719 -6.468  1.290   1.00 63.89  ? 16  VAL C HG22 1 
ATOM   822 H HG23 . VAL C 1 16 ? -9.551  -5.390  1.320   1.00 63.89  ? 16  VAL C HG23 1 
HETATM 823 O O    . HOH D 2 .  ? 3.194   3.017   14.505  1.00 54.04  ? 101 HOH A O    1 
HETATM 824 O O    . HOH D 2 .  ? 0.763   -2.519  4.174   1.00 33.98  ? 102 HOH A O    1 
HETATM 825 O O    . HOH D 2 .  ? 2.157   -8.116  4.497   1.00 58.93  ? 103 HOH A O    1 
HETATM 826 O O    . HOH D 2 .  ? -14.107 3.591   2.043   1.00 55.95  ? 104 HOH A O    1 
HETATM 827 O O    . HOH D 2 .  ? 4.087   -8.357  5.601   0.50 51.40  ? 105 HOH A O    1 
HETATM 828 O O    . HOH E 2 .  ? 14.283  -1.063  7.829   1.00 37.10  ? 101 HOH B O    1 
HETATM 829 O O    . HOH E 2 .  ? 11.187  -0.046  6.905   1.00 40.45  ? 102 HOH B O    1 
HETATM 830 O O    . HOH E 2 .  ? 0.390   -4.466  1.426   1.00 37.17  ? 103 HOH B O    1 
HETATM 831 O O    . HOH E 2 .  ? -1.921  -10.363 -8.040  1.00 52.67  ? 104 HOH B O    1 
HETATM 832 O O    . HOH E 2 .  ? 7.290   -11.380 -6.379  1.00 43.47  ? 105 HOH B O    1 
HETATM 833 O O    . HOH F 2 .  ? -3.786  -11.976 -11.538 1.00 40.03  ? 101 HOH C O    1 
HETATM 834 O O    . HOH F 2 .  ? -2.644  -3.598  2.429   1.00 51.28  ? 102 HOH C O    1 
HETATM 835 O O    . HOH F 2 .  ? -14.513 2.586   5.468   1.00 54.03  ? 103 HOH C O    1 
HETATM 836 O O    . HOH F 2 .  ? -2.287  -5.091  -16.583 1.00 55.81  ? 104 HOH C O    1 
HETATM 837 O O    . HOH F 2 .  ? -0.590  -2.617  2.417   1.00 57.53  ? 105 HOH C O    1 
# 
loop_
_atom_site_anisotrop.id 
_atom_site_anisotrop.type_symbol 
_atom_site_anisotrop.pdbx_label_atom_id 
_atom_site_anisotrop.pdbx_label_alt_id 
_atom_site_anisotrop.pdbx_label_comp_id 
_atom_site_anisotrop.pdbx_label_asym_id 
_atom_site_anisotrop.pdbx_label_seq_id 
_atom_site_anisotrop.pdbx_PDB_ins_code 
_atom_site_anisotrop.U[1][1] 
_atom_site_anisotrop.U[2][2] 
_atom_site_anisotrop.U[3][3] 
_atom_site_anisotrop.U[1][2] 
_atom_site_anisotrop.U[1][3] 
_atom_site_anisotrop.U[2][3] 
_atom_site_anisotrop.pdbx_auth_seq_id 
_atom_site_anisotrop.pdbx_auth_comp_id 
_atom_site_anisotrop.pdbx_auth_asym_id 
_atom_site_anisotrop.pdbx_auth_atom_id 
1   N N   . ORN A 1  ? 0.3223 0.6065 0.4946 0.0443  -0.0716 0.0008  1  ORN A N   
2   C CA  . ORN A 1  ? 0.3283 0.5571 0.4750 0.0572  -0.0699 0.0083  1  ORN A CA  
3   C CB  . ORN A 1  ? 0.3351 0.5478 0.4480 0.0344  -0.0814 -0.0014 1  ORN A CB  
4   C CG  . ORN A 1  ? 0.3338 0.6030 0.4418 0.0361  -0.1009 0.0039  1  ORN A CG  
5   C CD  . ORN A 1  ? 0.3958 0.6665 0.4940 0.0658  -0.1024 0.0297  1  ORN A CD  
6   N NE  . ORN A 1  ? 0.3356 0.5503 0.4055 0.0642  -0.0941 0.0299  1  ORN A NE  
7   C C   . ORN A 1  ? 0.2968 0.4628 0.4353 0.0593  -0.0536 0.0025  1  ORN A C   
8   O O   . ORN A 1  ? 0.3239 0.4805 0.4637 0.0448  -0.0447 -0.0111 1  ORN A O   
20  N N   . LYS A 2  ? 0.3056 0.4279 0.4335 0.0754  -0.0502 0.0149  2  LYS A N   
21  C CA  . LYS A 2  ? 0.3216 0.3845 0.4401 0.0734  -0.0387 0.0087  2  LYS A CA  
22  C C   . LYS A 2  ? 0.3417 0.3807 0.4346 0.0475  -0.0405 -0.0017 2  LYS A C   
23  O O   . LYS A 2  ? 0.3554 0.4064 0.4334 0.0404  -0.0493 0.0007  2  LYS A O   
24  C CB  . LYS A 2  ? 0.3957 0.4212 0.5143 0.0917  -0.0369 0.0277  2  LYS A CB  
25  C CG  . LYS A 2  ? 0.4328 0.4007 0.5489 0.0902  -0.0268 0.0183  2  LYS A CG  
26  C CD  . LYS A 2  ? 0.6511 0.5741 0.7663 0.0964  -0.0270 0.0388  2  LYS A CD  
27  C CE  . LYS A 2  ? 0.8308 0.6953 0.9492 0.0982  -0.0193 0.0259  2  LYS A CE  
28  N NZ  . LYS A 2  ? 1.0126 0.8244 1.1332 0.0961  -0.0202 0.0448  2  LYS A NZ  
42  N N   . LEU A 3  ? 0.3192 0.3281 0.4053 0.0365  -0.0323 -0.0140 3  LEU A N   
43  C CA  . LEU A 3  ? 0.3127 0.2960 0.3774 0.0185  -0.0330 -0.0196 3  LEU A CA  
44  C C   . LEU A 3  ? 0.3459 0.2927 0.4048 0.0213  -0.0300 -0.0129 3  LEU A C   
45  O O   . LEU A 3  ? 0.3745 0.2999 0.4401 0.0259  -0.0244 -0.0165 3  LEU A O   
46  C CB  . LEU A 3  ? 0.3520 0.3340 0.4131 0.0031  -0.0278 -0.0325 3  LEU A CB  
47  C CG  . LEU A 3  ? 0.3592 0.3782 0.4291 -0.0081 -0.0312 -0.0365 3  LEU A CG  
48  C CD1 . LEU A 3  ? 0.4928 0.5124 0.5611 -0.0221 -0.0225 -0.0426 3  LEU A CD1 
49  C CD2 . LEU A 3  ? 0.3856 0.4031 0.4424 -0.0191 -0.0420 -0.0379 3  LEU A CD2 
61  N N   . VAL A 4  ? 0.3721 0.3147 0.4190 0.0184  -0.0335 -0.0041 4  VAL A N   
62  C CA  . VAL A 4  ? 0.3708 0.2903 0.4175 0.0169  -0.0311 0.0069  4  VAL A CA  
63  C C   . VAL A 4  ? 0.4053 0.3182 0.4393 0.0046  -0.0307 0.0001  4  VAL A C   
64  O O   . VAL A 4  ? 0.3655 0.2894 0.3868 0.0042  -0.0328 -0.0041 4  VAL A O   
65  C CB  . VAL A 4  ? 0.3916 0.3231 0.4387 0.0261  -0.0329 0.0284  4  VAL A CB  
66  C CG1 . VAL A 4  ? 0.5148 0.4551 0.5749 0.0419  -0.0346 0.0392  4  VAL A CG1 
67  C CG2 . VAL A 4  ? 0.5896 0.5466 0.6179 0.0270  -0.0358 0.0269  4  VAL A CG2 
77  N N   . H7V A 5  ? 0.4620 0.3574 0.4984 -0.0046 -0.0293 -0.0019 5  H7V A N   
78  C CA  . H7V A 5  ? 0.4141 0.3113 0.4406 -0.0129 -0.0302 -0.0050 5  H7V A CA  
79  C C   . H7V A 5  ? 0.4207 0.3235 0.4510 -0.0169 -0.0309 0.0064  5  H7V A C   
80  O O   . H7V A 5  ? 0.4084 0.3056 0.4507 -0.0225 -0.0315 0.0151  5  H7V A O   
81  C CB  . H7V A 5  ? 0.4470 0.3357 0.4674 -0.0221 -0.0297 -0.0191 5  H7V A CB  
82  C C01 . H7V A 5  ? 0.4783 0.3718 0.4981 -0.0190 -0.0264 -0.0293 5  H7V A C01 
83  C C02 . H7V A 5  ? 0.4892 0.3755 0.5092 -0.0209 -0.0224 -0.0422 5  H7V A C02 
84  C C03 . H7V A 5  ? 0.6017 0.5073 0.6212 -0.0199 -0.0165 -0.0499 5  H7V A C03 
85  C C04 . H7V A 5  ? 0.4812 0.3968 0.4907 -0.0310 -0.0173 -0.0450 5  H7V A C04 
86  C C05 . H7V A 5  ? 0.4597 0.3718 0.4707 -0.0294 -0.0236 -0.0371 5  H7V A C05 
87  C C06 . H7V A 5  ? 0.4291 0.3274 0.4370 -0.0253 -0.0269 -0.0306 5  H7V A C06 
88  C C07 . H7V A 5  ? 0.5367 0.4086 0.5828 -0.0074 -0.0280 -0.0061 5  H7V A C07 
106 N N   . PHE A 6  ? 0.3675 0.2831 0.3889 -0.0129 -0.0309 0.0085  6  PHE A N   
107 C CA  . PHE A 6  ? 0.3712 0.3069 0.3996 -0.0135 -0.0305 0.0220  6  PHE A CA  
108 C C   . PHE A 6  ? 0.4360 0.3756 0.4571 -0.0129 -0.0329 0.0183  6  PHE A C   
109 O O   . PHE A 6  ? 0.3900 0.3142 0.3965 -0.0084 -0.0330 0.0092  6  PHE A O   
110 C CB  . PHE A 6  ? 0.3361 0.2935 0.3608 0.0016  -0.0253 0.0325  6  PHE A CB  
111 C CG  . PHE A 6  ? 0.3855 0.3476 0.4165 0.0021  -0.0233 0.0442  6  PHE A CG  
112 C CD1 . PHE A 6  ? 0.4931 0.4470 0.5146 0.0094  -0.0246 0.0369  6  PHE A CD1 
113 C CD2 . PHE A 6  ? 0.4709 0.4487 0.5202 -0.0064 -0.0210 0.0660  6  PHE A CD2 
114 C CE1 . PHE A 6  ? 0.5162 0.4774 0.5434 0.0132  -0.0238 0.0525  6  PHE A CE1 
115 C CE2 . PHE A 6  ? 0.5571 0.5349 0.6123 -0.0058 -0.0190 0.0830  6  PHE A CE2 
116 C CZ  . PHE A 6  ? 0.6048 0.5740 0.6479 0.0065  -0.0204 0.0770  6  PHE A CZ  
126 N N   . ALA A 7  ? 0.3820 0.3454 0.4150 -0.0182 -0.0356 0.0292  7  ALA A N   
127 C CA  . ALA A 7  ? 0.3456 0.3218 0.3739 -0.0122 -0.0386 0.0321  7  ALA A CA  
128 C C   . ALA A 7  ? 0.4663 0.4821 0.5080 0.0009  -0.0353 0.0486  7  ALA A C   
129 O O   . ALA A 7  ? 0.4231 0.4673 0.4852 -0.0101 -0.0354 0.0605  7  ALA A O   
130 C CB  . ALA A 7  ? 0.4481 0.4296 0.4785 -0.0309 -0.0477 0.0289  7  ALA A CB  
136 N N   . GLU A 8  ? 0.5160 0.5323 0.5471 0.0246  -0.0312 0.0498  8  GLU A N   
137 C CA  . GLU A 8  ? 0.5943 0.6526 0.6371 0.0457  -0.0253 0.0639  8  GLU A CA  
138 C C   . GLU A 8  ? 0.5891 0.6548 0.6308 0.0615  -0.0292 0.0706  8  GLU A C   
139 O O   . GLU A 8  ? 0.5892 0.6164 0.6106 0.0809  -0.0267 0.0633  8  GLU A O   
140 C CB  . GLU A 8  ? 0.5312 0.5809 0.5584 0.0695  -0.0143 0.0567  8  GLU A CB  
141 C CG  . GLU A 8  ? 0.5008 0.5527 0.5278 0.0582  -0.0108 0.0559  8  GLU A CG  
142 C CD  . GLU A 8  ? 0.5849 0.6856 0.6406 0.0434  -0.0090 0.0783  8  GLU A CD  
143 O OE1 . GLU A 8  ? 0.5562 0.7035 0.6319 0.0484  -0.0076 0.0932  8  GLU A OE1 
144 O OE2 . GLU A 8  ? 0.4920 0.5848 0.5522 0.0265  -0.0094 0.0828  8  GLU A OE2 
151 N N   . ORN A 9  ? 0.6089 0.6358 0.6131 0.0773  -0.0566 0.1029  9  ORN A N   
152 C CA  . ORN A 9  ? 0.6172 0.6298 0.6249 0.0662  -0.0484 0.0824  9  ORN A CA  
153 C CB  . ORN A 9  ? 0.6433 0.6966 0.6691 0.0380  -0.0543 0.0787  9  ORN A CB  
154 C CG  . ORN A 9  ? 0.6230 0.7440 0.6789 0.0431  -0.0569 0.0951  9  ORN A CG  
155 C CD  . ORN A 9  ? 0.7313 0.8650 0.7976 0.0675  -0.0431 0.0982  9  ORN A CD  
156 N NE  . ORN A 9  ? 0.4898 0.6049 0.5544 0.0512  -0.0372 0.0862  9  ORN A NE  
157 C C   . ORN A 9  ? 0.6514 0.6047 0.6373 0.0540  -0.0446 0.0653  9  ORN A C   
158 O O   . ORN A 9  ? 0.7374 0.6740 0.7106 0.0381  -0.0486 0.0651  9  ORN A O   
168 N N   . ALA A 10 ? 0.5614 0.4902 0.5432 0.0615  -0.0367 0.0510  10 ALA A N   
169 C CA  . ALA A 10 ? 0.6615 0.5449 0.6277 0.0484  -0.0350 0.0354  10 ALA A CA  
170 C C   . ALA A 10 ? 0.5162 0.4163 0.4911 0.0290  -0.0350 0.0253  10 ALA A C   
171 O O   . ALA A 10 ? 0.5042 0.4349 0.4929 0.0308  -0.0334 0.0281  10 ALA A O   
172 C CB  . ALA A 10 ? 0.7212 0.5659 0.6735 0.0658  -0.0300 0.0235  10 ALA A CB  
178 N N   . ILE A 11 ? 0.5166 0.3976 0.4848 0.0113  -0.0360 0.0167  11 ILE A N   
179 C CA  . ILE A 11 ? 0.4513 0.3392 0.4266 -0.0028 -0.0353 0.0065  11 ILE A CA  
180 C C   . ILE A 11 ? 0.4344 0.3035 0.4036 -0.0002 -0.0331 -0.0046 11 ILE A C   
181 O O   . ILE A 11 ? 0.4610 0.3029 0.4188 -0.0009 -0.0335 -0.0086 11 ILE A O   
182 C CB  . ILE A 11 ? 0.4444 0.3336 0.4171 -0.0199 -0.0366 0.0029  11 ILE A CB  
183 C CG1 . ILE A 11 ? 0.5312 0.4438 0.5057 -0.0233 -0.0420 0.0112  11 ILE A CG1 
184 C CG2 . ILE A 11 ? 0.4950 0.3859 0.4758 -0.0274 -0.0343 -0.0087 11 ILE A CG2 
185 C CD1 . ILE A 11 ? 0.6084 0.5270 0.5752 -0.0383 -0.0435 0.0029  11 ILE A CD1 
197 N N   . ILE A 12 ? 0.3763 0.2594 0.3524 0.0024  -0.0318 -0.0080 12 ILE A N   
198 C CA  . ILE A 12 ? 0.3800 0.2563 0.3492 0.0042  -0.0324 -0.0187 12 ILE A CA  
199 C C   . ILE A 12 ? 0.3982 0.2881 0.3796 -0.0047 -0.0331 -0.0201 12 ILE A C   
200 O O   . ILE A 12 ? 0.4087 0.3115 0.4020 -0.0036 -0.0317 -0.0119 12 ILE A O   
201 C CB  . ILE A 12 ? 0.5132 0.4016 0.4747 0.0218  -0.0300 -0.0188 12 ILE A CB  
202 C CG1 . ILE A 12 ? 0.6529 0.5345 0.6055 0.0395  -0.0265 -0.0166 12 ILE A CG1 
203 C CG2 . ILE A 12 ? 0.5659 0.4478 0.5140 0.0213  -0.0339 -0.0339 12 ILE A CG2 
204 C CD1 . ILE A 12 ? 0.7094 0.5558 0.6541 0.0380  -0.0288 -0.0190 12 ILE A CD1 
216 N N   . GLY A 13 ? 0.4043 0.2917 0.3851 -0.0126 -0.0356 -0.0293 13 GLY A N   
217 C CA  . GLY A 13 ? 0.3532 0.2598 0.3474 -0.0141 -0.0363 -0.0299 13 GLY A CA  
218 C C   . GLY A 13 ? 0.3737 0.2945 0.3631 -0.0105 -0.0421 -0.0353 13 GLY A C   
219 O O   . GLY A 13 ? 0.4216 0.3338 0.4007 -0.0188 -0.0471 -0.0465 13 GLY A O   
223 N N   . LEU A 14 ? 0.3606 0.3015 0.3550 0.0005  -0.0429 -0.0267 14 LEU A N   
224 C CA  . LEU A 14 ? 0.4266 0.3910 0.4128 0.0058  -0.0500 -0.0295 14 LEU A CA  
225 C C   . LEU A 14 ? 0.3747 0.3671 0.3805 0.0078  -0.0536 -0.0237 14 LEU A C   
226 O O   . LEU A 14 ? 0.3896 0.3784 0.4130 0.0136  -0.0479 -0.0135 14 LEU A O   
227 C CB  . LEU A 14 ? 0.4646 0.4403 0.4384 0.0208  -0.0475 -0.0180 14 LEU A CB  
228 C CG  . LEU A 14 ? 0.5655 0.5214 0.5228 0.0240  -0.0425 -0.0245 14 LEU A CG  
229 C CD1 . LEU A 14 ? 0.6529 0.6312 0.6031 0.0391  -0.0361 -0.0093 14 LEU A CD1 
230 C CD2 . LEU A 14 ? 0.4886 0.4259 0.4242 0.0199  -0.0484 -0.0486 14 LEU A CD2 
242 N N   . MET A 15 ? 0.4251 0.4456 0.4276 0.0043  -0.0638 -0.0314 15 MET A N   
243 C CA  . MET A 15 ? 0.4163 0.4758 0.4403 0.0107  -0.0685 -0.0228 15 MET A CA  
244 C C   . MET A 15 ? 0.4681 0.5546 0.4891 0.0304  -0.0724 -0.0039 15 MET A C   
245 O O   . MET A 15 ? 0.4640 0.5638 0.4608 0.0338  -0.0783 -0.0045 15 MET A O   
246 C CB  . MET A 15 ? 0.4170 0.5076 0.4457 -0.0070 -0.0803 -0.0378 15 MET A CB  
247 C CG  . MET A 15 ? 0.4598 0.5326 0.4981 -0.0285 -0.0756 -0.0485 15 MET A CG  
248 S SD  . MET A 15 ? 0.6547 0.7555 0.6980 -0.0592 -0.0906 -0.0649 15 MET A SD  
249 C CE  . MET A 15 ? 0.5132 0.6934 0.5880 -0.0465 -0.0984 -0.0522 15 MET A CE  
259 N N   . VAL A 16 ? 0.3496 0.4452 0.3949 0.0453  -0.0688 0.0136  16 VAL A N   
260 C CA  . VAL A 16 ? 0.4093 0.5284 0.4582 0.0670  -0.0722 0.0399  16 VAL A CA  
261 C C   . VAL A 16 ? 0.3651 0.5287 0.4406 0.0746  -0.0791 0.0408  16 VAL A C   
262 O O   . VAL A 16 ? 0.3891 0.5438 0.4900 0.0887  -0.0714 0.0479  16 VAL A O   
263 C CB  . VAL A 16 ? 0.4448 0.5246 0.5019 0.0783  -0.0613 0.0609  16 VAL A CB  
264 C CG1 . VAL A 16 ? 0.4522 0.5523 0.5130 0.0995  -0.0647 0.0935  16 VAL A CG1 
265 C CG2 . VAL A 16 ? 0.4878 0.5379 0.5253 0.0664  -0.0548 0.0581  16 VAL A CG2 
275 N N   . ORN B 1  ? 0.8876 0.4301 0.8336 -0.0020 -0.1631 -0.1495 1  ORN B N   
276 C CA  . ORN B 1  ? 0.8148 0.3800 0.8081 0.0106  -0.1438 -0.1209 1  ORN B CA  
277 C CB  . ORN B 1  ? 0.9117 0.4628 0.8901 0.0565  -0.1143 -0.1349 1  ORN B CB  
278 C CG  . ORN B 1  ? 1.0653 0.5497 1.0277 0.0723  -0.1104 -0.1455 1  ORN B CG  
279 C CD  . ORN B 1  ? 0.8160 0.2913 0.8232 0.0745  -0.1124 -0.1137 1  ORN B CD  
280 N NE  . ORN B 1  ? 0.7844 0.3209 0.8329 0.0928  -0.0981 -0.0906 1  ORN B NE  
281 C C   . ORN B 1  ? 0.6611 0.3167 0.6950 0.0030  -0.1313 -0.0895 1  ORN B C   
282 O O   . ORN B 1  ? 0.6257 0.3278 0.6474 0.0130  -0.1184 -0.0935 1  ORN B O   
294 N N   . LYS B 2  ? 0.6080 0.2830 0.6848 -0.0130 -0.1330 -0.0566 2  LYS B N   
295 C CA  . LYS B 2  ? 0.4915 0.2445 0.5957 -0.0164 -0.1183 -0.0302 2  LYS B CA  
296 C C   . LYS B 2  ? 0.5520 0.3321 0.6479 0.0146  -0.0938 -0.0326 2  LYS B C   
297 O O   . LYS B 2  ? 0.5440 0.2955 0.6347 0.0381  -0.0861 -0.0413 2  LYS B O   
298 C CB  . LYS B 2  ? 0.6156 0.3782 0.7543 -0.0381 -0.1216 0.0052  2  LYS B CB  
299 C CG  . LYS B 2  ? 0.4882 0.3231 0.6464 -0.0425 -0.1050 0.0323  2  LYS B CG  
300 C CD  . LYS B 2  ? 0.6849 0.5169 0.8657 -0.0655 -0.1072 0.0684  2  LYS B CD  
301 C CE  . LYS B 2  ? 0.7602 0.6038 0.9332 -0.0497 -0.0936 0.0894  2  LYS B CE  
302 N NZ  . LYS B 2  ? 0.8488 0.7155 1.0323 -0.0728 -0.0877 0.1274  2  LYS B NZ  
316 N N   . LEU B 3  ? 0.4336 0.2687 0.5307 0.0149  -0.0825 -0.0249 3  LEU B N   
317 C CA  . LEU B 3  ? 0.3986 0.2613 0.4897 0.0336  -0.0634 -0.0237 3  LEU B CA  
318 C C   . LEU B 3  ? 0.4322 0.3276 0.5410 0.0268  -0.0590 0.0031  3  LEU B C   
319 O O   . LEU B 3  ? 0.4085 0.3249 0.5253 0.0111  -0.0613 0.0173  3  LEU B O   
320 C CB  . LEU B 3  ? 0.3854 0.2715 0.4517 0.0382  -0.0549 -0.0350 3  LEU B CB  
321 C CG  . LEU B 3  ? 0.4329 0.2891 0.4662 0.0476  -0.0555 -0.0609 3  LEU B CG  
322 C CD1 . LEU B 3  ? 0.4409 0.3144 0.4444 0.0485  -0.0525 -0.0658 3  LEU B CD1 
323 C CD2 . LEU B 3  ? 0.5384 0.3840 0.5693 0.0683  -0.0383 -0.0695 3  LEU B CD2 
335 N N   . VAL B 4  ? 0.3813 0.2853 0.4948 0.0392  -0.0522 0.0095  4  VAL B N   
336 C CA  . VAL B 4  ? 0.3568 0.2872 0.4722 0.0333  -0.0509 0.0314  4  VAL B CA  
337 C C   . VAL B 4  ? 0.3996 0.3549 0.5020 0.0392  -0.0417 0.0253  4  VAL B C   
338 O O   . VAL B 4  ? 0.3411 0.2992 0.4531 0.0507  -0.0379 0.0166  4  VAL B O   
339 C CB  . VAL B 4  ? 0.4257 0.3402 0.5589 0.0372  -0.0612 0.0505  4  VAL B CB  
340 C CG1 . VAL B 4  ? 0.5869 0.5256 0.7097 0.0300  -0.0631 0.0728  4  VAL B CG1 
341 C CG2 . VAL B 4  ? 0.5045 0.3793 0.6470 0.0270  -0.0718 0.0578  4  VAL B CG2 
351 N N   . H7V B 5  ? 0.3871 0.3587 0.4680 0.0312  -0.0375 0.0305  5  H7V B N   
352 C CA  . H7V B 5  ? 0.3410 0.3236 0.4036 0.0304  -0.0331 0.0256  5  H7V B CA  
353 C C   . H7V B 5  ? 0.3626 0.3545 0.4168 0.0237  -0.0405 0.0375  5  H7V B C   
354 O O   . H7V B 5  ? 0.3704 0.3616 0.4131 0.0190  -0.0451 0.0513  5  H7V B O   
355 C CB  . H7V B 5  ? 0.3390 0.3162 0.3722 0.0302  -0.0240 0.0149  5  H7V B CB  
356 C C01 . H7V B 5  ? 0.4608 0.4292 0.4912 0.0366  -0.0189 0.0002  5  H7V B C01 
357 C C02 . H7V B 5  ? 0.5978 0.5579 0.6452 0.0410  -0.0234 -0.0063 5  H7V B C02 
358 C C03 . H7V B 5  ? 0.4179 0.3655 0.4442 0.0472  -0.0190 -0.0223 5  H7V B C03 
359 C C04 . H7V B 5  ? 0.4254 0.3716 0.4258 0.0484  -0.0193 -0.0233 5  H7V B C04 
360 C C05 . H7V B 5  ? 0.7083 0.6577 0.6959 0.0460  -0.0130 -0.0149 5  H7V B C05 
361 C C06 . H7V B 5  ? 0.5962 0.5589 0.6005 0.0400  -0.0149 -0.0034 5  H7V B C06 
362 C C07 . H7V B 5  ? 0.4746 0.4533 0.5463 0.0219  -0.0362 0.0448  5  H7V B C07 
380 N N   . PHE B 6  ? 0.3359 0.3403 0.3964 0.0204  -0.0437 0.0347  6  PHE B N   
381 C CA  . PHE B 6  ? 0.3145 0.3305 0.3651 0.0085  -0.0587 0.0457  6  PHE B CA  
382 C C   . PHE B 6  ? 0.3920 0.4051 0.4208 -0.0060 -0.0577 0.0356  6  PHE B C   
383 O O   . PHE B 6  ? 0.4286 0.4446 0.4688 -0.0057 -0.0460 0.0265  6  PHE B O   
384 C CB  . PHE B 6  ? 0.3423 0.3856 0.4385 0.0140  -0.0734 0.0601  6  PHE B CB  
385 C CG  . PHE B 6  ? 0.3495 0.3819 0.4654 0.0284  -0.0772 0.0721  6  PHE B CG  
386 C CD1 . PHE B 6  ? 0.3345 0.3532 0.4744 0.0440  -0.0657 0.0622  6  PHE B CD1 
387 C CD2 . PHE B 6  ? 0.3841 0.4120 0.4870 0.0246  -0.0937 0.0938  6  PHE B CD2 
388 C CE1 . PHE B 6  ? 0.3925 0.3877 0.5462 0.0537  -0.0722 0.0726  6  PHE B CE1 
389 C CE2 . PHE B 6  ? 0.3916 0.4006 0.5107 0.0348  -0.0984 0.1091  6  PHE B CE2 
390 C CZ  . PHE B 6  ? 0.3787 0.3684 0.5241 0.0481  -0.0878 0.0974  6  PHE B CZ  
400 N N   . ALA B 7  ? 0.3919 0.3944 0.3836 -0.0208 -0.0714 0.0384  7  ALA B N   
401 C CA  . ALA B 7  ? 0.4278 0.4157 0.3925 -0.0416 -0.0778 0.0301  7  ALA B CA  
402 C C   . ALA B 7  ? 0.4265 0.4485 0.4181 -0.0600 -0.1043 0.0430  7  ALA B C   
403 O O   . ALA B 7  ? 0.4872 0.5091 0.4574 -0.0643 -0.1247 0.0523  7  ALA B O   
404 C CB  . ALA B 7  ? 0.4819 0.4197 0.3728 -0.0438 -0.0752 0.0184  7  ALA B CB  
410 N N   . GLU B 8  ? 0.4864 0.5422 0.5248 -0.0718 -0.1045 0.0458  8  GLU B N   
411 C CA  . GLU B 8  ? 0.6185 0.7259 0.7038 -0.0892 -0.1297 0.0611  8  GLU B CA  
412 C C   . GLU B 8  ? 0.5206 0.6256 0.5984 -0.1267 -0.1386 0.0577  8  GLU B C   
413 O O   . GLU B 8  ? 0.5780 0.7027 0.6891 -0.1326 -0.1190 0.0580  8  GLU B O   
414 C CB  . GLU B 8  ? 0.6408 0.8092 0.8098 -0.0665 -0.1191 0.0728  8  GLU B CB  
415 C CG  . GLU B 8  ? 0.6218 0.7894 0.8033 -0.0358 -0.1225 0.0815  8  GLU B CG  
416 C CD  . GLU B 8  ? 0.6197 0.8122 0.8119 -0.0411 -0.1596 0.1025  8  GLU B CD  
417 O OE1 . GLU B 8  ? 0.7186 0.9487 0.9307 -0.0658 -0.1850 0.1110  8  GLU B OE1 
418 O OE2 . GLU B 8  ? 0.7271 0.8997 0.9045 -0.0234 -0.1661 0.1127  8  GLU B OE2 
425 N N   . ORN B 9  ? 0.8273 0.7918 0.8011 -0.2534 -0.1353 0.0411  9  ORN B N   
426 C CA  . ORN B 9  ? 0.7938 0.7923 0.7893 -0.2047 -0.1218 0.0393  9  ORN B CA  
427 C CB  . ORN B 9  ? 0.8230 0.7675 0.7487 -0.1865 -0.1356 0.0244  9  ORN B CB  
428 C CG  . ORN B 9  ? 0.8433 0.8064 0.7639 -0.2053 -0.1747 0.0293  9  ORN B CG  
429 C CD  . ORN B 9  ? 0.6609 0.7208 0.6736 -0.1984 -0.1855 0.0516  9  ORN B CD  
430 N NE  . ORN B 9  ? 0.5797 0.6537 0.6052 -0.1551 -0.1695 0.0548  9  ORN B NE  
431 C C   . ORN B 9  ? 0.6807 0.6674 0.6742 -0.1722 -0.0839 0.0348  9  ORN B C   
432 O O   . ORN B 9  ? 0.7076 0.6378 0.6559 -0.1769 -0.0703 0.0291  9  ORN B O   
442 N N   . ALA B 10 ? 0.5034 0.5377 0.5415 -0.1373 -0.0703 0.0377  10 ALA B N   
443 C CA  . ALA B 10 ? 0.4246 0.4475 0.4568 -0.1080 -0.0410 0.0313  10 ALA B CA  
444 C C   . ALA B 10 ? 0.4313 0.4504 0.4598 -0.0745 -0.0405 0.0248  10 ALA B C   
445 O O   . ALA B 10 ? 0.4237 0.4619 0.4672 -0.0717 -0.0587 0.0301  10 ALA B O   
446 C CB  . ALA B 10 ? 0.5139 0.5954 0.6043 -0.1047 -0.0182 0.0406  10 ALA B CB  
452 N N   . ILE B 11 ? 0.4082 0.4015 0.4148 -0.0524 -0.0226 0.0157  11 ILE B N   
453 C CA  . ILE B 11 ? 0.3916 0.3859 0.4043 -0.0254 -0.0204 0.0115  11 ILE B CA  
454 C C   . ILE B 11 ? 0.3945 0.4242 0.4535 -0.0090 -0.0081 0.0121  11 ILE B C   
455 O O   . ILE B 11 ? 0.3522 0.3906 0.4158 -0.0088 0.0096  0.0098  11 ILE B O   
456 C CB  . ILE B 11 ? 0.4496 0.4017 0.4177 -0.0119 -0.0130 0.0017  11 ILE B CB  
457 C CG1 . ILE B 11 ? 0.4719 0.3882 0.3945 -0.0181 -0.0219 -0.0010 11 ILE B CG1 
458 C CG2 . ILE B 11 ? 0.4195 0.3813 0.4055 0.0089  -0.0110 -0.0005 11 ILE B CG2 
459 C CD1 . ILE B 11 ? 0.5247 0.4004 0.4060 -0.0043 -0.0133 -0.0087 11 ILE B CD1 
471 N N   . ILE B 12 ? 0.3506 0.3944 0.4376 0.0061  -0.0158 0.0155  12 ILE B N   
472 C CA  . ILE B 12 ? 0.3293 0.3899 0.4520 0.0279  -0.0054 0.0121  12 ILE B CA  
473 C C   . ILE B 12 ? 0.3683 0.3966 0.4769 0.0419  -0.0092 0.0057  12 ILE B C   
474 O O   . ILE B 12 ? 0.3442 0.3634 0.4474 0.0381  -0.0231 0.0144  12 ILE B O   
475 C CB  . ILE B 12 ? 0.3659 0.4706 0.5449 0.0345  -0.0140 0.0254  12 ILE B CB  
476 C CG1 . ILE B 12 ? 0.5230 0.6692 0.7237 0.0112  -0.0178 0.0361  12 ILE B CG1 
477 C CG2 . ILE B 12 ? 0.3278 0.4413 0.5375 0.0637  0.0027  0.0177  12 ILE B CG2 
478 C CD1 . ILE B 12 ? 0.6657 0.8536 0.9022 0.0146  0.0069  0.0358  12 ILE B CD1 
490 N N   . GLY B 13 ? 0.3378 0.3496 0.4388 0.0558  0.0028  -0.0087 13 GLY B N   
491 C CA  . GLY B 13 ? 0.3428 0.3230 0.4341 0.0633  -0.0046 -0.0157 13 GLY B CA  
492 C C   . GLY B 13 ? 0.3380 0.3064 0.4497 0.0835  -0.0011 -0.0241 13 GLY B C   
493 O O   . GLY B 13 ? 0.3784 0.3496 0.4873 0.0979  0.0164  -0.0374 13 GLY B O   
497 N N   . LEU B 14 ? 0.3509 0.3020 0.4812 0.0875  -0.0154 -0.0158 14 LEU B N   
498 C CA  . LEU B 14 ? 0.3649 0.2922 0.5134 0.1109  -0.0140 -0.0232 14 LEU B CA  
499 C C   . LEU B 14 ? 0.3975 0.2687 0.5257 0.1063  -0.0271 -0.0326 14 LEU B C   
500 O O   . LEU B 14 ? 0.4185 0.2848 0.5419 0.0840  -0.0409 -0.0202 14 LEU B O   
501 C CB  . LEU B 14 ? 0.4100 0.3567 0.6013 0.1223  -0.0235 -0.0016 14 LEU B CB  
502 C CG  . LEU B 14 ? 0.3384 0.3488 0.5597 0.1231  -0.0157 0.0083  14 LEU B CG  
503 C CD1 . LEU B 14 ? 0.3801 0.4132 0.6388 0.1278  -0.0357 0.0343  14 LEU B CD1 
504 C CD2 . LEU B 14 ? 0.4829 0.5133 0.7192 0.1459  0.0100  -0.0076 14 LEU B CD2 
516 N N   . MET B 15 ? 0.5015 0.3317 0.6156 0.1259  -0.0212 -0.0555 15 MET B N   
517 C CA  . MET B 15 ? 0.4863 0.2526 0.5745 0.1171  -0.0378 -0.0696 15 MET B CA  
518 C C   . MET B 15 ? 0.5223 0.2469 0.6336 0.1223  -0.0529 -0.0556 15 MET B C   
519 O O   . MET B 15 ? 0.5444 0.2648 0.6791 0.1525  -0.0460 -0.0521 15 MET B O   
520 C CB  . MET B 15 ? 0.6156 0.3396 0.6607 0.1347  -0.0278 -0.1048 15 MET B CB  
521 C CG  . MET B 15 ? 0.8207 0.5800 0.8371 0.1376  -0.0075 -0.1167 15 MET B CG  
522 S SD  . MET B 15 ? 0.9985 0.6970 0.9391 0.1473  -0.0043 -0.1573 15 MET B SD  
523 C CE  . MET B 15 ? 0.7877 0.4193 0.7133 0.1194  -0.0460 -0.1645 15 MET B CE  
533 N N   . VAL B 16 ? 0.5799 0.2728 0.6858 0.0936  -0.0739 -0.0467 16 VAL B N   
534 C CA  . VAL B 16 ? 0.6152 0.2533 0.7344 0.0882  -0.0922 -0.0294 16 VAL B CA  
535 C C   . VAL B 16 ? 0.7650 0.3257 0.8533 0.0737  -0.1092 -0.0532 16 VAL B C   
536 O O   . VAL B 16 ? 0.9453 0.4756 1.0382 0.0423  -0.1284 -0.0370 16 VAL B O   
537 C CB  . VAL B 16 ? 0.6106 0.2878 0.7514 0.0591  -0.1001 0.0089  16 VAL B CB  
538 C CG1 . VAL B 16 ? 0.7682 0.3878 0.9152 0.0391  -0.1197 0.0319  16 VAL B CG1 
539 C CG2 . VAL B 16 ? 0.6021 0.3369 0.7624 0.0766  -0.0892 0.0273  16 VAL B CG2 
549 N N   . ORN C 1  ? 0.3787 0.7033 0.3554 -0.1016 0.0678  -0.0145 1  ORN C N   
550 C CA  . ORN C 1  ? 0.3890 0.6548 0.3260 -0.1202 0.0569  0.0222  1  ORN C CA  
551 C CB  . ORN C 1  ? 0.3849 0.6405 0.3581 -0.1249 0.0517  0.0257  1  ORN C CB  
552 C CG  . ORN C 1  ? 0.4784 0.7882 0.4695 -0.1570 0.0713  0.0216  1  ORN C CG  
553 C CD  . ORN C 1  ? 0.4420 0.7205 0.3812 -0.1973 0.0809  0.0491  1  ORN C CD  
554 N NE  . ORN C 1  ? 0.5271 0.7295 0.4477 -0.2013 0.0648  0.0687  1  ORN C NE  
555 C C   . ORN C 1  ? 0.4040 0.6121 0.3158 -0.0982 0.0345  0.0345  1  ORN C C   
556 O O   . ORN C 1  ? 0.3743 0.5837 0.3130 -0.0719 0.0254  0.0166  1  ORN C O   
568 N N   . LYS C 2  ? 0.4885 0.6432 0.3517 -0.1094 0.0262  0.0671  2  LYS C N   
569 C CA  . LYS C 2  ? 0.4520 0.5587 0.2978 -0.0856 0.0046  0.0791  2  LYS C CA  
570 C C   . LYS C 2  ? 0.4653 0.5359 0.3465 -0.0728 -0.0058 0.0754  2  LYS C C   
571 O O   . LYS C 2  ? 0.4711 0.5338 0.3664 -0.0896 0.0001  0.0766  2  LYS C O   
572 C CB  . LYS C 2  ? 0.6437 0.7067 0.4294 -0.0955 -0.0011 0.1168  2  LYS C CB  
573 C CG  . LYS C 2  ? 0.7435 0.7617 0.5175 -0.0664 -0.0250 0.1305  2  LYS C CG  
574 C CD  . LYS C 2  ? 0.8822 0.8982 0.5976 -0.0640 -0.0340 0.1605  2  LYS C CD  
575 C CE  . LYS C 2  ? 1.2674 1.2607 0.9828 -0.0284 -0.0608 0.1680  2  LYS C CE  
576 N NZ  . LYS C 2  ? 1.1005 1.0378 0.8514 -0.0125 -0.0678 0.1655  2  LYS C NZ  
590 N N   . LEU C 3  ? 0.4199 0.4784 0.3175 -0.0452 -0.0203 0.0673  3  LEU C N   
591 C CA  . LEU C 3  ? 0.3825 0.4165 0.3085 -0.0316 -0.0283 0.0626  3  LEU C CA  
592 C C   . LEU C 3  ? 0.5017 0.4819 0.4048 -0.0185 -0.0423 0.0789  3  LEU C C   
593 O O   . LEU C 3  ? 0.5212 0.4996 0.4083 -0.0029 -0.0528 0.0850  3  LEU C O   
594 C CB  . LEU C 3  ? 0.3994 0.4623 0.3665 -0.0107 -0.0305 0.0418  3  LEU C CB  
595 C CG  . LEU C 3  ? 0.5289 0.6126 0.5373 -0.0086 -0.0249 0.0319  3  LEU C CG  
596 C CD1 . LEU C 3  ? 0.4013 0.4958 0.4438 0.0119  -0.0268 0.0186  3  LEU C CD1 
597 C CD2 . LEU C 3  ? 0.4695 0.5295 0.4764 -0.0129 -0.0297 0.0403  3  LEU C CD2 
609 N N   . VAL C 4  ? 0.5250 0.4668 0.4303 -0.0234 -0.0431 0.0820  4  VAL C N   
610 C CA  . VAL C 4  ? 0.5636 0.4515 0.4565 -0.0069 -0.0539 0.0913  4  VAL C CA  
611 C C   . VAL C 4  ? 0.4983 0.3873 0.4206 0.0063  -0.0559 0.0726  4  VAL C C   
612 O O   . VAL C 4  ? 0.4782 0.3798 0.4125 -0.0097 -0.0490 0.0621  4  VAL C O   
613 C CB  . VAL C 4  ? 0.5927 0.4222 0.4566 -0.0269 -0.0497 0.1090  4  VAL C CB  
614 C CG1 . VAL C 4  ? 0.6452 0.4150 0.4980 -0.0027 -0.0612 0.1209  4  VAL C CG1 
615 C CG2 . VAL C 4  ? 0.7269 0.5658 0.5600 -0.0502 -0.0415 0.1297  4  VAL C CG2 
625 N N   . H7V C 5  ? 0.4884 0.3723 0.4219 0.0332  -0.0646 0.0684  5  H7V C N   
626 C CA  . H7V C 5  ? 0.4608 0.3468 0.4161 0.0430  -0.0630 0.0517  5  H7V C CA  
627 C C   . H7V C 5  ? 0.4520 0.2936 0.4004 0.0520  -0.0647 0.0474  5  H7V C C   
628 O O   . H7V C 5  ? 0.5064 0.3112 0.4436 0.0674  -0.0721 0.0587  5  H7V C O   
629 C CB  . H7V C 5  ? 0.4611 0.3891 0.4464 0.0612  -0.0646 0.0424  5  H7V C CB  
630 C C01 . H7V C 5  ? 0.4999 0.4716 0.5075 0.0523  -0.0576 0.0379  5  H7V C C01 
631 C C02 . H7V C 5  ? 0.5717 0.5593 0.5737 0.0400  -0.0555 0.0420  5  H7V C C02 
632 C C03 . H7V C 5  ? 0.4595 0.4829 0.4927 0.0367  -0.0474 0.0357  5  H7V C C03 
633 C C04 . H7V C 5  ? 0.5502 0.5899 0.6145 0.0499  -0.0463 0.0287  5  H7V C C04 
634 C C05 . H7V C 5  ? 0.6068 0.6365 0.6728 0.0606  -0.0490 0.0287  5  H7V C C05 
635 C C06 . H7V C 5  ? 0.5351 0.5352 0.5729 0.0670  -0.0579 0.0306  5  H7V C C06 
636 C C07 . H7V C 5  ? 0.6220 0.4973 0.5441 0.0543  -0.0769 0.0808  5  H7V C C07 
654 N N   . PHE C 6  ? 0.4313 0.2736 0.3857 0.0436  -0.0580 0.0294  6  PHE C N   
655 C CA  . PHE C 6  ? 0.4695 0.2642 0.4183 0.0507  -0.0564 0.0145  6  PHE C CA  
656 C C   . PHE C 6  ? 0.4866 0.3178 0.4529 0.0627  -0.0514 -0.0078 6  PHE C C   
657 O O   . PHE C 6  ? 0.4599 0.3394 0.4319 0.0510  -0.0476 -0.0106 6  PHE C O   
658 C CB  . PHE C 6  ? 0.5166 0.2796 0.4492 0.0194  -0.0503 0.0057  6  PHE C CB  
659 C CG  . PHE C 6  ? 0.6953 0.4078 0.6081 0.0033  -0.0505 0.0266  6  PHE C CG  
660 C CD1 . PHE C 6  ? 0.6399 0.3824 0.5455 -0.0201 -0.0481 0.0432  6  PHE C CD1 
661 C CD2 . PHE C 6  ? 0.6994 0.3321 0.6014 0.0107  -0.0506 0.0304  6  PHE C CD2 
662 C CE1 . PHE C 6  ? 0.7230 0.4228 0.6057 -0.0395 -0.0448 0.0659  6  PHE C CE1 
663 C CE2 . PHE C 6  ? 0.9298 0.5090 0.8094 -0.0070 -0.0490 0.0574  6  PHE C CE2 
664 C CZ  . PHE C 6  ? 0.8221 0.4373 0.6894 -0.0343 -0.0454 0.0763  6  PHE C CZ  
674 N N   . ALA C 7  ? 0.5122 0.3218 0.4865 0.0858  -0.0500 -0.0229 7  ALA C N   
675 C CA  . ALA C 7  ? 0.5055 0.3503 0.4904 0.0926  -0.0406 -0.0481 7  ALA C CA  
676 C C   . ALA C 7  ? 0.4846 0.2957 0.4534 0.0792  -0.0334 -0.0774 7  ALA C C   
677 O O   . ALA C 7  ? 0.5616 0.3069 0.5282 0.0873  -0.0335 -0.0866 7  ALA C O   
678 C CB  . ALA C 7  ? 0.5978 0.4546 0.6086 0.1269  -0.0403 -0.0544 7  ALA C CB  
684 N N   . GLU C 8  ? 0.5100 0.3667 0.4688 0.0596  -0.0276 -0.0925 8  GLU C N   
685 C CA  . GLU C 8  ? 0.5254 0.3670 0.4673 0.0414  -0.0214 -0.1274 8  GLU C CA  
686 C C   . GLU C 8  ? 0.5925 0.4969 0.5299 0.0459  -0.0116 -0.1505 8  GLU C C   
687 O O   . GLU C 8  ? 0.5839 0.5489 0.5088 0.0294  -0.0129 -0.1429 8  GLU C O   
688 C CB  . GLU C 8  ? 0.6734 0.5223 0.6005 0.0046  -0.0272 -0.1219 8  GLU C CB  
689 C CG  . GLU C 8  ? 0.9236 0.6980 0.8431 -0.0167 -0.0264 -0.1348 8  GLU C CG  
690 C CD  . GLU C 8  ? 0.8056 0.5320 0.7224 -0.0127 -0.0171 -0.1788 8  GLU C CD  
691 O OE1 . GLU C 8  ? 1.0111 0.7791 0.9165 -0.0276 -0.0122 -0.2159 8  GLU C OE1 
692 O OE2 . GLU C 8  ? 1.0380 0.6843 0.9635 0.0063  -0.0147 -0.1770 8  GLU C OE2 
699 N N   . ORN C 9  ? 0.7315 0.9000 0.6656 0.0664  0.0324  -0.1335 9  ORN C N   
700 C CA  . ORN C 9  ? 0.6071 0.7088 0.5492 0.0649  0.0150  -0.1293 9  ORN C CA  
701 C CB  . ORN C 9  ? 0.5561 0.6033 0.5274 0.0901  0.0145  -0.1406 9  ORN C CB  
702 C CG  . ORN C 9  ? 0.7159 0.7180 0.6832 0.0995  0.0204  -0.1851 9  ORN C CG  
703 C CD  . ORN C 9  ? 0.8381 0.7995 0.7790 0.0733  0.0129  -0.2004 9  ORN C CD  
704 N NE  . ORN C 9  ? 0.6547 0.5495 0.6034 0.0713  -0.0007 -0.1771 9  ORN C NE  
705 C C   . ORN C 9  ? 0.5519 0.6593 0.5046 0.0583  0.0037  -0.0855 9  ORN C C   
706 O O   . ORN C 9  ? 0.6282 0.7689 0.5956 0.0623  0.0089  -0.0598 9  ORN C O   
716 N N   . ALA C 10 ? 0.5198 0.5918 0.4687 0.0467  -0.0102 -0.0785 10 ALA C N   
717 C CA  . ALA C 10 ? 0.4256 0.5047 0.3873 0.0419  -0.0194 -0.0436 10 ALA C CA  
718 C C   . ALA C 10 ? 0.4762 0.5036 0.4520 0.0476  -0.0266 -0.0380 10 ALA C C   
719 O O   . ALA C 10 ? 0.4536 0.4336 0.4241 0.0514  -0.0276 -0.0553 10 ALA C O   
720 C CB  . ALA C 10 ? 0.4321 0.5399 0.3775 0.0218  -0.0280 -0.0371 10 ALA C CB  
726 N N   . ILE C 11 ? 0.3951 0.4313 0.3891 0.0499  -0.0304 -0.0128 11 ILE C N   
727 C CA  . ILE C 11 ? 0.3798 0.3830 0.3809 0.0511  -0.0376 -0.0035 11 ILE C CA  
728 C C   . ILE C 11 ? 0.3612 0.3719 0.3553 0.0313  -0.0424 0.0045  11 ILE C C   
729 O O   . ILE C 11 ? 0.3416 0.3929 0.3421 0.0259  -0.0427 0.0145  11 ILE C O   
730 C CB  . ILE C 11 ? 0.3375 0.3544 0.3651 0.0638  -0.0373 0.0101  11 ILE C CB  
731 C CG1 . ILE C 11 ? 0.4413 0.4637 0.4834 0.0817  -0.0326 -0.0002 11 ILE C CG1 
732 C CG2 . ILE C 11 ? 0.4586 0.4545 0.4863 0.0620  -0.0449 0.0183  11 ILE C CG2 
733 C CD1 . ILE C 11 ? 0.4928 0.5358 0.5654 0.0883  -0.0325 0.0079  11 ILE C CD1 
745 N N   . ILE C 12 ? 0.3423 0.3166 0.3243 0.0203  -0.0456 0.0016  12 ILE C N   
746 C CA  . ILE C 12 ? 0.3191 0.3052 0.2986 -0.0018 -0.0475 0.0064  12 ILE C CA  
747 C C   . ILE C 12 ? 0.4533 0.4214 0.4347 -0.0015 -0.0478 0.0203  12 ILE C C   
748 O O   . ILE C 12 ? 0.4397 0.3637 0.4082 0.0050  -0.0493 0.0231  12 ILE C O   
749 C CB  . ILE C 12 ? 0.4396 0.4013 0.4000 -0.0256 -0.0472 -0.0120 12 ILE C CB  
750 C CG1 . ILE C 12 ? 0.6582 0.6327 0.6096 -0.0236 -0.0461 -0.0343 12 ILE C CG1 
751 C CG2 . ILE C 12 ? 0.5156 0.5110 0.4817 -0.0514 -0.0487 -0.0092 12 ILE C CG2 
752 C CD1 . ILE C 12 ? 0.6643 0.7086 0.6203 -0.0249 -0.0494 -0.0295 12 ILE C CD1 
764 N N   . GLY C 13 ? 0.3463 0.3516 0.3434 -0.0067 -0.0465 0.0288  13 GLY C N   
765 C CA  . GLY C 13 ? 0.3232 0.3228 0.3184 -0.0093 -0.0443 0.0372  13 GLY C CA  
766 C C   . GLY C 13 ? 0.3672 0.3848 0.3608 -0.0346 -0.0396 0.0371  13 GLY C C   
767 O O   . GLY C 13 ? 0.4548 0.5198 0.4707 -0.0395 -0.0391 0.0337  13 GLY C O   
771 N N   . LEU C 14 ? 0.3749 0.3563 0.3435 -0.0517 -0.0365 0.0427  14 LEU C N   
772 C CA  . LEU C 14 ? 0.5559 0.5504 0.5209 -0.0834 -0.0283 0.0435  14 LEU C CA  
773 C C   . LEU C 14 ? 0.4994 0.5048 0.4542 -0.0879 -0.0203 0.0553  14 LEU C C   
774 O O   . LEU C 14 ? 0.5003 0.4820 0.4364 -0.0713 -0.0238 0.0654  14 LEU C O   
775 C CB  . LEU C 14 ? 0.6138 0.5518 0.5553 -0.1077 -0.0266 0.0424  14 LEU C CB  
776 C CG  . LEU C 14 ? 0.6326 0.5545 0.5765 -0.1108 -0.0319 0.0224  14 LEU C CG  
777 C CD1 . LEU C 14 ? 0.6009 0.5975 0.5713 -0.1090 -0.0370 0.0090  14 LEU C CD1 
778 C CD2 . LEU C 14 ? 0.7777 0.6500 0.7105 -0.0817 -0.0375 0.0212  14 LEU C CD2 
790 N N   . MET C 15 ? 0.5108 0.5592 0.4766 -0.1122 -0.0094 0.0524  15 MET C N   
791 C CA  . MET C 15 ? 0.4485 0.5233 0.4056 -0.1177 0.0019  0.0582  15 MET C CA  
792 C C   . MET C 15 ? 0.6250 0.6810 0.5524 -0.1552 0.0147  0.0727  15 MET C C   
793 O O   . MET C 15 ? 0.5579 0.5937 0.4852 -0.1830 0.0174  0.0725  15 MET C O   
794 C CB  . MET C 15 ? 0.4035 0.5545 0.4045 -0.1104 0.0088  0.0412  15 MET C CB  
795 C CG  . MET C 15 ? 0.4422 0.6054 0.4727 -0.0721 0.0004  0.0317  15 MET C CG  
796 S SD  . MET C 15 ? 0.5690 0.8093 0.6607 -0.0620 0.0063  0.0164  15 MET C SD  
797 C CE  . MET C 15 ? 0.5699 0.8556 0.6698 -0.0658 0.0266  0.0010  15 MET C CE  
807 N N   . VAL C 16 ? 0.5368 0.6010 0.4368 -0.1586 0.0235  0.0850  16 VAL C N   
808 C CA  . VAL C 16 ? 0.6438 0.6958 0.5070 -0.1946 0.0394  0.1067  16 VAL C CA  
809 C C   . VAL C 16 ? 0.5143 0.6451 0.3835 -0.1961 0.0549  0.0950  16 VAL C C   
810 O O   . VAL C 16 ? 0.5659 0.7011 0.4011 -0.1857 0.0552  0.1036  16 VAL C O   
811 C CB  . VAL C 16 ? 0.6376 0.6092 0.4496 -0.1897 0.0307  0.1391  16 VAL C CB  
812 C CG1 . VAL C 16 ? 0.6822 0.6329 0.4585 -0.2292 0.0478  0.1665  16 VAL C CG1 
813 C CG2 . VAL C 16 ? 0.7669 0.6676 0.5869 -0.1771 0.0157  0.1380  16 VAL C CG2 
# 
